data_6D8F
#
_entry.id   6D8F
#
_cell.length_a   68.039
_cell.length_b   118.312
_cell.length_c   117.672
_cell.angle_alpha   90.000
_cell.angle_beta   95.480
_cell.angle_gamma   90.000
#
_symmetry.space_group_name_H-M   'P 1 21 1'
#
loop_
_entity.id
_entity.type
_entity.pdbx_description
1 polymer 'Uncharacterized protein'
2 polymer "RNA (5'-R(P*UP*UP*AP*CP*UP*GP*CP*AP*CP*AP*GP*GP*UP*GP*AP*CP*GP*A)-3')"
3 polymer "DNA (5'-D(P*TP*CP*GP*TP*CP*AP*CP*CP*TP*GP*TP*GP*CP*AP*GP*TP*TP*TP*AP*AP*C)-3')"
4 non-polymer (4S)-2-METHYL-2,4-PENTANEDIOL
5 non-polymer 'ACETATE ION'
6 non-polymer 'MAGNESIUM ION'
7 water water
#
loop_
_entity_poly.entity_id
_entity_poly.type
_entity_poly.pdbx_seq_one_letter_code
_entity_poly.pdbx_strand_id
1 'polypeptide(L)'
;MHHHHHHDYKDDDDKAPVQAADEMYDSNPHPDRRQLVSNGFEVNLPDQVEVIVRDLPDPSKVKEERTRLMGYWFVHWFDG
KLFHLRIKAGGPNVDGEHRAIRTAEHPWLLRARLDDALEEALPKYAAVKKRPFTFLAQKDELIDAAATAAGLSHRLLNSF
KVIPRFALSPKIYEPVDGTTRVGVFVTIGMRYDIEASLRDLLEAGIDLRGMYVVRRKRQPGERGLLGRVRAISDDMVQLF
EETDLASVNVNDAKLEGSKENFTRCLSALLGHNYKKLLNALDDQEAGYRTGPRFDDAVRRMGEFLAKKPIRLADNINAQV
GDRIVFSNEGQARNVRLAPKVEYVFDRTGAKSAEYAWRGLSQFGPFDRPSFANRSPRILVVYPSSTQGKVENFLSAFRDG
MGSNYSGFSKGFVDLMGLTKVEFVMCPVEVSSADRNGAHTKYNSAIEDKLAGAGEVHAGIVVLFEDHARLPDDRNPYIHT
KSLLLTLGVPTQQVRMPTVLLEPKSLQYTLQNFSIATYAKLNGTPWTVNHDKAINDELVVGMGLAELSGSRTEKRQRFVG
ITTVFAGDGSYLLGNVSKECEYEGYSDAIRESMTGILRELKKRNNWRPGDTVRVVFHAHRPLKRVDVASIVFECTREIGS
DQNIQMAFVTVSHDHPFVLIDRSERGLEAYKGSTARKGVFAPPRGAISRVGRLTRLLAVNSPQLIKRANTPLPTPLLVSL
HPDSTFKDVDYLAEQALKFTSLSWRSTLPAATPVTIFYSERIAELLGRLKSIPNWSSANLNIKLKWSRWFL
;
A,F
2 'polyribonucleotide' UUACUGCACAGGUGACGA C,H
3 'polydeoxyribonucleotide'
;(DC)(DT)(DG)(DT)(DC)(DG)(DT)(DC)(DA)(DC)(DC)(DT)(DG)(DT)(DG)(DC)(DA)(DG)(DT)(DT)
(DT)(DA)(DA)(DC)(DT)(DG)
;
G,J
#
# COMPACT_ATOMS: atom_id res chain seq x y z
N ARG A 34 25.82 42.08 21.63
CA ARG A 34 24.72 41.53 20.82
C ARG A 34 25.06 40.10 20.38
N GLN A 35 24.66 39.13 21.18
CA GLN A 35 24.91 37.73 20.90
C GLN A 35 23.74 36.87 21.34
N LEU A 36 23.35 35.93 20.49
CA LEU A 36 22.40 34.89 20.84
C LEU A 36 23.08 33.53 20.71
N VAL A 37 22.98 32.72 21.74
CA VAL A 37 23.61 31.41 21.79
C VAL A 37 22.63 30.37 21.27
N SER A 38 23.13 29.41 20.52
CA SER A 38 22.30 28.34 20.01
C SER A 38 22.39 27.10 20.89
N ASN A 39 21.56 26.11 20.55
CA ASN A 39 21.59 24.80 21.19
C ASN A 39 22.47 23.82 20.41
N GLY A 40 23.37 24.32 19.58
CA GLY A 40 24.17 23.46 18.76
C GLY A 40 25.67 23.61 18.98
N PHE A 41 26.45 22.60 18.57
CA PHE A 41 27.91 22.66 18.71
C PHE A 41 28.55 22.51 17.36
N GLU A 42 29.62 23.25 17.13
CA GLU A 42 30.46 23.08 15.94
C GLU A 42 30.95 21.65 15.88
N VAL A 43 30.96 21.07 14.70
CA VAL A 43 31.56 19.77 14.47
C VAL A 43 32.80 19.97 13.59
N ASN A 44 33.97 19.74 14.17
CA ASN A 44 35.19 19.78 13.38
C ASN A 44 35.30 18.52 12.53
N LEU A 45 35.36 18.70 11.23
CA LEU A 45 35.39 17.62 10.27
C LEU A 45 36.67 17.68 9.44
N PRO A 46 37.05 16.57 8.80
CA PRO A 46 38.18 16.61 7.86
C PRO A 46 37.84 17.52 6.70
N ASP A 47 38.88 18.19 6.17
CA ASP A 47 38.72 18.97 4.95
C ASP A 47 38.13 18.12 3.84
N GLN A 48 38.45 16.83 3.84
CA GLN A 48 38.22 15.99 2.68
C GLN A 48 38.01 14.55 3.11
N VAL A 49 37.30 13.80 2.27
CA VAL A 49 37.15 12.36 2.48
C VAL A 49 37.15 11.67 1.13
N GLU A 50 37.78 10.48 1.08
CA GLU A 50 37.87 9.72 -0.16
C GLU A 50 36.73 8.71 -0.24
N VAL A 51 36.09 8.64 -1.40
CA VAL A 51 34.85 7.91 -1.59
C VAL A 51 34.93 7.18 -2.92
N ILE A 52 34.13 6.12 -3.05
CA ILE A 52 33.96 5.40 -4.31
C ILE A 52 32.53 5.60 -4.78
N VAL A 53 32.37 5.98 -6.05
CA VAL A 53 31.10 6.35 -6.63
C VAL A 53 30.78 5.42 -7.79
N ARG A 54 29.50 5.16 -7.97
CA ARG A 54 29.02 4.44 -9.15
C ARG A 54 27.61 4.91 -9.46
N ASP A 55 27.28 5.00 -10.75
CA ASP A 55 25.93 5.33 -11.15
C ASP A 55 24.99 4.23 -10.69
N LEU A 56 23.89 4.64 -10.08
CA LEU A 56 22.86 3.72 -9.58
C LEU A 56 21.50 4.36 -9.83
N PRO A 57 21.07 4.43 -11.10
CA PRO A 57 19.84 5.16 -11.42
C PRO A 57 18.60 4.64 -10.70
N ASP A 58 18.46 3.33 -10.52
CA ASP A 58 17.33 2.82 -9.78
C ASP A 58 17.64 2.86 -8.28
N PRO A 59 16.96 3.71 -7.49
CA PRO A 59 17.23 3.73 -6.05
C PRO A 59 16.75 2.49 -5.33
N SER A 60 15.94 1.64 -5.98
CA SER A 60 15.45 0.43 -5.34
C SER A 60 16.58 -0.52 -4.99
N LYS A 61 17.73 -0.43 -5.67
CA LYS A 61 18.86 -1.28 -5.36
C LYS A 61 19.60 -0.86 -4.09
N VAL A 62 19.24 0.28 -3.48
CA VAL A 62 20.07 0.85 -2.43
C VAL A 62 20.01 0.02 -1.15
N LYS A 63 18.81 -0.40 -0.73
CA LYS A 63 18.68 -1.07 0.56
C LYS A 63 19.50 -2.36 0.59
N GLU A 64 19.51 -3.11 -0.51
CA GLU A 64 20.24 -4.37 -0.54
C GLU A 64 21.75 -4.12 -0.46
N GLU A 65 22.23 -3.08 -1.12
CA GLU A 65 23.66 -2.78 -1.08
C GLU A 65 24.07 -2.25 0.29
N ARG A 66 23.22 -1.44 0.93
CA ARG A 66 23.54 -0.99 2.27
C ARG A 66 23.69 -2.18 3.21
N THR A 67 22.85 -3.21 3.04
CA THR A 67 22.94 -4.40 3.87
C THR A 67 24.18 -5.23 3.53
N ARG A 68 24.53 -5.29 2.24
CA ARG A 68 25.67 -6.11 1.82
C ARG A 68 26.97 -5.61 2.41
N LEU A 69 27.16 -4.28 2.48
CA LEU A 69 28.40 -3.69 2.92
C LEU A 69 28.34 -3.25 4.38
N MET A 70 27.36 -3.75 5.12
CA MET A 70 27.17 -3.35 6.51
C MET A 70 28.46 -3.47 7.30
N GLY A 71 28.71 -2.49 8.14
CA GLY A 71 29.83 -2.53 9.06
C GLY A 71 31.14 -2.09 8.46
N TYR A 72 31.30 -2.28 7.15
CA TYR A 72 32.53 -1.90 6.46
C TYR A 72 32.40 -0.58 5.71
N TRP A 73 31.23 -0.27 5.17
CA TRP A 73 31.03 0.88 4.32
C TRP A 73 29.81 1.70 4.79
N PHE A 74 29.96 3.01 4.75
CA PHE A 74 28.81 3.90 4.81
C PHE A 74 28.40 4.22 3.37
N VAL A 75 27.11 4.10 3.09
CA VAL A 75 26.57 4.16 1.74
C VAL A 75 25.48 5.22 1.72
N HIS A 76 25.35 5.89 0.58
CA HIS A 76 24.47 7.05 0.49
C HIS A 76 24.13 7.34 -0.96
N TRP A 77 22.84 7.45 -1.24
CA TRP A 77 22.34 7.76 -2.58
C TRP A 77 22.04 9.25 -2.68
N PHE A 78 22.36 9.84 -3.84
CA PHE A 78 22.22 11.26 -4.03
C PHE A 78 22.34 11.66 -5.49
N ASP A 79 21.21 11.95 -6.13
CA ASP A 79 21.18 12.53 -7.47
C ASP A 79 21.67 11.56 -8.53
N GLY A 80 21.28 10.30 -8.41
CA GLY A 80 21.55 9.30 -9.42
C GLY A 80 22.76 8.42 -9.18
N LYS A 81 23.57 8.73 -8.16
CA LYS A 81 24.80 8.00 -7.91
C LYS A 81 24.83 7.50 -6.47
N LEU A 82 25.47 6.34 -6.28
CA LEU A 82 25.69 5.77 -4.95
C LEU A 82 27.10 6.12 -4.48
N PHE A 83 27.20 6.66 -3.27
CA PHE A 83 28.46 7.03 -2.66
C PHE A 83 28.84 6.03 -1.59
N HIS A 84 30.11 5.64 -1.58
CA HIS A 84 30.63 4.61 -0.70
C HIS A 84 31.78 5.19 0.11
N LEU A 85 31.63 5.19 1.43
CA LEU A 85 32.67 5.62 2.34
C LEU A 85 33.03 4.42 3.20
N ARG A 86 34.22 3.85 2.97
CA ARG A 86 34.68 2.73 3.78
C ARG A 86 34.97 3.21 5.19
N ILE A 87 34.39 2.53 6.18
CA ILE A 87 34.55 2.90 7.58
C ILE A 87 35.26 1.82 8.39
N LYS A 88 35.60 0.69 7.79
CA LYS A 88 36.30 -0.39 8.48
C LYS A 88 36.98 -1.24 7.43
N ALA A 89 38.27 -1.54 7.65
CA ALA A 89 39.02 -2.32 6.68
C ALA A 89 38.51 -3.75 6.63
N GLY A 90 38.63 -4.36 5.45
CA GLY A 90 38.17 -5.70 5.23
C GLY A 90 37.03 -5.74 4.25
N GLY A 91 37.05 -6.72 3.34
CA GLY A 91 36.02 -6.86 2.34
C GLY A 91 34.65 -6.90 2.97
N PRO A 92 33.59 -6.86 2.15
CA PRO A 92 33.63 -6.88 0.68
C PRO A 92 34.22 -5.60 0.08
N ASN A 93 34.43 -5.59 -1.22
CA ASN A 93 34.97 -4.44 -1.92
C ASN A 93 33.92 -3.87 -2.86
N VAL A 94 34.30 -2.83 -3.58
CA VAL A 94 33.33 -2.00 -4.32
C VAL A 94 33.97 -1.52 -5.61
N ASP A 95 33.16 -1.50 -6.68
CA ASP A 95 33.56 -0.94 -7.95
C ASP A 95 33.28 0.55 -8.00
N GLY A 96 33.94 1.24 -8.93
CA GLY A 96 33.56 2.59 -9.30
C GLY A 96 34.70 3.56 -9.21
N GLU A 97 34.39 4.80 -9.54
CA GLU A 97 35.37 5.88 -9.56
C GLU A 97 35.71 6.32 -8.13
N HIS A 98 37.00 6.45 -7.85
CA HIS A 98 37.42 7.11 -6.62
C HIS A 98 37.35 8.63 -6.80
N ARG A 99 37.00 9.32 -5.72
CA ARG A 99 36.78 10.76 -5.79
C ARG A 99 36.99 11.35 -4.41
N ALA A 100 37.54 12.56 -4.39
CA ALA A 100 37.71 13.33 -3.17
C ALA A 100 36.50 14.23 -2.96
N ILE A 101 35.83 14.09 -1.83
CA ILE A 101 34.67 14.90 -1.48
C ILE A 101 35.13 15.90 -0.43
N ARG A 102 35.33 17.15 -0.84
CA ARG A 102 35.74 18.20 0.08
C ARG A 102 34.55 18.58 0.94
N THR A 103 34.75 18.59 2.26
CA THR A 103 33.66 18.79 3.19
C THR A 103 33.03 20.16 3.01
N ALA A 104 33.84 21.17 2.74
CA ALA A 104 33.32 22.54 2.58
C ALA A 104 32.42 22.71 1.36
N GLU A 105 32.54 21.83 0.36
CA GLU A 105 31.74 21.94 -0.85
C GLU A 105 30.51 21.05 -0.83
N HIS A 106 30.61 19.83 -0.29
CA HIS A 106 29.53 18.86 -0.33
C HIS A 106 29.37 18.27 1.07
N PRO A 107 28.94 19.08 2.04
CA PRO A 107 28.89 18.63 3.44
C PRO A 107 27.75 17.70 3.72
N TRP A 108 26.88 17.43 2.73
CA TRP A 108 25.79 16.48 2.93
C TRP A 108 26.30 15.09 3.27
N LEU A 109 27.41 14.67 2.67
CA LEU A 109 27.95 13.33 2.90
C LEU A 109 28.27 13.12 4.38
N LEU A 110 29.15 13.95 4.95
CA LEU A 110 29.53 13.77 6.33
C LEU A 110 28.43 14.14 7.32
N ARG A 111 27.50 15.02 6.96
CA ARG A 111 26.34 15.25 7.79
C ARG A 111 25.56 13.96 7.97
N ALA A 112 25.36 13.23 6.88
CA ALA A 112 24.63 11.97 6.92
C ALA A 112 25.37 10.92 7.73
N ARG A 113 26.66 10.70 7.43
CA ARG A 113 27.45 9.77 8.23
C ARG A 113 27.41 10.13 9.70
N LEU A 114 27.23 11.42 10.00
CA LEU A 114 27.20 11.85 11.40
C LEU A 114 26.00 11.28 12.15
N ASP A 115 24.83 11.21 11.50
CA ASP A 115 23.67 10.54 12.09
C ASP A 115 24.02 9.19 12.70
N ASP A 116 24.59 8.29 11.89
CA ASP A 116 24.96 6.97 12.38
C ASP A 116 26.12 7.04 13.37
N ALA A 117 27.12 7.87 13.09
CA ALA A 117 28.29 7.93 13.95
C ALA A 117 27.92 8.39 15.36
N LEU A 118 26.95 9.31 15.47
CA LEU A 118 26.55 9.79 16.79
C LEU A 118 25.95 8.67 17.61
N GLU A 119 25.12 7.86 16.98
CA GLU A 119 24.63 6.64 17.64
C GLU A 119 25.80 5.76 18.09
N GLU A 120 26.73 5.47 17.17
CA GLU A 120 27.85 4.60 17.50
C GLU A 120 28.68 5.15 18.66
N ALA A 121 28.77 6.46 18.79
CA ALA A 121 29.58 7.05 19.85
C ALA A 121 28.88 7.03 21.20
N LEU A 122 27.59 6.72 21.23
CA LEU A 122 26.81 6.64 22.48
C LEU A 122 26.24 5.23 22.61
N PRO A 123 27.10 4.22 22.69
CA PRO A 123 26.61 2.84 22.66
C PRO A 123 25.62 2.52 23.77
N LYS A 124 25.77 3.11 24.96
CA LYS A 124 24.94 2.79 26.09
C LYS A 124 23.63 3.54 26.11
N TYR A 125 23.36 4.39 25.11
CA TYR A 125 22.09 5.11 25.00
C TYR A 125 21.43 4.56 23.75
N ALA A 126 20.46 3.68 23.93
CA ALA A 126 19.83 3.04 22.78
C ALA A 126 18.96 4.04 22.03
N ALA A 127 18.96 3.89 20.70
CA ALA A 127 18.12 4.72 19.84
C ALA A 127 16.66 4.37 20.02
N VAL A 128 15.84 5.33 20.45
CA VAL A 128 14.39 5.19 20.32
C VAL A 128 13.89 5.77 19.00
N LYS A 129 14.73 6.54 18.28
CA LYS A 129 14.43 7.05 16.96
C LYS A 129 15.77 7.36 16.32
N LYS A 130 15.79 7.30 14.99
CA LYS A 130 17.03 7.53 14.25
C LYS A 130 16.88 8.70 13.30
N ARG A 131 18.04 9.30 12.93
CA ARG A 131 18.13 10.46 12.06
C ARG A 131 16.88 11.34 12.24
N PRO A 132 16.82 12.14 13.32
CA PRO A 132 17.86 12.36 14.32
C PRO A 132 17.97 11.30 15.43
N PHE A 133 19.20 10.97 15.79
CA PHE A 133 19.44 10.08 16.90
C PHE A 133 18.75 10.60 18.15
N THR A 134 17.83 9.80 18.70
CA THR A 134 17.00 10.19 19.84
C THR A 134 17.08 9.10 20.91
N PHE A 135 17.27 9.50 22.15
CA PHE A 135 17.52 8.52 23.22
C PHE A 135 17.01 9.06 24.54
N LEU A 136 17.00 8.18 25.55
CA LEU A 136 16.44 8.52 26.86
C LEU A 136 17.55 8.67 27.90
N ALA A 137 17.33 9.55 28.86
CA ALA A 137 18.19 9.60 30.04
C ALA A 137 18.18 8.26 30.74
N GLN A 138 19.36 7.81 31.18
CA GLN A 138 19.48 6.46 31.73
C GLN A 138 18.90 6.32 33.14
N LYS A 139 18.97 7.36 33.96
CA LYS A 139 18.56 7.23 35.35
C LYS A 139 17.46 8.19 35.79
N ASP A 140 17.19 9.25 35.04
CA ASP A 140 16.17 10.20 35.43
C ASP A 140 14.78 9.63 35.14
N GLU A 141 13.87 9.80 36.11
CA GLU A 141 12.46 9.43 35.98
C GLU A 141 11.69 10.35 36.89
N LEU A 142 10.83 11.19 36.32
CA LEU A 142 10.35 12.36 37.03
C LEU A 142 9.06 12.12 37.77
N ILE A 143 8.27 11.11 37.40
CA ILE A 143 7.09 10.78 38.20
C ILE A 143 7.53 10.42 39.63
N ASP A 144 8.54 9.59 39.75
CA ASP A 144 9.02 9.19 41.07
C ASP A 144 9.61 10.38 41.82
N ALA A 145 10.46 11.16 41.15
CA ALA A 145 11.01 12.34 41.80
C ALA A 145 9.93 13.32 42.20
N ALA A 146 8.83 13.38 41.43
CA ALA A 146 7.76 14.30 41.76
C ALA A 146 6.90 13.79 42.91
N ALA A 147 6.67 12.47 42.96
CA ALA A 147 5.97 11.88 44.10
C ALA A 147 6.70 12.17 45.41
N THR A 148 8.00 11.84 45.44
CA THR A 148 8.79 12.07 46.65
C THR A 148 8.73 13.52 47.07
N ALA A 149 8.91 14.45 46.14
CA ALA A 149 8.99 15.86 46.52
C ALA A 149 7.64 16.42 46.96
N ALA A 150 6.54 15.84 46.49
CA ALA A 150 5.23 16.32 46.90
C ALA A 150 4.74 15.66 48.17
N GLY A 151 5.33 14.53 48.55
CA GLY A 151 4.83 13.75 49.66
C GLY A 151 3.72 12.80 49.30
N LEU A 152 3.78 12.21 48.10
CA LEU A 152 2.75 11.31 47.63
C LEU A 152 3.34 9.93 47.33
N SER A 153 2.47 8.95 47.33
CA SER A 153 2.88 7.57 47.12
C SER A 153 1.68 6.79 46.61
N HIS A 154 1.96 5.68 45.96
CA HIS A 154 0.92 4.76 45.52
C HIS A 154 1.59 3.59 44.82
N ARG A 155 0.94 2.42 44.86
CA ARG A 155 1.59 1.20 44.39
C ARG A 155 1.82 1.22 42.90
N LEU A 156 0.89 1.84 42.16
CA LEU A 156 0.95 1.87 40.71
C LEU A 156 1.75 3.03 40.15
N LEU A 157 2.00 4.06 40.95
CA LEU A 157 2.77 5.20 40.49
C LEU A 157 4.01 4.75 39.70
N ASN A 158 4.79 3.85 40.27
CA ASN A 158 6.05 3.45 39.62
C ASN A 158 5.84 2.87 38.23
N SER A 159 4.60 2.54 37.87
CA SER A 159 4.31 2.15 36.49
C SER A 159 4.02 3.35 35.58
N PHE A 160 3.93 4.56 36.14
CA PHE A 160 3.79 5.78 35.38
C PHE A 160 5.15 6.46 35.29
N LYS A 161 5.63 6.66 34.07
CA LYS A 161 6.99 7.12 33.85
C LYS A 161 7.05 8.34 32.94
N VAL A 162 7.95 9.25 33.28
CA VAL A 162 8.21 10.48 32.56
C VAL A 162 9.73 10.56 32.51
N ILE A 163 10.32 10.32 31.35
CA ILE A 163 11.76 10.17 31.19
C ILE A 163 12.25 11.25 30.25
N PRO A 164 13.30 12.00 30.61
CA PRO A 164 13.84 12.99 29.68
C PRO A 164 14.31 12.31 28.41
N ARG A 165 14.11 13.00 27.28
CA ARG A 165 14.40 12.48 25.94
C ARG A 165 15.28 13.47 25.19
N PHE A 166 16.40 12.99 24.67
CA PHE A 166 17.37 13.83 23.99
C PHE A 166 17.45 13.45 22.53
N ALA A 167 17.68 14.44 21.65
CA ALA A 167 17.93 14.19 20.23
C ALA A 167 19.14 15.00 19.80
N LEU A 168 19.92 14.43 18.87
CA LEU A 168 21.13 15.06 18.34
C LEU A 168 20.93 15.17 16.84
N SER A 169 20.79 16.40 16.34
CA SER A 169 20.48 16.62 14.93
C SER A 169 21.67 17.31 14.26
N PRO A 170 22.39 16.61 13.38
CA PRO A 170 23.42 17.29 12.57
C PRO A 170 22.77 18.09 11.45
N LYS A 171 23.12 19.37 11.40
CA LYS A 171 22.47 20.33 10.50
C LYS A 171 23.55 21.15 9.81
N ILE A 172 23.32 21.45 8.53
CA ILE A 172 24.20 22.34 7.81
C ILE A 172 23.74 23.79 8.06
N TYR A 173 24.69 24.65 8.42
CA TYR A 173 24.42 26.07 8.61
C TYR A 173 25.58 26.88 7.97
N GLU A 174 25.39 28.19 7.87
CA GLU A 174 26.39 29.10 7.29
C GLU A 174 26.94 30.07 8.33
N PRO A 175 28.14 29.82 8.88
CA PRO A 175 28.68 30.80 9.84
C PRO A 175 28.83 32.20 9.26
N VAL A 176 29.02 32.32 7.94
CA VAL A 176 28.89 33.56 7.19
C VAL A 176 28.46 33.17 5.78
N ASP A 177 28.01 34.14 5.00
CA ASP A 177 27.46 33.81 3.68
C ASP A 177 28.49 33.15 2.78
N GLY A 178 28.09 32.08 2.11
CA GLY A 178 28.95 31.40 1.17
C GLY A 178 29.79 30.28 1.75
N THR A 179 29.88 30.15 3.07
CA THR A 179 30.67 29.10 3.70
C THR A 179 29.75 28.25 4.56
N THR A 180 29.71 26.95 4.31
CA THR A 180 28.91 26.04 5.10
C THR A 180 29.75 25.27 6.14
N ARG A 181 29.06 24.82 7.20
CA ARG A 181 29.64 23.95 8.21
C ARG A 181 28.55 23.03 8.72
N VAL A 182 28.94 22.07 9.55
CA VAL A 182 28.02 21.14 10.17
C VAL A 182 28.07 21.33 11.67
N GLY A 183 26.90 21.52 12.27
CA GLY A 183 26.76 21.57 13.73
C GLY A 183 25.88 20.44 14.21
N VAL A 184 25.93 20.13 15.49
CA VAL A 184 25.11 19.13 16.11
C VAL A 184 24.24 19.87 17.11
N PHE A 185 22.93 19.80 16.90
CA PHE A 185 21.97 20.55 17.70
C PHE A 185 21.20 19.63 18.63
N VAL A 186 21.05 20.11 19.86
CA VAL A 186 20.58 19.33 20.99
C VAL A 186 19.18 19.79 21.36
N THR A 187 18.23 18.86 21.35
CA THR A 187 16.88 19.15 21.81
C THR A 187 16.45 18.13 22.87
N ILE A 188 15.57 18.56 23.73
CA ILE A 188 15.14 17.80 24.90
C ILE A 188 13.62 17.79 24.93
N GLY A 189 13.04 16.60 25.16
CA GLY A 189 11.63 16.48 25.42
C GLY A 189 11.40 15.54 26.60
N MET A 190 10.18 15.02 26.72
CA MET A 190 9.87 14.06 27.78
C MET A 190 9.07 12.90 27.21
N ARG A 191 9.56 11.68 27.43
CA ARG A 191 8.79 10.48 27.13
C ARG A 191 7.77 10.23 28.24
N TYR A 192 6.50 10.21 27.87
CA TYR A 192 5.41 9.84 28.79
C TYR A 192 4.98 8.41 28.45
N ASP A 193 5.02 7.52 29.43
CA ASP A 193 4.67 6.12 29.21
C ASP A 193 3.91 5.57 30.41
N ILE A 194 2.82 4.87 30.15
CA ILE A 194 2.05 4.15 31.16
C ILE A 194 2.30 2.66 30.90
N GLU A 195 3.27 2.07 31.62
CA GLU A 195 3.59 0.66 31.40
C GLU A 195 2.69 -0.28 32.20
N ALA A 196 1.87 0.25 33.12
CA ALA A 196 1.00 -0.57 33.95
C ALA A 196 0.13 -1.52 33.13
N SER A 197 0.08 -2.77 33.56
CA SER A 197 -0.83 -3.73 32.94
C SER A 197 -2.26 -3.23 33.04
N LEU A 198 -3.08 -3.60 32.07
CA LEU A 198 -4.46 -3.13 32.05
C LEU A 198 -5.29 -3.78 33.14
N ARG A 199 -4.98 -5.02 33.51
CA ARG A 199 -5.67 -5.68 34.61
C ARG A 199 -5.56 -4.86 35.88
N ASP A 200 -4.35 -4.39 36.20
CA ASP A 200 -4.13 -3.66 37.43
C ASP A 200 -4.99 -2.40 37.50
N LEU A 201 -5.00 -1.63 36.41
CA LEU A 201 -5.68 -0.34 36.43
C LEU A 201 -7.16 -0.50 36.72
N LEU A 202 -7.76 -1.59 36.23
CA LEU A 202 -9.14 -1.90 36.60
C LEU A 202 -9.29 -2.00 38.13
N GLU A 203 -8.57 -2.94 38.73
CA GLU A 203 -8.74 -3.29 40.12
C GLU A 203 -8.40 -2.16 41.07
N ALA A 204 -7.90 -1.04 40.56
CA ALA A 204 -7.72 0.16 41.36
C ALA A 204 -8.84 1.17 41.13
N GLY A 205 -9.84 0.85 40.30
CA GLY A 205 -10.98 1.70 40.08
C GLY A 205 -10.97 2.49 38.78
N ILE A 206 -9.88 2.44 38.02
CA ILE A 206 -9.75 3.24 36.80
C ILE A 206 -10.69 2.66 35.74
N ASP A 207 -11.61 3.49 35.27
CA ASP A 207 -12.52 3.09 34.20
C ASP A 207 -11.81 3.21 32.85
N LEU A 208 -11.41 2.07 32.29
CA LEU A 208 -10.74 2.04 31.00
C LEU A 208 -11.69 2.20 29.82
N ARG A 209 -12.96 2.50 30.07
CA ARG A 209 -13.94 2.57 29.00
C ARG A 209 -13.65 3.77 28.11
N GLY A 210 -13.34 3.50 26.85
CA GLY A 210 -13.14 4.55 25.87
C GLY A 210 -11.71 5.06 25.73
N MET A 211 -10.77 4.48 26.47
CA MET A 211 -9.38 4.93 26.42
C MET A 211 -8.66 4.36 25.22
N TYR A 212 -7.75 5.15 24.64
CA TYR A 212 -6.97 4.67 23.52
C TYR A 212 -5.87 3.73 24.01
N VAL A 213 -5.48 2.81 23.15
CA VAL A 213 -4.54 1.76 23.52
C VAL A 213 -3.60 1.48 22.36
N VAL A 214 -2.33 1.23 22.71
CA VAL A 214 -1.27 1.04 21.75
C VAL A 214 -0.56 -0.28 22.05
N ARG A 215 0.12 -0.81 21.03
CA ARG A 215 0.92 -2.00 21.21
C ARG A 215 2.07 -1.74 22.17
N ARG A 216 2.52 -2.81 22.85
CA ARG A 216 3.75 -2.76 23.63
C ARG A 216 4.95 -3.10 22.76
N LYS A 217 4.83 -4.13 21.94
CA LYS A 217 5.88 -4.50 21.01
C LYS A 217 5.66 -3.74 19.71
N ARG A 218 6.64 -2.97 19.31
CA ARG A 218 6.60 -2.23 18.06
C ARG A 218 7.44 -2.94 17.01
N GLN A 219 6.90 -3.05 15.79
CA GLN A 219 7.62 -3.66 14.70
C GLN A 219 7.73 -2.67 13.54
N PRO A 220 8.90 -2.58 12.89
CA PRO A 220 9.01 -1.67 11.74
C PRO A 220 7.92 -1.97 10.72
N GLY A 221 7.32 -0.89 10.18
CA GLY A 221 6.21 -1.04 9.27
C GLY A 221 4.92 -1.43 9.93
N GLU A 222 4.84 -1.38 11.26
CA GLU A 222 3.64 -1.77 12.01
C GLU A 222 3.13 -0.57 12.78
N ARG A 223 1.84 -0.30 12.67
CA ARG A 223 1.20 0.78 13.40
C ARG A 223 1.21 0.47 14.90
N GLY A 224 1.07 1.53 15.70
CA GLY A 224 1.00 1.37 17.14
C GLY A 224 -0.42 1.44 17.68
N LEU A 225 -1.23 2.33 17.13
CA LEU A 225 -2.57 2.53 17.65
C LEU A 225 -3.43 1.31 17.31
N LEU A 226 -4.13 0.79 18.31
CA LEU A 226 -5.02 -0.36 18.12
C LEU A 226 -6.49 0.04 18.12
N GLY A 227 -6.87 0.97 18.99
CA GLY A 227 -8.21 1.47 19.02
C GLY A 227 -8.58 1.89 20.42
N ARG A 228 -9.88 1.98 20.65
CA ARG A 228 -10.43 2.32 21.96
C ARG A 228 -10.79 1.05 22.73
N VAL A 229 -11.00 1.21 24.03
CA VAL A 229 -11.29 0.10 24.93
C VAL A 229 -12.79 0.06 25.18
N ARG A 230 -13.41 -1.08 24.86
CA ARG A 230 -14.84 -1.26 25.12
C ARG A 230 -15.07 -1.97 26.47
N ALA A 231 -14.46 -3.15 26.64
CA ALA A 231 -14.60 -3.89 27.88
C ALA A 231 -13.45 -4.88 27.97
N ILE A 232 -13.28 -5.45 29.16
CA ILE A 232 -12.21 -6.41 29.43
C ILE A 232 -12.86 -7.71 29.91
N SER A 233 -12.45 -8.83 29.29
CA SER A 233 -12.91 -10.16 29.69
C SER A 233 -11.67 -11.02 29.98
N ASP A 234 -11.10 -10.82 31.16
CA ASP A 234 -9.96 -11.61 31.63
C ASP A 234 -8.75 -11.53 30.72
N ASP A 235 -8.76 -12.26 29.61
CA ASP A 235 -7.55 -12.41 28.79
C ASP A 235 -7.36 -11.25 27.83
N MET A 236 -8.40 -10.89 27.09
CA MET A 236 -8.31 -9.88 26.03
C MET A 236 -9.27 -8.74 26.31
N VAL A 237 -9.01 -7.61 25.65
CA VAL A 237 -9.84 -6.41 25.79
C VAL A 237 -10.59 -6.18 24.48
N GLN A 238 -11.86 -5.79 24.60
CA GLN A 238 -12.69 -5.53 23.44
C GLN A 238 -12.41 -4.12 22.91
N LEU A 239 -12.29 -4.01 21.59
CA LEU A 239 -11.92 -2.75 20.95
C LEU A 239 -13.08 -2.20 20.12
N PHE A 240 -13.29 -0.88 20.22
CA PHE A 240 -14.14 -0.14 19.29
C PHE A 240 -13.34 1.01 18.71
N GLU A 241 -13.78 1.50 17.56
CA GLU A 241 -12.99 2.46 16.79
C GLU A 241 -11.61 1.89 16.47
N GLU A 242 -11.54 0.58 16.25
CA GLU A 242 -10.25 -0.08 16.07
C GLU A 242 -9.67 0.19 14.70
N THR A 243 -8.34 0.26 14.66
CA THR A 243 -7.63 0.46 13.41
C THR A 243 -7.69 -0.78 12.54
N ASP A 244 -7.58 -1.95 13.16
CA ASP A 244 -7.63 -3.22 12.44
C ASP A 244 -8.26 -4.32 13.28
N LEU A 245 -7.48 -4.88 14.21
CA LEU A 245 -7.97 -5.95 15.05
C LEU A 245 -9.06 -5.45 16.00
N ALA A 246 -10.16 -6.20 16.08
CA ALA A 246 -11.21 -5.91 17.04
C ALA A 246 -10.95 -6.49 18.43
N SER A 247 -9.81 -7.15 18.63
CA SER A 247 -9.51 -7.80 19.91
C SER A 247 -7.99 -7.86 20.09
N VAL A 248 -7.55 -7.80 21.34
CA VAL A 248 -6.12 -7.91 21.65
C VAL A 248 -5.93 -8.54 23.03
N ASN A 249 -4.79 -9.21 23.20
CA ASN A 249 -4.42 -9.80 24.48
C ASN A 249 -3.89 -8.71 25.41
N VAL A 250 -4.47 -8.61 26.61
CA VAL A 250 -4.11 -7.55 27.54
C VAL A 250 -2.61 -7.39 27.64
N ASN A 251 -1.85 -8.46 27.36
CA ASN A 251 -0.40 -8.39 27.45
C ASN A 251 0.24 -7.71 26.25
N ASP A 252 -0.47 -7.62 25.12
CA ASP A 252 0.10 -7.03 23.92
C ASP A 252 -0.30 -5.56 23.75
N ALA A 253 -0.96 -4.98 24.74
CA ALA A 253 -1.53 -3.66 24.63
C ALA A 253 -1.27 -2.86 25.90
N LYS A 254 -1.24 -1.54 25.74
CA LYS A 254 -1.11 -0.62 26.87
C LYS A 254 -1.81 0.68 26.53
N LEU A 255 -2.05 1.49 27.55
CA LEU A 255 -2.61 2.82 27.31
C LEU A 255 -1.56 3.72 26.65
N GLU A 256 -1.99 4.51 25.68
CA GLU A 256 -1.09 5.50 25.09
C GLU A 256 -0.73 6.53 26.14
N GLY A 257 0.49 7.02 26.06
CA GLY A 257 1.01 7.93 27.05
C GLY A 257 0.58 9.38 26.86
N SER A 258 -0.72 9.57 26.58
CA SER A 258 -1.30 10.90 26.44
C SER A 258 -1.50 11.55 27.81
N LYS A 259 -1.64 12.87 27.80
CA LYS A 259 -2.00 13.58 29.02
C LYS A 259 -3.34 13.08 29.54
N GLU A 260 -4.30 12.86 28.63
CA GLU A 260 -5.62 12.38 29.02
C GLU A 260 -5.52 11.11 29.85
N ASN A 261 -4.90 10.07 29.28
CA ASN A 261 -4.76 8.81 30.01
C ASN A 261 -4.00 9.03 31.33
N PHE A 262 -2.93 9.81 31.30
CA PHE A 262 -2.23 10.07 32.56
C PHE A 262 -3.21 10.66 33.59
N THR A 263 -3.83 11.80 33.27
CA THR A 263 -4.68 12.47 34.23
C THR A 263 -5.85 11.58 34.66
N ARG A 264 -6.47 10.88 33.71
CA ARG A 264 -7.56 9.97 34.06
C ARG A 264 -7.11 8.93 35.09
N CYS A 265 -5.96 8.31 34.85
CA CYS A 265 -5.47 7.30 35.79
C CYS A 265 -5.04 7.94 37.11
N LEU A 266 -4.30 9.04 37.04
CA LEU A 266 -3.70 9.62 38.24
C LEU A 266 -4.76 10.10 39.22
N SER A 267 -5.67 10.98 38.75
CA SER A 267 -6.68 11.55 39.65
C SER A 267 -7.59 10.48 40.23
N ALA A 268 -7.79 9.38 39.51
CA ALA A 268 -8.53 8.24 40.03
C ALA A 268 -7.69 7.39 41.01
N LEU A 269 -6.54 7.90 41.45
CA LEU A 269 -5.73 7.22 42.46
C LEU A 269 -5.16 8.19 43.48
N LEU A 270 -5.39 9.48 43.35
CA LEU A 270 -4.75 10.48 44.19
C LEU A 270 -5.70 11.63 44.54
N GLY A 271 -6.56 12.04 43.60
CA GLY A 271 -7.31 13.27 43.76
C GLY A 271 -7.98 13.40 45.11
N HIS A 272 -8.12 14.62 45.65
CA HIS A 272 -7.66 15.85 45.00
C HIS A 272 -6.18 16.11 45.25
N ASN A 273 -5.43 15.05 45.56
CA ASN A 273 -3.99 15.21 45.76
C ASN A 273 -3.21 15.14 44.45
N TYR A 274 -3.84 14.70 43.35
CA TYR A 274 -3.10 14.48 42.11
C TYR A 274 -2.60 15.78 41.50
N LYS A 275 -3.35 16.88 41.70
CA LYS A 275 -2.88 18.18 41.23
C LYS A 275 -1.53 18.51 41.84
N LYS A 276 -1.30 18.06 43.08
CA LYS A 276 -0.01 18.28 43.71
C LYS A 276 1.10 17.52 42.99
N LEU A 277 0.77 16.35 42.43
CA LEU A 277 1.74 15.60 41.64
C LEU A 277 2.08 16.35 40.35
N LEU A 278 1.07 16.69 39.55
CA LEU A 278 1.30 17.43 38.31
C LEU A 278 2.13 18.68 38.58
N ASN A 279 1.78 19.44 39.64
CA ASN A 279 2.62 20.55 40.07
C ASN A 279 4.07 20.10 40.26
N ALA A 280 4.27 19.04 41.05
CA ALA A 280 5.61 18.53 41.29
C ALA A 280 6.27 18.06 40.00
N LEU A 281 5.49 17.45 39.10
CA LEU A 281 6.04 17.05 37.80
C LEU A 281 6.45 18.29 37.00
N ASP A 282 5.55 19.28 36.97
CA ASP A 282 5.87 20.57 36.36
C ASP A 282 7.20 21.08 36.89
N ASP A 283 7.37 21.05 38.21
CA ASP A 283 8.62 21.49 38.81
C ASP A 283 9.82 20.70 38.30
N GLN A 284 9.70 19.37 38.23
CA GLN A 284 10.82 18.56 37.76
C GLN A 284 11.20 18.88 36.32
N GLU A 285 10.19 19.04 35.46
CA GLU A 285 10.46 19.24 34.03
C GLU A 285 11.17 20.56 33.81
N ALA A 286 10.73 21.61 34.50
CA ALA A 286 11.41 22.90 34.40
C ALA A 286 12.89 22.79 34.71
N GLY A 287 13.31 21.71 35.42
CA GLY A 287 14.69 21.43 35.65
C GLY A 287 15.47 20.99 34.44
N TYR A 288 14.79 20.72 33.33
CA TYR A 288 15.44 20.44 32.05
C TYR A 288 15.06 21.42 30.95
N ARG A 289 13.94 22.14 31.09
CA ARG A 289 13.35 22.90 30.00
C ARG A 289 13.53 24.40 30.13
N THR A 290 13.63 24.93 31.34
CA THR A 290 13.81 26.37 31.52
C THR A 290 15.17 26.79 30.96
N GLY A 291 15.24 28.03 30.49
CA GLY A 291 16.41 28.58 29.85
C GLY A 291 17.76 28.20 30.43
N PRO A 292 18.04 28.60 31.68
CA PRO A 292 19.32 28.22 32.31
C PRO A 292 19.52 26.72 32.41
N ARG A 293 18.48 25.97 32.77
CA ARG A 293 18.63 24.52 32.87
C ARG A 293 18.78 23.86 31.51
N PHE A 294 18.14 24.42 30.48
CA PHE A 294 18.31 23.88 29.14
C PHE A 294 19.70 24.17 28.63
N ASP A 295 20.19 25.40 28.86
CA ASP A 295 21.56 25.75 28.49
C ASP A 295 22.57 24.84 29.19
N ASP A 296 22.34 24.54 30.47
CA ASP A 296 23.25 23.67 31.20
C ASP A 296 23.17 22.22 30.70
N ALA A 297 21.95 21.74 30.42
CA ALA A 297 21.82 20.40 29.86
C ALA A 297 22.53 20.31 28.53
N VAL A 298 22.37 21.32 27.67
CA VAL A 298 23.07 21.34 26.38
C VAL A 298 24.58 21.41 26.59
N ARG A 299 25.03 22.25 27.52
CA ARG A 299 26.46 22.31 27.83
C ARG A 299 26.99 20.94 28.23
N ARG A 300 26.30 20.25 29.16
CA ARG A 300 26.75 18.93 29.59
C ARG A 300 26.70 17.92 28.47
N MET A 301 25.75 18.05 27.55
CA MET A 301 25.73 17.16 26.39
C MET A 301 26.95 17.38 25.50
N GLY A 302 27.30 18.64 25.27
CA GLY A 302 28.45 18.92 24.45
C GLY A 302 29.73 18.46 25.09
N GLU A 303 29.83 18.61 26.42
CA GLU A 303 31.03 18.16 27.14
C GLU A 303 31.18 16.66 27.05
N PHE A 304 30.07 15.93 27.18
CA PHE A 304 30.10 14.47 27.05
C PHE A 304 30.46 14.06 25.63
N LEU A 305 29.94 14.78 24.64
CA LEU A 305 30.20 14.40 23.26
C LEU A 305 31.62 14.77 22.83
N ALA A 306 32.21 15.78 23.45
CA ALA A 306 33.57 16.17 23.10
C ALA A 306 34.63 15.27 23.69
N LYS A 307 34.29 14.50 24.76
CA LYS A 307 35.33 13.85 25.56
C LYS A 307 36.16 12.87 24.75
N LYS A 308 35.60 12.32 23.68
CA LYS A 308 36.37 11.47 22.76
C LYS A 308 36.07 11.88 21.33
N PRO A 309 37.00 11.66 20.41
CA PRO A 309 36.68 11.88 19.00
C PRO A 309 35.55 10.96 18.57
N ILE A 310 34.77 11.42 17.62
CA ILE A 310 33.66 10.64 17.06
C ILE A 310 34.17 10.02 15.77
N ARG A 311 34.34 8.71 15.77
CA ARG A 311 34.91 8.05 14.61
C ARG A 311 33.91 8.04 13.48
N LEU A 312 34.25 8.68 12.37
CA LEU A 312 33.47 8.59 11.12
C LEU A 312 33.96 7.43 10.27
N ALA A 313 35.24 7.11 10.40
CA ALA A 313 35.87 5.91 9.89
C ALA A 313 37.03 5.64 10.84
N ASP A 314 37.48 4.38 10.90
CA ASP A 314 38.46 4.02 11.93
C ASP A 314 39.79 4.78 11.78
N ASN A 315 39.99 5.54 10.70
CA ASN A 315 41.13 6.42 10.58
C ASN A 315 40.73 7.88 10.41
N ILE A 316 39.45 8.21 10.63
CA ILE A 316 38.87 9.50 10.27
C ILE A 316 37.99 9.94 11.43
N ASN A 317 38.37 11.03 12.09
CA ASN A 317 37.70 11.52 13.28
C ASN A 317 37.00 12.85 13.06
N ALA A 318 35.89 13.01 13.75
CA ALA A 318 35.25 14.30 13.96
C ALA A 318 35.43 14.69 15.42
N GLN A 319 35.17 15.96 15.71
CA GLN A 319 35.34 16.47 17.07
C GLN A 319 34.33 17.56 17.32
N VAL A 320 33.58 17.43 18.38
CA VAL A 320 32.59 18.43 18.77
C VAL A 320 33.34 19.57 19.44
N GLY A 321 33.06 20.80 19.01
CA GLY A 321 33.75 21.97 19.46
C GLY A 321 32.87 23.00 20.12
N ASP A 322 33.06 24.27 19.78
CA ASP A 322 32.40 25.37 20.47
C ASP A 322 30.89 25.35 20.22
N ARG A 323 30.14 25.82 21.22
CA ARG A 323 28.72 26.06 21.03
C ARG A 323 28.54 27.11 19.95
N ILE A 324 27.67 26.82 18.99
CA ILE A 324 27.44 27.75 17.91
C ILE A 324 26.70 28.97 18.43
N VAL A 325 27.02 30.13 17.85
CA VAL A 325 26.54 31.42 18.31
C VAL A 325 26.01 32.17 17.11
N PHE A 326 25.09 33.11 17.35
CA PHE A 326 24.61 34.03 16.32
C PHE A 326 25.01 35.44 16.76
N SER A 327 26.03 35.99 16.11
CA SER A 327 26.59 37.28 16.49
C SER A 327 26.87 38.12 15.25
N ASN A 328 27.37 39.32 15.47
CA ASN A 328 27.86 40.18 14.39
C ASN A 328 29.37 40.43 14.54
N GLU A 329 30.09 39.45 15.12
CA GLU A 329 31.53 39.57 15.32
C GLU A 329 32.28 39.15 14.06
N GLY A 330 33.21 39.99 13.61
CA GLY A 330 34.03 39.64 12.48
C GLY A 330 33.39 39.94 11.17
N GLN A 331 33.54 39.03 10.19
CA GLN A 331 32.84 39.16 8.92
C GLN A 331 31.43 38.54 8.96
N ALA A 332 30.90 38.26 10.14
CA ALA A 332 29.59 37.62 10.29
C ALA A 332 28.54 38.67 10.65
N ARG A 333 27.40 38.62 9.96
CA ARG A 333 26.25 39.49 10.25
C ARG A 333 25.04 38.55 10.41
N ASN A 334 24.88 38.02 11.63
CA ASN A 334 24.01 36.87 11.86
C ASN A 334 22.90 37.10 12.86
N VAL A 335 22.75 38.32 13.41
CA VAL A 335 21.72 38.61 14.39
C VAL A 335 21.30 40.06 14.25
N ARG A 336 19.98 40.29 14.14
CA ARG A 336 19.44 41.64 14.28
C ARG A 336 18.17 41.56 15.11
N LEU A 337 17.72 42.72 15.56
CA LEU A 337 16.54 42.86 16.40
C LEU A 337 15.56 43.78 15.64
N ALA A 338 14.44 43.24 15.19
CA ALA A 338 13.43 44.09 14.56
C ALA A 338 12.87 45.08 15.58
N PRO A 339 12.45 46.26 15.13
CA PRO A 339 11.75 47.17 16.04
C PRO A 339 10.47 46.56 16.60
N LYS A 340 10.03 47.10 17.74
CA LYS A 340 8.80 46.64 18.35
C LYS A 340 7.62 46.90 17.40
N VAL A 341 6.74 45.90 17.28
CA VAL A 341 5.53 46.08 16.49
C VAL A 341 4.71 47.20 17.08
N GLU A 342 4.17 48.06 16.22
CA GLU A 342 3.29 49.13 16.67
C GLU A 342 1.86 48.77 16.31
N TYR A 343 0.98 48.79 17.31
CA TYR A 343 -0.45 48.69 17.09
C TYR A 343 -0.96 50.08 16.77
N VAL A 344 -1.64 50.25 15.63
CA VAL A 344 -2.08 51.58 15.19
C VAL A 344 -3.60 51.60 15.14
N PHE A 345 -4.17 52.72 15.61
CA PHE A 345 -5.61 52.89 15.75
C PHE A 345 -6.13 54.13 15.01
N ASP A 346 -5.40 54.63 14.03
CA ASP A 346 -5.88 55.70 13.17
C ASP A 346 -5.02 55.72 11.93
N ARG A 347 -5.48 56.47 10.91
CA ARG A 347 -4.87 56.38 9.59
C ARG A 347 -3.74 57.38 9.39
N THR A 348 -3.51 58.29 10.33
CA THR A 348 -2.34 59.17 10.26
C THR A 348 -1.14 58.59 10.98
N GLY A 349 -1.33 57.56 11.79
CA GLY A 349 -0.27 56.98 12.59
C GLY A 349 -0.11 57.59 13.96
N ALA A 350 -0.93 58.58 14.30
CA ALA A 350 -0.73 59.32 15.55
C ALA A 350 -1.12 58.50 16.77
N LYS A 351 -2.22 57.76 16.68
CA LYS A 351 -2.70 56.96 17.82
C LYS A 351 -2.10 55.55 17.65
N SER A 352 -1.11 55.23 18.47
CA SER A 352 -0.48 53.93 18.41
C SER A 352 -0.13 53.48 19.82
N ALA A 353 0.25 52.20 19.93
CA ALA A 353 0.58 51.62 21.22
C ALA A 353 1.41 50.38 20.94
N GLU A 354 2.11 49.90 21.98
CA GLU A 354 2.87 48.67 21.79
C GLU A 354 2.07 47.44 22.18
N TYR A 355 0.92 47.61 22.85
CA TYR A 355 0.00 46.53 23.19
C TYR A 355 -1.38 46.80 22.57
N ALA A 356 -2.05 45.72 22.16
CA ALA A 356 -3.35 45.86 21.51
C ALA A 356 -4.39 46.44 22.45
N TRP A 357 -4.46 45.94 23.68
CA TRP A 357 -5.55 46.31 24.57
C TRP A 357 -5.38 47.74 25.10
N ARG A 358 -4.18 48.07 25.57
CA ARG A 358 -3.90 49.42 26.00
C ARG A 358 -4.32 50.41 24.91
N GLY A 359 -3.89 50.15 23.68
CA GLY A 359 -4.24 51.05 22.60
C GLY A 359 -5.73 51.10 22.30
N LEU A 360 -6.40 49.96 22.34
CA LEU A 360 -7.84 49.93 22.05
C LEU A 360 -8.59 50.64 23.16
N SER A 361 -8.19 50.41 24.42
CA SER A 361 -8.89 51.00 25.56
C SER A 361 -8.74 52.52 25.61
N GLN A 362 -7.65 53.07 25.11
CA GLN A 362 -7.44 54.50 25.12
C GLN A 362 -7.99 55.20 23.88
N PHE A 363 -7.97 54.53 22.72
CA PHE A 363 -8.27 55.19 21.46
C PHE A 363 -9.56 54.72 20.81
N GLY A 364 -10.04 53.53 21.15
CA GLY A 364 -11.08 52.90 20.37
C GLY A 364 -10.56 52.35 19.05
N PRO A 365 -11.41 51.63 18.33
CA PRO A 365 -10.91 50.86 17.20
C PRO A 365 -10.45 51.73 16.05
N PHE A 366 -9.66 51.10 15.18
CA PHE A 366 -9.12 51.76 14.01
C PHE A 366 -10.19 52.41 13.13
N ASP A 367 -11.34 51.74 12.98
CA ASP A 367 -12.35 52.19 12.04
C ASP A 367 -13.52 52.91 12.69
N ARG A 368 -13.35 53.37 13.93
CA ARG A 368 -14.43 54.06 14.63
C ARG A 368 -15.05 55.20 13.83
N PRO A 369 -14.31 56.05 13.14
CA PRO A 369 -14.97 57.14 12.40
C PRO A 369 -15.90 56.65 11.31
N SER A 370 -15.64 55.49 10.71
CA SER A 370 -16.42 55.06 9.56
C SER A 370 -17.30 53.84 9.83
N PHE A 371 -17.26 53.25 11.03
CA PHE A 371 -18.01 52.03 11.30
C PHE A 371 -19.51 52.33 11.17
N ALA A 372 -20.18 51.58 10.30
CA ALA A 372 -21.53 51.91 9.88
C ALA A 372 -22.59 51.54 10.94
N ASN A 373 -22.53 50.33 11.47
CA ASN A 373 -23.64 49.81 12.26
C ASN A 373 -23.41 50.09 13.74
N ARG A 374 -23.82 51.27 14.19
CA ARG A 374 -23.53 51.71 15.54
C ARG A 374 -24.51 51.21 16.59
N SER A 375 -25.58 50.52 16.18
CA SER A 375 -26.56 49.95 17.11
C SER A 375 -26.87 48.51 16.71
N PRO A 376 -25.91 47.60 16.90
CA PRO A 376 -26.12 46.22 16.45
C PRO A 376 -27.17 45.51 17.28
N ARG A 377 -27.92 44.65 16.59
CA ARG A 377 -28.86 43.75 17.24
C ARG A 377 -28.23 42.38 17.21
N ILE A 378 -28.11 41.78 18.38
CA ILE A 378 -27.40 40.50 18.54
C ILE A 378 -28.39 39.49 19.12
N LEU A 379 -28.65 38.45 18.36
CA LEU A 379 -29.41 37.31 18.80
C LEU A 379 -28.59 36.55 19.83
N VAL A 380 -29.22 36.16 20.94
CA VAL A 380 -28.55 35.37 21.98
C VAL A 380 -29.28 34.05 22.16
N VAL A 381 -28.63 32.95 21.80
CA VAL A 381 -29.24 31.63 21.82
C VAL A 381 -28.60 30.83 22.94
N TYR A 382 -29.43 30.32 23.85
CA TYR A 382 -28.94 29.80 25.13
C TYR A 382 -29.94 28.84 25.72
N PRO A 383 -29.49 27.77 26.36
CA PRO A 383 -30.44 26.92 27.12
C PRO A 383 -31.21 27.73 28.16
N SER A 384 -32.54 27.56 28.18
CA SER A 384 -33.37 28.35 29.08
C SER A 384 -32.94 28.22 30.55
N SER A 385 -32.45 27.06 30.97
CA SER A 385 -32.04 26.87 32.36
C SER A 385 -30.82 27.65 32.75
N THR A 386 -30.16 28.32 31.80
CA THR A 386 -28.99 29.15 32.09
C THR A 386 -29.32 30.63 32.04
N GLN A 387 -30.58 30.97 31.87
CA GLN A 387 -31.02 32.35 31.70
C GLN A 387 -30.31 33.36 32.60
N GLY A 388 -30.29 33.13 33.91
CA GLY A 388 -29.72 34.13 34.80
C GLY A 388 -28.21 34.26 34.64
N LYS A 389 -27.52 33.16 34.45
CA LYS A 389 -26.08 33.24 34.18
C LYS A 389 -25.77 33.94 32.85
N VAL A 390 -26.58 33.69 31.82
CA VAL A 390 -26.35 34.35 30.55
C VAL A 390 -26.62 35.83 30.64
N GLU A 391 -27.61 36.26 31.44
CA GLU A 391 -27.85 37.69 31.59
C GLU A 391 -26.70 38.39 32.32
N ASN A 392 -26.17 37.76 33.36
CA ASN A 392 -24.97 38.29 33.99
C ASN A 392 -23.83 38.48 32.99
N PHE A 393 -23.59 37.46 32.17
CA PHE A 393 -22.51 37.52 31.19
C PHE A 393 -22.72 38.68 30.22
N LEU A 394 -23.96 38.86 29.74
CA LEU A 394 -24.24 39.89 28.74
C LEU A 394 -24.09 41.27 29.32
N SER A 395 -24.55 41.46 30.55
CA SER A 395 -24.38 42.75 31.21
C SER A 395 -22.89 43.11 31.31
N ALA A 396 -22.09 42.16 31.77
CA ALA A 396 -20.64 42.36 31.81
C ALA A 396 -20.10 42.67 30.43
N PHE A 397 -20.51 41.90 29.42
CA PHE A 397 -20.03 42.13 28.06
C PHE A 397 -20.41 43.51 27.55
N ARG A 398 -21.70 43.84 27.59
CA ARG A 398 -22.11 45.09 26.97
C ARG A 398 -21.80 46.32 27.83
N ASP A 399 -21.96 46.22 29.14
CA ASP A 399 -21.93 47.39 29.99
C ASP A 399 -20.71 47.43 30.88
N GLY A 400 -19.89 46.40 30.88
CA GLY A 400 -18.62 46.44 31.56
C GLY A 400 -18.72 45.87 32.96
N MET A 401 -17.56 45.73 33.58
CA MET A 401 -17.44 45.20 34.93
C MET A 401 -17.01 46.25 35.95
N GLY A 402 -16.88 47.50 35.55
CA GLY A 402 -16.43 48.54 36.42
C GLY A 402 -14.98 48.34 36.87
N SER A 403 -14.50 49.32 37.62
CA SER A 403 -13.06 49.48 37.85
C SER A 403 -12.48 48.53 38.90
N ASN A 404 -13.28 47.71 39.56
CA ASN A 404 -12.70 46.60 40.31
C ASN A 404 -12.12 45.52 39.39
N TYR A 405 -12.51 45.51 38.12
CA TYR A 405 -11.98 44.59 37.12
C TYR A 405 -11.56 45.46 35.94
N SER A 406 -10.41 46.11 36.11
CA SER A 406 -9.98 47.14 35.16
C SER A 406 -9.58 46.57 33.81
N GLY A 407 -9.44 45.25 33.68
CA GLY A 407 -9.23 44.66 32.37
C GLY A 407 -10.44 44.80 31.46
N PHE A 408 -11.61 44.95 32.01
CA PHE A 408 -12.83 45.13 31.20
C PHE A 408 -13.83 46.01 31.97
N SER A 409 -13.49 47.29 32.13
CA SER A 409 -14.35 48.20 32.90
C SER A 409 -15.50 48.75 32.08
N LYS A 410 -15.20 49.29 30.88
CA LYS A 410 -16.15 50.11 30.18
C LYS A 410 -17.27 49.34 29.50
N GLY A 411 -17.01 48.12 29.04
CA GLY A 411 -18.01 47.37 28.30
C GLY A 411 -17.91 47.59 26.79
N PHE A 412 -18.50 46.64 26.06
CA PHE A 412 -18.34 46.56 24.62
C PHE A 412 -18.76 47.83 23.91
N VAL A 413 -19.89 48.42 24.32
CA VAL A 413 -20.41 49.59 23.65
C VAL A 413 -19.43 50.75 23.75
N ASP A 414 -19.02 51.10 24.96
CA ASP A 414 -18.13 52.26 25.11
C ASP A 414 -16.72 51.93 24.65
N LEU A 415 -16.24 50.70 24.91
CA LEU A 415 -14.97 50.24 24.36
C LEU A 415 -14.87 50.51 22.87
N MET A 416 -15.89 50.15 22.10
CA MET A 416 -15.86 50.22 20.65
C MET A 416 -16.47 51.50 20.08
N GLY A 417 -17.03 52.36 20.92
CA GLY A 417 -17.60 53.59 20.42
C GLY A 417 -18.93 53.40 19.74
N LEU A 418 -19.74 52.45 20.21
CA LEU A 418 -21.06 52.21 19.66
C LEU A 418 -22.07 53.07 20.45
N THR A 419 -23.27 53.21 19.85
CA THR A 419 -24.33 53.89 20.58
C THR A 419 -25.05 52.91 21.52
N LYS A 420 -25.35 51.69 21.06
CA LYS A 420 -25.85 50.67 21.98
C LYS A 420 -25.86 49.32 21.30
N VAL A 421 -26.17 48.28 22.10
CA VAL A 421 -26.42 46.94 21.59
C VAL A 421 -27.77 46.46 22.10
N GLU A 422 -28.56 45.91 21.21
CA GLU A 422 -29.87 45.35 21.53
C GLU A 422 -29.75 43.85 21.43
N PHE A 423 -30.13 43.15 22.51
CA PHE A 423 -30.10 41.70 22.49
C PHE A 423 -31.49 41.21 22.13
N VAL A 424 -31.53 40.20 21.30
CA VAL A 424 -32.75 39.51 20.94
C VAL A 424 -32.64 38.13 21.57
N MET A 425 -33.29 37.97 22.72
CA MET A 425 -33.09 36.80 23.57
C MET A 425 -33.79 35.62 22.96
N CYS A 426 -33.10 34.51 22.85
CA CYS A 426 -33.60 33.32 22.20
C CYS A 426 -33.33 32.12 23.08
N PRO A 427 -34.12 31.93 24.14
CA PRO A 427 -33.95 30.73 24.98
C PRO A 427 -34.31 29.47 24.21
N VAL A 428 -33.62 28.38 24.54
CA VAL A 428 -33.80 27.08 23.92
C VAL A 428 -34.13 26.07 25.01
N GLU A 429 -35.21 25.31 24.81
CA GLU A 429 -35.61 24.29 25.78
C GLU A 429 -34.83 23.01 25.55
N VAL A 430 -33.65 22.91 26.18
CA VAL A 430 -32.76 21.79 25.96
C VAL A 430 -31.94 21.59 27.23
N SER A 431 -31.56 20.36 27.48
CA SER A 431 -30.79 20.04 28.67
C SER A 431 -29.47 19.36 28.29
N SER A 432 -28.47 19.50 29.17
CA SER A 432 -27.15 18.99 28.85
C SER A 432 -27.15 17.49 28.64
N ALA A 433 -28.10 16.79 29.25
CA ALA A 433 -28.15 15.33 29.12
C ALA A 433 -28.61 14.93 27.73
N ASP A 434 -29.21 15.85 26.98
CA ASP A 434 -29.73 15.57 25.64
C ASP A 434 -28.57 15.62 24.65
N ARG A 435 -28.04 14.47 24.30
CA ARG A 435 -26.91 14.39 23.39
C ARG A 435 -27.31 13.99 21.98
N ASN A 436 -28.60 13.80 21.73
CA ASN A 436 -29.06 13.37 20.41
C ASN A 436 -29.90 14.41 19.70
N GLY A 437 -30.60 15.29 20.43
CA GLY A 437 -31.49 16.23 19.80
C GLY A 437 -31.20 17.67 20.14
N ALA A 438 -30.05 17.91 20.80
CA ALA A 438 -29.67 19.28 21.17
C ALA A 438 -29.61 20.21 19.95
N HIS A 439 -29.01 19.75 18.86
CA HIS A 439 -28.83 20.62 17.72
C HIS A 439 -30.16 20.95 17.03
N THR A 440 -31.04 19.97 16.86
CA THR A 440 -32.36 20.29 16.25
C THR A 440 -33.13 21.31 17.12
N LYS A 441 -33.02 21.19 18.44
CA LYS A 441 -33.70 22.13 19.32
C LYS A 441 -33.15 23.55 19.18
N TYR A 442 -31.83 23.70 19.16
CA TYR A 442 -31.27 25.04 18.96
C TYR A 442 -31.75 25.61 17.62
N ASN A 443 -31.66 24.81 16.57
CA ASN A 443 -31.98 25.33 15.23
C ASN A 443 -33.48 25.65 15.05
N SER A 444 -34.35 24.84 15.66
CA SER A 444 -35.77 25.16 15.62
C SER A 444 -36.04 26.46 16.35
N ALA A 445 -35.39 26.65 17.53
CA ALA A 445 -35.62 27.89 18.25
C ALA A 445 -35.09 29.08 17.47
N ILE A 446 -33.94 28.93 16.82
CA ILE A 446 -33.42 30.04 16.02
C ILE A 446 -34.37 30.39 14.91
N GLU A 447 -34.82 29.35 14.16
CA GLU A 447 -35.77 29.58 13.08
C GLU A 447 -37.01 30.34 13.57
N ASP A 448 -37.60 29.90 14.70
CA ASP A 448 -38.85 30.51 15.16
C ASP A 448 -38.64 31.91 15.69
N LYS A 449 -37.54 32.15 16.40
CA LYS A 449 -37.29 33.50 16.89
C LYS A 449 -37.04 34.47 15.74
N LEU A 450 -36.23 34.06 14.76
CA LEU A 450 -35.86 35.00 13.71
C LEU A 450 -37.01 35.27 12.75
N ALA A 451 -37.90 34.31 12.56
CA ALA A 451 -39.03 34.53 11.65
C ALA A 451 -39.92 35.67 12.13
N GLY A 452 -40.07 35.80 13.45
CA GLY A 452 -40.89 36.85 14.03
C GLY A 452 -40.20 38.17 14.28
N ALA A 453 -38.88 38.22 14.16
CA ALA A 453 -38.10 39.43 14.41
C ALA A 453 -37.66 40.05 13.09
N GLY A 454 -36.90 41.13 13.20
CA GLY A 454 -36.28 41.77 12.06
C GLY A 454 -34.90 41.20 11.80
N GLU A 455 -34.06 42.00 11.15
CA GLU A 455 -32.71 41.57 10.86
C GLU A 455 -31.85 41.66 12.13
N VAL A 456 -31.00 40.66 12.32
CA VAL A 456 -29.98 40.72 13.37
C VAL A 456 -28.63 40.72 12.68
N HIS A 457 -27.64 41.38 13.31
CA HIS A 457 -26.34 41.58 12.69
C HIS A 457 -25.30 40.59 13.15
N ALA A 458 -25.52 39.94 14.29
CA ALA A 458 -24.64 38.93 14.85
C ALA A 458 -25.44 38.11 15.83
N GLY A 459 -24.83 37.00 16.25
CA GLY A 459 -25.43 36.15 17.26
C GLY A 459 -24.37 35.65 18.21
N ILE A 460 -24.80 35.47 19.46
CA ILE A 460 -24.04 34.80 20.52
C ILE A 460 -24.78 33.51 20.82
N VAL A 461 -24.06 32.39 20.86
CA VAL A 461 -24.65 31.08 21.06
C VAL A 461 -23.96 30.47 22.27
N VAL A 462 -24.74 30.09 23.27
CA VAL A 462 -24.24 29.53 24.52
C VAL A 462 -24.41 28.04 24.49
N LEU A 463 -23.34 27.33 24.77
CA LEU A 463 -23.24 25.90 24.64
C LEU A 463 -22.99 25.25 26.00
N PHE A 464 -23.65 24.10 26.22
CA PHE A 464 -23.31 23.22 27.32
C PHE A 464 -21.97 22.53 27.07
N GLU A 465 -21.13 22.42 28.10
CA GLU A 465 -19.87 21.71 27.96
C GLU A 465 -20.08 20.33 27.39
N ASP A 466 -21.08 19.59 27.90
CA ASP A 466 -21.41 18.26 27.42
C ASP A 466 -21.77 18.19 25.94
N HIS A 467 -22.06 19.33 25.31
CA HIS A 467 -22.39 19.35 23.88
C HIS A 467 -21.23 19.79 22.99
N ALA A 468 -20.25 20.49 23.53
CA ALA A 468 -19.28 21.18 22.70
C ALA A 468 -18.57 20.24 21.73
N ARG A 469 -18.38 18.97 22.09
CA ARG A 469 -17.56 18.07 21.30
C ARG A 469 -18.32 16.85 20.83
N LEU A 470 -19.63 16.91 20.78
CA LEU A 470 -20.40 15.83 20.13
C LEU A 470 -19.98 15.70 18.66
N PRO A 471 -20.22 14.55 18.07
CA PRO A 471 -20.03 14.41 16.62
C PRO A 471 -20.84 15.44 15.83
N ASP A 472 -20.32 15.82 14.67
CA ASP A 472 -20.86 16.97 13.97
C ASP A 472 -22.28 16.73 13.50
N ASP A 473 -22.68 15.47 13.31
CA ASP A 473 -24.06 15.23 12.92
C ASP A 473 -25.04 15.68 13.99
N ARG A 474 -24.60 15.87 15.25
CA ARG A 474 -25.49 16.33 16.32
C ARG A 474 -24.84 17.39 17.21
N ASN A 475 -23.80 18.06 16.74
CA ASN A 475 -23.08 19.06 17.50
C ASN A 475 -23.72 20.44 17.33
N PRO A 476 -24.23 21.05 18.40
CA PRO A 476 -24.93 22.32 18.22
C PRO A 476 -24.05 23.49 17.86
N TYR A 477 -22.76 23.46 18.19
CA TYR A 477 -21.87 24.49 17.71
C TYR A 477 -21.92 24.61 16.20
N ILE A 478 -21.71 23.49 15.50
CA ILE A 478 -21.53 23.54 14.07
C ILE A 478 -22.87 23.72 13.33
N HIS A 479 -23.98 23.18 13.89
CA HIS A 479 -25.30 23.36 13.27
C HIS A 479 -25.81 24.80 13.47
N THR A 480 -25.58 25.39 14.65
CA THR A 480 -26.00 26.79 14.78
C THR A 480 -25.08 27.69 13.96
N LYS A 481 -23.79 27.41 13.97
CA LYS A 481 -22.88 28.16 13.11
C LYS A 481 -23.32 28.08 11.66
N SER A 482 -23.63 26.88 11.20
CA SER A 482 -24.05 26.69 9.82
C SER A 482 -25.35 27.45 9.51
N LEU A 483 -26.36 27.26 10.34
CA LEU A 483 -27.66 27.90 10.08
C LEU A 483 -27.48 29.40 10.03
N LEU A 484 -26.79 29.98 11.04
CA LEU A 484 -26.69 31.43 11.08
C LEU A 484 -25.75 31.99 10.00
N LEU A 485 -24.66 31.30 9.67
CA LEU A 485 -23.85 31.78 8.55
C LEU A 485 -24.61 31.70 7.21
N THR A 486 -25.37 30.61 6.98
CA THR A 486 -26.23 30.57 5.77
C THR A 486 -27.09 31.83 5.67
N LEU A 487 -27.67 32.25 6.77
CA LEU A 487 -28.52 33.41 6.79
C LEU A 487 -27.75 34.72 6.79
N GLY A 488 -26.43 34.70 6.76
CA GLY A 488 -25.65 35.93 6.75
C GLY A 488 -25.37 36.53 8.12
N VAL A 489 -25.42 35.73 9.16
CA VAL A 489 -25.34 36.23 10.53
C VAL A 489 -24.12 35.55 11.14
N PRO A 490 -23.02 36.28 11.36
CA PRO A 490 -21.86 35.69 12.04
C PRO A 490 -22.17 35.48 13.53
N THR A 491 -21.52 34.45 14.11
CA THR A 491 -21.74 34.10 15.48
C THR A 491 -20.45 34.07 16.30
N GLN A 492 -20.57 34.50 17.55
CA GLN A 492 -19.54 34.31 18.59
C GLN A 492 -20.09 33.32 19.61
N GLN A 493 -19.55 32.13 19.63
CA GLN A 493 -20.09 31.09 20.48
C GLN A 493 -19.30 31.08 21.77
N VAL A 494 -19.84 30.40 22.77
CA VAL A 494 -19.20 30.36 24.10
C VAL A 494 -19.80 29.21 24.90
N ARG A 495 -18.91 28.50 25.63
CA ARG A 495 -19.31 27.37 26.48
C ARG A 495 -19.68 27.87 27.88
N MET A 496 -20.53 27.08 28.57
CA MET A 496 -21.02 27.53 29.87
C MET A 496 -19.92 27.66 30.93
N PRO A 497 -18.88 26.83 30.95
CA PRO A 497 -17.79 27.08 31.93
C PRO A 497 -17.17 28.45 31.77
N THR A 498 -17.12 28.97 30.53
CA THR A 498 -16.62 30.30 30.30
C THR A 498 -17.55 31.34 30.84
N VAL A 499 -18.85 31.19 30.53
CA VAL A 499 -19.86 32.13 31.02
C VAL A 499 -19.77 32.26 32.54
N LEU A 500 -19.33 31.20 33.23
CA LEU A 500 -19.24 31.16 34.68
C LEU A 500 -17.85 31.45 35.23
N LEU A 501 -16.92 31.95 34.41
CA LEU A 501 -15.61 32.24 34.96
C LEU A 501 -15.75 33.27 36.08
N GLU A 502 -14.94 33.11 37.13
CA GLU A 502 -14.91 34.14 38.17
C GLU A 502 -14.42 35.45 37.57
N PRO A 503 -14.84 36.58 38.14
CA PRO A 503 -14.61 37.87 37.46
C PRO A 503 -13.18 38.18 37.12
N LYS A 504 -12.21 37.79 37.95
CA LYS A 504 -10.82 38.10 37.64
C LYS A 504 -10.40 37.51 36.32
N SER A 505 -10.94 36.35 35.94
CA SER A 505 -10.67 35.75 34.64
C SER A 505 -11.58 36.29 33.54
N LEU A 506 -12.87 36.52 33.89
CA LEU A 506 -13.85 36.93 32.90
C LEU A 506 -13.42 38.20 32.18
N GLN A 507 -12.83 39.15 32.91
CA GLN A 507 -12.46 40.39 32.25
C GLN A 507 -11.54 40.13 31.06
N TYR A 508 -10.67 39.13 31.14
CA TYR A 508 -9.77 38.87 30.00
C TYR A 508 -10.50 38.13 28.86
N THR A 509 -11.34 37.17 29.20
CA THR A 509 -12.20 36.52 28.24
C THR A 509 -12.99 37.57 27.46
N LEU A 510 -13.47 38.60 28.13
CA LEU A 510 -14.33 39.58 27.47
C LEU A 510 -13.57 40.55 26.60
N GLN A 511 -12.26 40.72 26.83
CA GLN A 511 -11.45 41.48 25.90
C GLN A 511 -11.41 40.78 24.54
N ASN A 512 -11.07 39.48 24.56
CA ASN A 512 -10.94 38.69 23.35
C ASN A 512 -12.29 38.51 22.68
N PHE A 513 -13.32 38.15 23.47
CA PHE A 513 -14.68 38.01 22.99
C PHE A 513 -15.11 39.25 22.23
N SER A 514 -14.83 40.45 22.79
CA SER A 514 -15.25 41.72 22.19
C SER A 514 -14.49 42.05 20.93
N ILE A 515 -13.17 41.77 20.92
CA ILE A 515 -12.37 42.01 19.73
C ILE A 515 -12.90 41.17 18.57
N ALA A 516 -13.17 39.89 18.83
CA ALA A 516 -13.62 39.02 17.75
C ALA A 516 -15.03 39.39 17.28
N THR A 517 -15.90 39.75 18.23
CA THR A 517 -17.26 40.08 17.92
C THR A 517 -17.34 41.35 17.08
N TYR A 518 -16.57 42.35 17.44
CA TYR A 518 -16.49 43.59 16.66
C TYR A 518 -16.03 43.30 15.24
N ALA A 519 -14.98 42.46 15.08
CA ALA A 519 -14.52 42.11 13.74
C ALA A 519 -15.61 41.33 12.99
N LYS A 520 -16.35 40.52 13.71
CA LYS A 520 -17.44 39.78 13.11
C LYS A 520 -18.55 40.69 12.62
N LEU A 521 -18.71 41.85 13.26
CA LEU A 521 -19.63 42.86 12.76
C LEU A 521 -19.03 43.74 11.68
N ASN A 522 -17.90 43.34 11.09
CA ASN A 522 -17.18 44.01 9.97
C ASN A 522 -16.15 44.99 10.52
N GLY A 523 -15.97 45.07 11.83
CA GLY A 523 -15.04 46.04 12.38
C GLY A 523 -13.61 45.71 12.08
N THR A 524 -12.77 46.72 12.21
CA THR A 524 -11.31 46.58 12.17
C THR A 524 -10.77 47.11 13.51
N PRO A 525 -10.47 46.24 14.47
CA PRO A 525 -10.00 46.73 15.78
C PRO A 525 -8.71 47.53 15.70
N TRP A 526 -7.74 47.05 14.92
CA TRP A 526 -6.43 47.73 14.84
C TRP A 526 -5.63 47.19 13.66
N THR A 527 -4.63 47.97 13.29
CA THR A 527 -3.61 47.56 12.35
C THR A 527 -2.27 47.47 13.05
N VAL A 528 -1.24 47.19 12.25
CA VAL A 528 0.15 47.23 12.68
C VAL A 528 0.91 48.15 11.72
N ASN A 529 1.87 48.87 12.26
CA ASN A 529 2.61 49.84 11.47
C ASN A 529 3.35 49.15 10.32
N HIS A 530 3.45 49.89 9.23
CA HIS A 530 4.24 49.49 8.08
C HIS A 530 4.45 50.70 7.21
N ASP A 531 5.69 51.02 6.88
CA ASP A 531 6.03 52.10 5.97
C ASP A 531 6.27 51.48 4.60
N LYS A 532 5.38 51.78 3.66
CA LYS A 532 5.49 51.26 2.30
C LYS A 532 6.78 51.76 1.67
N ALA A 533 7.55 50.83 1.13
CA ALA A 533 8.74 51.15 0.36
C ALA A 533 8.60 50.79 -1.12
N ILE A 534 7.52 50.10 -1.50
CA ILE A 534 7.14 49.89 -2.89
C ILE A 534 5.69 50.33 -3.05
N ASN A 535 5.22 50.37 -4.30
CA ASN A 535 3.93 50.98 -4.60
C ASN A 535 2.77 50.10 -4.17
N ASP A 536 2.96 48.79 -4.13
CA ASP A 536 1.90 47.92 -3.63
C ASP A 536 2.54 46.63 -3.15
N GLU A 537 1.89 46.00 -2.19
CA GLU A 537 2.39 44.76 -1.62
C GLU A 537 1.21 43.92 -1.14
N LEU A 538 1.14 42.71 -1.65
CA LEU A 538 0.11 41.73 -1.33
C LEU A 538 0.78 40.52 -0.65
N VAL A 539 0.21 40.08 0.45
CA VAL A 539 0.61 38.85 1.11
C VAL A 539 -0.60 37.92 1.10
N VAL A 540 -0.41 36.69 0.59
CA VAL A 540 -1.47 35.71 0.67
C VAL A 540 -0.95 34.49 1.43
N GLY A 541 -1.79 33.93 2.27
CA GLY A 541 -1.49 32.76 3.04
C GLY A 541 -2.42 31.61 2.70
N MET A 542 -1.90 30.39 2.89
CA MET A 542 -2.66 29.19 2.78
C MET A 542 -2.52 28.37 4.04
N GLY A 543 -3.66 27.84 4.52
CA GLY A 543 -3.69 27.01 5.70
C GLY A 543 -4.41 25.73 5.38
N LEU A 544 -4.08 24.70 6.14
CA LEU A 544 -4.61 23.35 5.95
C LEU A 544 -5.42 22.90 7.15
N ALA A 545 -6.52 22.19 6.89
CA ALA A 545 -7.23 21.43 7.91
C ALA A 545 -7.45 20.01 7.41
N GLU A 546 -7.41 19.05 8.35
CA GLU A 546 -7.63 17.64 8.03
C GLU A 546 -8.71 17.11 8.96
N LEU A 547 -9.84 16.72 8.40
CA LEU A 547 -11.02 16.43 9.18
C LEU A 547 -11.38 14.95 9.13
N SER A 548 -11.75 14.43 10.30
CA SER A 548 -12.25 13.07 10.47
C SER A 548 -13.16 13.03 11.68
N GLY A 549 -14.09 12.07 11.69
CA GLY A 549 -14.92 11.86 12.85
C GLY A 549 -14.23 11.11 13.97
N SER A 550 -13.26 10.27 13.62
CA SER A 550 -12.47 9.55 14.63
C SER A 550 -11.06 9.39 14.08
N ARG A 551 -10.14 8.98 14.97
CA ARG A 551 -8.77 8.72 14.52
C ARG A 551 -8.73 7.56 13.53
N THR A 552 -9.63 6.59 13.70
CA THR A 552 -9.73 5.49 12.74
C THR A 552 -9.97 6.02 11.34
N GLU A 553 -11.02 6.83 11.17
CA GLU A 553 -11.40 7.37 9.87
C GLU A 553 -10.22 8.09 9.21
N LYS A 554 -10.12 7.94 7.89
CA LYS A 554 -9.07 8.61 7.14
C LYS A 554 -9.38 10.11 7.01
N ARG A 555 -8.42 10.95 7.38
CA ARG A 555 -8.67 12.39 7.39
C ARG A 555 -8.71 12.95 5.97
N GLN A 556 -9.65 13.86 5.74
CA GLN A 556 -9.81 14.57 4.47
C GLN A 556 -9.28 16.00 4.60
N ARG A 557 -8.63 16.50 3.55
CA ARG A 557 -7.93 17.76 3.62
C ARG A 557 -8.72 18.90 3.03
N PHE A 558 -8.66 20.05 3.68
CA PHE A 558 -9.29 21.30 3.18
C PHE A 558 -8.32 22.45 3.33
N VAL A 559 -8.51 23.48 2.54
CA VAL A 559 -7.58 24.61 2.53
C VAL A 559 -8.36 25.92 2.64
N GLY A 560 -7.70 26.94 3.19
CA GLY A 560 -8.22 28.28 3.20
C GLY A 560 -7.16 29.24 2.70
N ILE A 561 -7.61 30.43 2.29
CA ILE A 561 -6.74 31.45 1.75
C ILE A 561 -7.10 32.78 2.37
N THR A 562 -6.10 33.49 2.84
CA THR A 562 -6.22 34.80 3.49
C THR A 562 -5.30 35.76 2.72
N THR A 563 -5.71 36.99 2.59
CA THR A 563 -4.91 38.01 1.94
C THR A 563 -4.76 39.23 2.83
N VAL A 564 -3.57 39.82 2.79
CA VAL A 564 -3.28 41.07 3.51
C VAL A 564 -2.65 42.05 2.53
N PHE A 565 -3.06 43.31 2.60
CA PHE A 565 -2.53 44.37 1.74
C PHE A 565 -1.75 45.37 2.56
N ALA A 566 -0.71 45.93 1.95
CA ALA A 566 -0.05 47.12 2.49
C ALA A 566 -0.91 48.34 2.18
N GLY A 567 -1.20 49.14 3.21
CA GLY A 567 -1.82 50.41 3.05
C GLY A 567 -0.85 51.55 3.33
N ASP A 568 -1.40 52.74 3.52
CA ASP A 568 -0.60 53.91 3.86
C ASP A 568 -0.31 53.87 5.35
N GLY A 569 0.82 53.28 5.72
CA GLY A 569 1.20 53.18 7.11
C GLY A 569 0.65 51.98 7.84
N SER A 570 -0.01 51.06 7.14
CA SER A 570 -0.79 50.03 7.81
C SER A 570 -0.91 48.80 6.92
N TYR A 571 -1.01 47.65 7.55
CA TYR A 571 -1.37 46.41 6.89
C TYR A 571 -2.87 46.19 7.04
N LEU A 572 -3.56 45.94 5.93
CA LEU A 572 -5.01 45.79 5.95
C LEU A 572 -5.40 44.37 5.56
N LEU A 573 -6.41 43.84 6.24
CA LEU A 573 -6.86 42.49 5.94
C LEU A 573 -7.77 42.55 4.74
N GLY A 574 -7.53 41.68 3.78
CA GLY A 574 -8.35 41.62 2.57
C GLY A 574 -9.53 40.68 2.73
N ASN A 575 -10.06 40.24 1.60
CA ASN A 575 -11.11 39.23 1.56
C ASN A 575 -10.51 37.83 1.70
N VAL A 576 -11.39 36.85 1.86
CA VAL A 576 -11.03 35.53 2.35
C VAL A 576 -11.73 34.49 1.49
N SER A 577 -11.13 33.30 1.43
CA SER A 577 -11.66 32.26 0.58
C SER A 577 -12.98 31.73 1.16
N LYS A 578 -13.86 31.29 0.24
CA LYS A 578 -15.08 30.60 0.61
C LYS A 578 -15.11 29.14 0.12
N GLU A 579 -14.23 28.77 -0.80
CA GLU A 579 -14.10 27.40 -1.28
C GLU A 579 -12.80 26.82 -0.74
N CYS A 580 -12.77 25.50 -0.52
CA CYS A 580 -11.82 24.93 0.42
C CYS A 580 -11.26 23.56 0.09
N GLU A 581 -11.34 23.09 -1.15
CA GLU A 581 -10.93 21.71 -1.46
C GLU A 581 -9.43 21.64 -1.70
N TYR A 582 -8.79 20.59 -1.14
CA TYR A 582 -7.35 20.44 -1.26
C TYR A 582 -6.96 20.19 -2.72
N GLU A 583 -7.82 19.50 -3.46
CA GLU A 583 -7.56 19.21 -4.86
C GLU A 583 -7.55 20.50 -5.66
N GLY A 584 -6.46 20.74 -6.38
CA GLY A 584 -6.33 21.96 -7.15
C GLY A 584 -5.96 23.18 -6.35
N TYR A 585 -5.43 22.99 -5.14
CA TYR A 585 -5.09 24.13 -4.30
C TYR A 585 -4.07 25.08 -4.94
N SER A 586 -3.16 24.54 -5.75
CA SER A 586 -2.22 25.41 -6.45
C SER A 586 -2.94 26.33 -7.44
N ASP A 587 -3.98 25.83 -8.12
CA ASP A 587 -4.78 26.67 -8.98
C ASP A 587 -5.52 27.73 -8.17
N ALA A 588 -6.02 27.36 -6.97
CA ALA A 588 -6.72 28.34 -6.17
C ALA A 588 -5.79 29.47 -5.75
N ILE A 589 -4.56 29.15 -5.38
CA ILE A 589 -3.60 30.20 -5.03
C ILE A 589 -3.42 31.16 -6.21
N ARG A 590 -3.24 30.61 -7.40
CA ARG A 590 -2.94 31.42 -8.58
C ARG A 590 -4.15 32.22 -9.03
N GLU A 591 -5.34 31.65 -8.92
CA GLU A 591 -6.54 32.41 -9.21
C GLU A 591 -6.74 33.56 -8.22
N SER A 592 -6.56 33.29 -6.93
CA SER A 592 -6.73 34.35 -5.95
C SER A 592 -5.71 35.48 -6.17
N MET A 593 -4.45 35.14 -6.47
CA MET A 593 -3.43 36.16 -6.67
C MET A 593 -3.69 37.01 -7.91
N THR A 594 -3.93 36.37 -9.07
CA THR A 594 -4.11 37.13 -10.29
C THR A 594 -5.39 37.96 -10.27
N GLY A 595 -6.47 37.43 -9.66
CA GLY A 595 -7.68 38.22 -9.49
C GLY A 595 -7.44 39.41 -8.59
N ILE A 596 -6.66 39.21 -7.52
CA ILE A 596 -6.41 40.31 -6.63
C ILE A 596 -5.50 41.35 -7.29
N LEU A 597 -4.43 40.88 -7.95
CA LEU A 597 -3.54 41.82 -8.63
C LEU A 597 -4.30 42.69 -9.61
N ARG A 598 -5.20 42.10 -10.40
CA ARG A 598 -5.99 42.87 -11.36
C ARG A 598 -6.81 43.98 -10.69
N GLU A 599 -7.52 43.63 -9.62
CA GLU A 599 -8.31 44.63 -8.90
C GLU A 599 -7.43 45.67 -8.22
N LEU A 600 -6.28 45.25 -7.68
CA LEU A 600 -5.34 46.22 -7.10
C LEU A 600 -4.85 47.20 -8.17
N LYS A 601 -4.55 46.71 -9.37
CA LYS A 601 -4.06 47.60 -10.41
C LYS A 601 -5.14 48.60 -10.82
N LYS A 602 -6.38 48.14 -10.97
CA LYS A 602 -7.45 49.05 -11.34
C LYS A 602 -7.70 50.05 -10.23
N ARG A 603 -7.75 49.58 -8.99
CA ARG A 603 -8.03 50.49 -7.89
C ARG A 603 -6.93 51.56 -7.78
N ASN A 604 -5.67 51.13 -7.75
CA ASN A 604 -4.59 52.06 -7.43
C ASN A 604 -4.00 52.73 -8.65
N ASN A 605 -4.22 52.18 -9.84
CA ASN A 605 -3.75 52.78 -11.09
C ASN A 605 -2.23 52.95 -11.07
N TRP A 606 -1.54 51.80 -11.05
CA TRP A 606 -0.10 51.80 -10.98
C TRP A 606 0.52 52.59 -12.12
N ARG A 607 1.54 53.37 -11.80
CA ARG A 607 2.31 54.12 -12.79
C ARG A 607 3.36 53.23 -13.48
N PRO A 608 3.64 53.49 -14.75
CA PRO A 608 4.83 52.88 -15.37
C PRO A 608 6.05 52.99 -14.46
N GLY A 609 6.66 51.85 -14.18
CA GLY A 609 7.87 51.82 -13.37
C GLY A 609 7.65 51.51 -11.92
N ASP A 610 6.39 51.53 -11.46
CA ASP A 610 6.08 51.19 -10.09
C ASP A 610 6.45 49.73 -9.83
N THR A 611 6.73 49.42 -8.58
CA THR A 611 7.07 48.07 -8.17
C THR A 611 5.95 47.47 -7.32
N VAL A 612 5.64 46.22 -7.59
CA VAL A 612 4.63 45.46 -6.88
C VAL A 612 5.30 44.23 -6.31
N ARG A 613 4.99 43.92 -5.07
CA ARG A 613 5.54 42.76 -4.37
C ARG A 613 4.42 41.83 -3.92
N VAL A 614 4.59 40.55 -4.18
CA VAL A 614 3.69 39.49 -3.74
C VAL A 614 4.46 38.50 -2.87
N VAL A 615 3.95 38.25 -1.67
CA VAL A 615 4.54 37.30 -0.76
C VAL A 615 3.49 36.20 -0.49
N PHE A 616 3.95 34.95 -0.47
CA PHE A 616 3.13 33.81 -0.07
C PHE A 616 3.65 33.22 1.23
N HIS A 617 2.70 32.86 2.12
CA HIS A 617 2.98 32.23 3.41
C HIS A 617 2.29 30.87 3.53
N ALA A 618 3.01 29.87 4.04
CA ALA A 618 2.42 28.60 4.40
C ALA A 618 3.34 27.89 5.39
N HIS A 619 2.84 26.78 5.96
CA HIS A 619 3.64 25.97 6.88
C HIS A 619 4.42 24.90 6.14
N ARG A 620 4.25 24.79 4.82
CA ARG A 620 4.99 23.90 3.95
C ARG A 620 5.49 24.67 2.74
N PRO A 621 6.57 24.21 2.12
CA PRO A 621 7.06 24.87 0.91
C PRO A 621 6.29 24.40 -0.29
N LEU A 622 6.11 25.32 -1.24
CA LEU A 622 5.46 24.99 -2.53
C LEU A 622 6.41 24.24 -3.47
N LYS A 623 5.85 23.37 -4.31
CA LYS A 623 6.58 22.76 -5.40
C LYS A 623 7.18 23.84 -6.29
N ARG A 624 8.40 23.58 -6.79
CA ARG A 624 9.02 24.49 -7.74
C ARG A 624 8.12 24.75 -8.95
N VAL A 625 7.43 23.72 -9.40
CA VAL A 625 6.55 23.85 -10.56
C VAL A 625 5.40 24.80 -10.26
N ASP A 626 4.91 24.77 -9.03
CA ASP A 626 3.82 25.68 -8.68
C ASP A 626 4.34 27.10 -8.54
N VAL A 627 5.53 27.27 -7.96
CA VAL A 627 6.14 28.58 -7.92
C VAL A 627 6.27 29.15 -9.35
N ALA A 628 6.74 28.32 -10.29
CA ALA A 628 6.91 28.81 -11.66
C ALA A 628 5.58 29.18 -12.29
N SER A 629 4.56 28.37 -12.06
CA SER A 629 3.22 28.68 -12.53
C SER A 629 2.67 29.95 -11.89
N ILE A 630 2.84 30.11 -10.57
CA ILE A 630 2.36 31.30 -9.90
C ILE A 630 3.09 32.52 -10.41
N VAL A 631 4.42 32.44 -10.47
CA VAL A 631 5.21 33.59 -10.95
C VAL A 631 4.77 33.96 -12.36
N PHE A 632 4.68 32.98 -13.26
CA PHE A 632 4.35 33.27 -14.65
C PHE A 632 3.02 33.98 -14.76
N GLU A 633 1.96 33.42 -14.16
CA GLU A 633 0.65 34.02 -14.28
C GLU A 633 0.60 35.39 -13.63
N CYS A 634 1.22 35.55 -12.46
CA CYS A 634 1.19 36.86 -11.85
C CYS A 634 1.95 37.86 -12.71
N THR A 635 3.08 37.43 -13.27
CA THR A 635 3.90 38.36 -14.03
C THR A 635 3.15 38.82 -15.28
N ARG A 636 2.37 37.92 -15.89
CA ARG A 636 1.64 38.28 -17.10
C ARG A 636 0.42 39.11 -16.77
N GLU A 637 -0.21 38.84 -15.62
CA GLU A 637 -1.42 39.57 -15.27
C GLU A 637 -1.12 41.05 -15.15
N ILE A 638 -0.09 41.40 -14.37
CA ILE A 638 0.20 42.80 -14.18
C ILE A 638 0.91 43.40 -15.38
N GLY A 639 1.60 42.59 -16.16
CA GLY A 639 2.22 43.04 -17.38
C GLY A 639 3.58 43.67 -17.17
N SER A 640 4.10 44.23 -18.25
CA SER A 640 5.48 44.73 -18.28
C SER A 640 5.64 46.18 -17.85
N ASP A 641 4.54 46.90 -17.59
CA ASP A 641 4.66 48.28 -17.14
C ASP A 641 5.21 48.38 -15.72
N GLN A 642 5.10 47.31 -14.92
CA GLN A 642 5.57 47.34 -13.54
C GLN A 642 6.61 46.27 -13.29
N ASN A 643 7.43 46.51 -12.27
CA ASN A 643 8.38 45.52 -11.75
C ASN A 643 7.69 44.62 -10.71
N ILE A 644 7.89 43.30 -10.85
CA ILE A 644 7.31 42.31 -9.94
C ILE A 644 8.39 41.74 -9.04
N GLN A 645 8.12 41.71 -7.74
CA GLN A 645 8.95 41.02 -6.75
C GLN A 645 8.07 39.96 -6.07
N MET A 646 8.58 38.74 -5.98
CA MET A 646 7.78 37.64 -5.43
C MET A 646 8.62 36.76 -4.53
N ALA A 647 8.02 36.42 -3.38
CA ALA A 647 8.69 35.59 -2.37
C ALA A 647 7.70 34.56 -1.86
N PHE A 648 8.20 33.36 -1.65
CA PHE A 648 7.40 32.24 -1.18
C PHE A 648 8.07 31.71 0.08
N VAL A 649 7.33 31.71 1.15
CA VAL A 649 7.87 31.63 2.50
C VAL A 649 7.17 30.50 3.22
N THR A 650 7.96 29.69 3.94
CA THR A 650 7.35 28.71 4.83
C THR A 650 7.75 29.09 6.24
N VAL A 651 6.80 28.92 7.15
CA VAL A 651 6.97 29.17 8.58
C VAL A 651 6.90 27.82 9.32
N SER A 652 7.97 27.49 10.05
CA SER A 652 8.08 26.22 10.75
C SER A 652 8.16 26.44 12.24
N HIS A 653 7.50 25.57 12.99
CA HIS A 653 7.47 25.61 14.44
C HIS A 653 8.27 24.49 15.07
N ASP A 654 8.45 23.38 14.39
CA ASP A 654 8.97 22.14 15.00
C ASP A 654 10.27 21.74 14.30
N HIS A 655 11.30 22.51 14.53
CA HIS A 655 12.65 22.32 13.99
C HIS A 655 13.61 22.07 15.15
N PRO A 656 14.88 21.81 14.93
CA PRO A 656 15.77 21.52 16.06
C PRO A 656 16.52 22.71 16.62
N PHE A 657 16.12 23.94 16.33
CA PHE A 657 16.89 25.11 16.70
C PHE A 657 16.27 25.83 17.90
N VAL A 658 17.10 26.29 18.84
CA VAL A 658 16.60 27.19 19.86
C VAL A 658 17.62 28.27 20.19
N LEU A 659 17.11 29.41 20.61
CA LEU A 659 17.93 30.59 20.87
C LEU A 659 17.98 30.88 22.38
N ILE A 660 19.15 31.26 22.84
CA ILE A 660 19.41 31.57 24.25
C ILE A 660 20.04 32.95 24.30
N ASP A 661 19.46 33.84 25.11
CA ASP A 661 20.00 35.16 25.35
C ASP A 661 20.51 35.18 26.81
N ARG A 662 21.79 34.97 27.01
CA ARG A 662 22.29 34.83 28.37
C ARG A 662 22.25 36.16 29.13
N SER A 663 22.09 37.28 28.43
CA SER A 663 21.95 38.57 29.06
C SER A 663 20.54 38.81 29.61
N GLU A 664 19.58 37.93 29.31
CA GLU A 664 18.21 38.14 29.77
C GLU A 664 17.97 37.44 31.10
N ARG A 665 17.68 38.21 32.13
CA ARG A 665 17.49 37.66 33.47
C ARG A 665 16.05 37.29 33.74
N GLY A 666 15.13 37.69 32.87
CA GLY A 666 13.76 37.37 33.04
C GLY A 666 13.04 38.42 33.88
N LEU A 667 11.78 38.13 34.19
CA LEU A 667 10.90 38.99 34.96
C LEU A 667 10.37 38.19 36.13
N GLU A 668 9.95 38.90 37.17
CA GLU A 668 9.29 38.26 38.30
C GLU A 668 8.10 37.44 37.84
N ALA A 669 8.00 36.20 38.35
CA ALA A 669 6.84 35.38 38.05
C ALA A 669 5.55 36.10 38.38
N TYR A 670 5.56 36.87 39.46
CA TYR A 670 4.49 37.79 39.81
C TYR A 670 5.12 38.91 40.61
N LYS A 671 4.41 40.04 40.70
CA LYS A 671 4.91 41.20 41.42
C LYS A 671 5.43 40.81 42.80
N GLY A 672 6.71 41.10 43.04
CA GLY A 672 7.32 40.89 44.34
C GLY A 672 7.95 39.53 44.56
N SER A 673 7.80 38.60 43.63
CA SER A 673 8.29 37.25 43.83
C SER A 673 9.80 37.16 43.52
N THR A 674 10.41 36.13 44.09
CA THR A 674 11.81 35.84 43.79
C THR A 674 11.95 35.01 42.52
N ALA A 675 10.97 34.16 42.22
CA ALA A 675 10.97 33.36 41.00
C ALA A 675 10.92 34.29 39.79
N ARG A 676 11.44 33.80 38.68
CA ARG A 676 11.42 34.58 37.45
C ARG A 676 10.92 33.71 36.30
N LYS A 677 10.46 34.38 35.26
CA LYS A 677 9.91 33.74 34.07
C LYS A 677 10.63 34.31 32.87
N GLY A 678 10.75 33.48 31.84
CA GLY A 678 11.46 33.89 30.64
C GLY A 678 12.93 34.19 30.86
N VAL A 679 13.56 33.54 31.83
CA VAL A 679 15.01 33.66 31.97
C VAL A 679 15.68 33.12 30.72
N PHE A 680 16.60 33.92 30.15
CA PHE A 680 17.34 33.64 28.93
C PHE A 680 16.48 33.69 27.65
N ALA A 681 15.26 34.20 27.72
CA ALA A 681 14.39 34.27 26.55
C ALA A 681 14.84 35.40 25.65
N PRO A 682 15.16 35.15 24.40
CA PRO A 682 15.50 36.23 23.46
C PRO A 682 14.35 37.22 23.38
N PRO A 683 14.62 38.48 23.05
CA PRO A 683 13.55 39.46 22.95
C PRO A 683 12.73 39.23 21.70
N ARG A 684 11.46 39.64 21.77
CA ARG A 684 10.56 39.57 20.65
C ARG A 684 11.10 40.39 19.48
N GLY A 685 11.24 39.74 18.33
CA GLY A 685 11.77 40.38 17.15
C GLY A 685 13.22 40.09 16.86
N ALA A 686 13.89 39.33 17.74
CA ALA A 686 15.25 38.89 17.42
C ALA A 686 15.18 38.01 16.17
N ILE A 687 16.07 38.27 15.22
CA ILE A 687 16.14 37.52 13.96
C ILE A 687 17.57 37.05 13.75
N SER A 688 17.76 35.74 13.61
CA SER A 688 19.09 35.15 13.49
C SER A 688 19.22 34.44 12.15
N ARG A 689 20.41 34.52 11.58
CA ARG A 689 20.73 33.99 10.27
C ARG A 689 21.32 32.59 10.43
N VAL A 690 20.63 31.60 9.90
CA VAL A 690 21.14 30.24 9.88
C VAL A 690 21.85 29.95 8.57
N GLY A 691 21.31 30.48 7.48
CA GLY A 691 21.85 30.32 6.16
C GLY A 691 21.23 31.36 5.25
N ARG A 692 21.55 31.27 3.97
CA ARG A 692 21.12 32.33 3.07
C ARG A 692 19.61 32.40 2.96
N LEU A 693 18.93 31.28 3.07
CA LEU A 693 17.48 31.24 2.86
C LEU A 693 16.70 31.16 4.15
N THR A 694 17.35 31.21 5.31
CA THR A 694 16.68 30.80 6.54
C THR A 694 17.03 31.76 7.66
N ARG A 695 16.00 32.09 8.42
CA ARG A 695 16.11 32.94 9.61
C ARG A 695 15.33 32.28 10.75
N LEU A 696 15.80 32.54 11.95
CA LEU A 696 15.12 32.15 13.18
C LEU A 696 14.52 33.43 13.77
N LEU A 697 13.25 33.36 14.12
CA LEU A 697 12.48 34.50 14.59
C LEU A 697 11.99 34.23 15.99
N ALA A 698 12.39 35.08 16.93
CA ALA A 698 11.93 34.98 18.31
C ALA A 698 10.62 35.75 18.44
N VAL A 699 9.59 35.10 19.02
CA VAL A 699 8.27 35.71 19.13
C VAL A 699 7.86 35.89 20.57
N ASN A 700 8.18 34.91 21.45
CA ASN A 700 7.69 34.93 22.84
C ASN A 700 8.77 35.48 23.76
N SER A 701 8.64 36.73 24.10
CA SER A 701 9.55 37.43 24.98
C SER A 701 9.18 37.17 26.44
N PRO A 702 10.06 37.57 27.36
CA PRO A 702 9.75 37.38 28.79
C PRO A 702 8.41 37.94 29.19
N GLN A 703 8.10 39.15 28.75
CA GLN A 703 6.79 39.75 29.00
C GLN A 703 5.65 38.80 28.63
N LEU A 704 5.77 38.11 27.50
CA LEU A 704 4.72 37.24 27.00
C LEU A 704 4.77 35.85 27.62
N ILE A 705 5.90 35.45 28.19
CA ILE A 705 5.99 34.11 28.75
C ILE A 705 5.13 34.08 29.99
N LYS A 706 4.48 32.93 30.22
CA LYS A 706 3.37 32.86 31.15
C LYS A 706 3.83 32.64 32.60
N ARG A 707 4.73 31.68 32.83
CA ARG A 707 4.96 31.15 34.16
C ARG A 707 6.44 30.85 34.39
N ALA A 708 6.83 30.84 35.66
CA ALA A 708 8.21 30.53 36.00
C ALA A 708 8.65 29.22 35.38
N ASN A 709 7.80 28.21 35.41
CA ASN A 709 8.14 26.91 34.82
C ASN A 709 7.92 26.85 33.31
N THR A 710 7.52 27.92 32.67
CA THR A 710 7.38 27.86 31.21
C THR A 710 8.72 27.55 30.56
N PRO A 711 8.82 26.56 29.69
CA PRO A 711 10.09 26.30 29.02
C PRO A 711 10.64 27.51 28.31
N LEU A 712 11.95 27.46 28.03
CA LEU A 712 12.56 28.37 27.09
C LEU A 712 11.80 28.28 25.76
N PRO A 713 11.43 29.39 25.14
CA PRO A 713 10.62 29.31 23.91
C PRO A 713 11.44 28.79 22.76
N THR A 714 10.73 28.25 21.78
CA THR A 714 11.36 27.97 20.49
C THR A 714 11.01 29.04 19.46
N PRO A 715 11.98 29.53 18.71
CA PRO A 715 11.66 30.52 17.68
C PRO A 715 11.01 29.87 16.44
N LEU A 716 10.43 30.72 15.61
CA LEU A 716 9.94 30.30 14.31
C LEU A 716 11.11 30.24 13.34
N LEU A 717 11.08 29.23 12.49
CA LEU A 717 12.04 29.11 11.38
C LEU A 717 11.33 29.60 10.12
N VAL A 718 11.90 30.65 9.51
CA VAL A 718 11.41 31.28 8.29
C VAL A 718 12.34 30.92 7.16
N SER A 719 11.81 30.29 6.11
CA SER A 719 12.60 29.78 5.02
C SER A 719 12.06 30.32 3.70
N LEU A 720 12.93 30.90 2.90
CA LEU A 720 12.57 31.43 1.60
C LEU A 720 12.73 30.37 0.52
N HIS A 721 11.76 30.26 -0.32
CA HIS A 721 11.83 29.33 -1.44
C HIS A 721 12.95 29.77 -2.37
N PRO A 722 13.86 28.88 -2.74
CA PRO A 722 15.00 29.30 -3.61
C PRO A 722 14.62 29.92 -4.95
N ASP A 723 13.45 29.59 -5.51
CA ASP A 723 13.07 30.21 -6.76
C ASP A 723 12.38 31.56 -6.59
N SER A 724 12.33 32.08 -5.35
CA SER A 724 11.81 33.42 -5.11
C SER A 724 12.67 34.50 -5.79
N THR A 725 12.02 35.49 -6.41
CA THR A 725 12.74 36.60 -7.01
C THR A 725 13.01 37.73 -6.04
N PHE A 726 12.27 37.83 -4.95
CA PHE A 726 12.58 38.73 -3.85
C PHE A 726 13.28 37.92 -2.76
N LYS A 727 14.46 38.41 -2.34
CA LYS A 727 15.40 37.56 -1.61
C LYS A 727 15.66 37.99 -0.16
N ASP A 728 15.04 39.07 0.34
CA ASP A 728 15.38 39.64 1.65
C ASP A 728 14.58 38.93 2.75
N VAL A 729 15.18 37.90 3.36
CA VAL A 729 14.44 37.05 4.29
C VAL A 729 14.46 37.64 5.68
N ASP A 730 15.33 38.60 5.96
CA ASP A 730 15.19 39.39 7.19
C ASP A 730 13.88 40.21 7.15
N TYR A 731 13.64 40.89 6.03
CA TYR A 731 12.40 41.63 5.84
C TYR A 731 11.19 40.71 5.98
N LEU A 732 11.23 39.55 5.33
CA LEU A 732 10.09 38.63 5.34
C LEU A 732 9.88 38.07 6.76
N ALA A 733 10.97 37.80 7.49
CA ALA A 733 10.84 37.37 8.89
C ALA A 733 10.13 38.44 9.72
N GLU A 734 10.52 39.71 9.55
CA GLU A 734 9.91 40.77 10.33
C GLU A 734 8.43 40.95 9.96
N GLN A 735 8.13 40.84 8.66
CA GLN A 735 6.77 40.87 8.18
C GLN A 735 5.94 39.78 8.87
N ALA A 736 6.48 38.56 8.95
CA ALA A 736 5.75 37.50 9.62
C ALA A 736 5.51 37.81 11.09
N LEU A 737 6.49 38.47 11.73
CA LEU A 737 6.32 38.95 13.09
C LEU A 737 5.11 39.89 13.21
N LYS A 738 5.08 40.96 12.41
CA LYS A 738 3.97 41.89 12.50
C LYS A 738 2.63 41.18 12.28
N PHE A 739 2.58 40.18 11.39
CA PHE A 739 1.33 39.48 11.13
C PHE A 739 0.89 38.57 12.31
N THR A 740 1.77 38.22 13.25
CA THR A 740 1.27 37.58 14.45
C THR A 740 0.49 38.58 15.30
N SER A 741 0.76 39.85 15.16
CA SER A 741 0.13 40.88 15.98
C SER A 741 -1.18 41.36 15.39
N LEU A 742 -1.52 40.87 14.21
CA LEU A 742 -2.70 41.30 13.45
C LEU A 742 -3.93 40.45 13.77
N SER A 743 -3.80 39.43 14.63
CA SER A 743 -4.93 38.56 14.89
C SER A 743 -6.00 39.21 15.77
N TRP A 744 -7.25 39.17 15.30
CA TRP A 744 -8.39 39.65 16.06
C TRP A 744 -9.15 38.55 16.82
N ARG A 745 -8.53 37.37 16.98
CA ARG A 745 -9.02 36.39 17.92
C ARG A 745 -8.69 36.74 19.35
N SER A 746 -7.68 37.55 19.55
CA SER A 746 -7.09 37.69 20.86
C SER A 746 -6.41 39.03 20.95
N THR A 747 -6.28 39.48 22.16
CA THR A 747 -5.50 40.68 22.45
C THR A 747 -4.03 40.38 22.34
N LEU A 748 -3.63 39.18 22.71
CA LEU A 748 -2.27 38.72 22.59
C LEU A 748 -1.98 38.24 21.16
N PRO A 749 -0.74 38.30 20.74
CA PRO A 749 -0.41 37.90 19.37
C PRO A 749 -0.60 36.40 19.20
N ALA A 750 -0.72 35.99 17.93
CA ALA A 750 -0.89 34.60 17.60
C ALA A 750 0.47 33.91 17.45
N ALA A 751 0.45 32.60 17.42
CA ALA A 751 1.65 31.80 17.30
C ALA A 751 2.14 31.71 15.86
N THR A 752 1.36 32.18 14.88
CA THR A 752 1.76 32.13 13.49
C THR A 752 1.04 33.28 12.79
N PRO A 753 1.65 33.89 11.78
CA PRO A 753 1.00 35.02 11.10
C PRO A 753 -0.42 34.72 10.66
N VAL A 754 -1.28 35.78 10.68
CA VAL A 754 -2.70 35.58 10.44
C VAL A 754 -2.94 35.03 9.02
N THR A 755 -2.04 35.29 8.09
CA THR A 755 -2.20 34.77 6.76
C THR A 755 -2.34 33.26 6.76
N ILE A 756 -1.65 32.57 7.69
CA ILE A 756 -1.76 31.12 7.78
C ILE A 756 -2.82 30.72 8.78
N PHE A 757 -2.81 31.40 9.95
CA PHE A 757 -3.71 31.09 11.06
C PHE A 757 -5.17 31.23 10.67
N TYR A 758 -5.55 32.40 10.14
CA TYR A 758 -6.89 32.61 9.64
C TYR A 758 -7.29 31.55 8.61
N SER A 759 -6.36 31.22 7.70
CA SER A 759 -6.67 30.20 6.67
C SER A 759 -6.93 28.85 7.29
N GLU A 760 -6.18 28.48 8.33
CA GLU A 760 -6.46 27.23 9.02
C GLU A 760 -7.84 27.24 9.67
N ARG A 761 -8.19 28.33 10.35
CA ARG A 761 -9.53 28.41 10.93
C ARG A 761 -10.61 28.34 9.87
N ILE A 762 -10.41 29.00 8.73
CA ILE A 762 -11.40 29.00 7.66
C ILE A 762 -11.51 27.61 7.05
N ALA A 763 -10.38 26.97 6.79
CA ALA A 763 -10.38 25.62 6.22
C ALA A 763 -11.15 24.65 7.12
N GLU A 764 -10.92 24.72 8.44
CA GLU A 764 -11.56 23.79 9.34
C GLU A 764 -13.06 23.99 9.33
N LEU A 765 -13.51 25.25 9.49
CA LEU A 765 -14.92 25.55 9.54
C LEU A 765 -15.63 25.19 8.23
N LEU A 766 -15.12 25.70 7.09
CA LEU A 766 -15.79 25.39 5.82
C LEU A 766 -15.76 23.89 5.54
N GLY A 767 -14.70 23.18 5.97
CA GLY A 767 -14.63 21.75 5.79
C GLY A 767 -15.64 20.98 6.62
N ARG A 768 -15.87 21.42 7.85
CA ARG A 768 -16.93 20.82 8.66
C ARG A 768 -18.32 21.18 8.12
N LEU A 769 -18.51 22.43 7.72
CA LEU A 769 -19.82 22.86 7.20
C LEU A 769 -20.21 22.12 5.92
N LYS A 770 -19.24 21.72 5.10
CA LYS A 770 -19.50 21.02 3.85
C LYS A 770 -20.35 19.78 4.07
N SER A 771 -20.34 19.20 5.28
CA SER A 771 -21.10 18.00 5.56
C SER A 771 -22.33 18.26 6.42
N ILE A 772 -22.68 19.51 6.67
CA ILE A 772 -23.85 19.80 7.50
C ILE A 772 -25.05 20.01 6.58
N PRO A 773 -26.15 19.29 6.79
CA PRO A 773 -27.31 19.47 5.90
C PRO A 773 -27.79 20.91 6.02
N ASN A 774 -28.18 21.45 4.85
CA ASN A 774 -28.81 22.76 4.73
C ASN A 774 -27.82 23.90 4.80
N TRP A 775 -26.52 23.60 4.85
CA TRP A 775 -25.50 24.64 4.78
C TRP A 775 -25.43 25.25 3.38
N SER A 776 -25.34 26.59 3.31
CA SER A 776 -25.01 27.22 2.05
C SER A 776 -24.02 28.35 2.28
N SER A 777 -23.02 28.40 1.40
CA SER A 777 -21.99 29.43 1.39
C SER A 777 -22.44 30.70 0.71
N ALA A 778 -23.69 30.77 0.27
CA ALA A 778 -24.12 31.87 -0.59
C ALA A 778 -23.92 33.22 0.06
N ASN A 779 -24.04 33.33 1.35
CA ASN A 779 -23.89 34.66 1.97
C ASN A 779 -22.45 35.01 2.33
N LEU A 780 -21.50 34.10 2.17
CA LEU A 780 -20.12 34.42 2.61
C LEU A 780 -19.50 35.57 1.80
N ASN A 781 -19.93 35.80 0.57
CA ASN A 781 -19.47 36.94 -0.20
C ASN A 781 -20.55 37.99 -0.37
N ILE A 782 -21.62 37.90 0.39
CA ILE A 782 -22.70 38.88 0.27
C ILE A 782 -22.79 39.51 1.64
N LYS A 783 -23.74 39.07 2.49
CA LYS A 783 -23.88 39.70 3.79
C LYS A 783 -22.60 39.60 4.62
N LEU A 784 -21.79 38.58 4.41
CA LEU A 784 -20.59 38.34 5.21
C LEU A 784 -19.29 38.73 4.52
N LYS A 785 -19.38 39.42 3.36
CA LYS A 785 -18.17 39.76 2.61
C LYS A 785 -17.08 40.40 3.48
N TRP A 786 -17.47 41.33 4.35
CA TRP A 786 -16.53 42.04 5.21
C TRP A 786 -16.48 41.53 6.66
N SER A 787 -17.21 40.46 6.97
CA SER A 787 -17.28 39.96 8.31
C SER A 787 -16.15 38.97 8.55
N ARG A 788 -15.46 39.12 9.65
CA ARG A 788 -14.39 38.17 10.00
C ARG A 788 -15.03 37.03 10.80
N TRP A 789 -15.86 36.29 10.09
CA TRP A 789 -16.77 35.33 10.67
C TRP A 789 -16.07 34.08 11.10
N PHE A 790 -14.79 33.94 10.73
CA PHE A 790 -13.98 32.77 11.05
C PHE A 790 -13.20 32.89 12.34
N LEU A 791 -13.26 34.02 13.01
CA LEU A 791 -12.45 34.19 14.22
C LEU A 791 -12.90 33.32 15.37
N ARG D 34 19.54 -4.55 -11.65
CA ARG D 34 18.46 -5.46 -12.03
C ARG D 34 19.03 -6.88 -12.19
N GLN D 35 18.40 -7.86 -11.53
CA GLN D 35 19.00 -9.18 -11.41
C GLN D 35 18.08 -10.22 -10.79
N LEU D 36 17.99 -11.39 -11.42
CA LEU D 36 17.19 -12.49 -10.92
C LEU D 36 18.05 -13.74 -10.76
N VAL D 37 17.84 -14.44 -9.66
CA VAL D 37 18.68 -15.58 -9.26
C VAL D 37 17.99 -16.88 -9.62
N SER D 38 18.71 -17.77 -10.30
CA SER D 38 18.14 -19.04 -10.69
C SER D 38 18.25 -20.06 -9.56
N ASN D 39 17.79 -21.28 -9.87
CA ASN D 39 17.87 -22.42 -8.97
C ASN D 39 18.88 -23.46 -9.46
N GLY D 40 19.84 -23.04 -10.28
CA GLY D 40 20.83 -23.94 -10.83
C GLY D 40 22.24 -23.40 -10.67
N PHE D 41 23.21 -24.27 -10.90
CA PHE D 41 24.62 -23.95 -10.75
C PHE D 41 25.38 -24.25 -12.02
N GLU D 42 26.37 -23.41 -12.31
CA GLU D 42 27.26 -23.69 -13.42
C GLU D 42 27.93 -25.05 -13.22
N VAL D 43 28.20 -25.74 -14.33
CA VAL D 43 28.98 -26.96 -14.31
C VAL D 43 30.21 -26.71 -15.15
N ASN D 44 31.36 -26.59 -14.50
CA ASN D 44 32.62 -26.49 -15.23
C ASN D 44 32.92 -27.83 -15.87
N LEU D 45 33.09 -27.82 -17.18
CA LEU D 45 33.35 -29.02 -17.95
C LEU D 45 34.67 -28.86 -18.72
N PRO D 46 35.43 -29.94 -18.89
CA PRO D 46 36.63 -29.84 -19.72
C PRO D 46 36.27 -29.29 -21.10
N ASP D 47 37.18 -28.49 -21.64
CA ASP D 47 36.99 -27.95 -22.97
C ASP D 47 36.73 -29.04 -23.99
N GLN D 48 37.16 -30.27 -23.71
CA GLN D 48 37.35 -31.28 -24.74
C GLN D 48 37.26 -32.66 -24.11
N VAL D 49 36.77 -33.61 -24.90
CA VAL D 49 36.80 -35.01 -24.50
C VAL D 49 36.94 -35.84 -25.76
N GLU D 50 37.62 -36.98 -25.64
CA GLU D 50 37.83 -37.89 -26.75
C GLU D 50 36.67 -38.87 -26.87
N VAL D 51 36.29 -39.18 -28.09
CA VAL D 51 35.07 -39.90 -28.38
C VAL D 51 35.29 -40.72 -29.64
N ILE D 52 34.87 -41.99 -29.61
CA ILE D 52 34.88 -42.84 -30.81
C ILE D 52 33.48 -42.82 -31.38
N VAL D 53 33.38 -42.63 -32.69
CA VAL D 53 32.10 -42.55 -33.39
C VAL D 53 32.07 -43.62 -34.45
N ARG D 54 30.96 -44.34 -34.55
CA ARG D 54 30.76 -45.31 -35.62
C ARG D 54 29.34 -45.17 -36.14
N ASP D 55 29.20 -45.40 -37.45
CA ASP D 55 27.88 -45.35 -38.08
C ASP D 55 26.98 -46.42 -37.49
N LEU D 56 25.88 -46.00 -36.88
CA LEU D 56 24.88 -46.87 -36.28
C LEU D 56 23.52 -46.54 -36.89
N PRO D 57 23.35 -46.79 -38.20
CA PRO D 57 22.08 -46.46 -38.86
C PRO D 57 20.84 -46.91 -38.09
N ASP D 58 20.73 -48.21 -37.82
CA ASP D 58 19.57 -48.74 -37.13
C ASP D 58 19.70 -48.53 -35.62
N PRO D 59 18.83 -47.73 -35.00
CA PRO D 59 18.90 -47.58 -33.54
C PRO D 59 18.67 -48.88 -32.78
N SER D 60 18.12 -49.90 -33.43
CA SER D 60 17.84 -51.16 -32.75
C SER D 60 19.09 -51.76 -32.11
N LYS D 61 20.26 -51.53 -32.72
CA LYS D 61 21.52 -52.12 -32.26
C LYS D 61 22.12 -51.41 -31.05
N VAL D 62 21.52 -50.31 -30.60
CA VAL D 62 22.14 -49.52 -29.55
C VAL D 62 22.10 -50.27 -28.22
N LYS D 63 20.97 -50.93 -27.92
CA LYS D 63 20.78 -51.54 -26.61
C LYS D 63 21.82 -52.63 -26.36
N GLU D 64 22.02 -53.52 -27.32
CA GLU D 64 22.98 -54.60 -27.10
C GLU D 64 24.39 -54.05 -26.99
N GLU D 65 24.68 -52.94 -27.66
CA GLU D 65 26.00 -52.33 -27.58
C GLU D 65 26.20 -51.63 -26.24
N ARG D 66 25.16 -50.95 -25.72
CA ARG D 66 25.29 -50.33 -24.41
C ARG D 66 25.44 -51.39 -23.31
N THR D 67 24.82 -52.55 -23.49
CA THR D 67 24.97 -53.66 -22.57
C THR D 67 26.39 -54.23 -22.63
N ARG D 68 26.89 -54.51 -23.84
CA ARG D 68 28.27 -54.97 -23.98
C ARG D 68 29.25 -54.07 -23.24
N LEU D 69 29.16 -52.75 -23.43
CA LEU D 69 30.14 -51.79 -22.94
C LEU D 69 29.84 -51.27 -21.54
N MET D 70 28.94 -51.94 -20.82
CA MET D 70 28.48 -51.47 -19.53
C MET D 70 29.62 -51.30 -18.54
N GLY D 71 29.67 -50.14 -17.89
CA GLY D 71 30.63 -49.84 -16.87
C GLY D 71 31.91 -49.21 -17.40
N TYR D 72 32.26 -49.45 -18.64
CA TYR D 72 33.50 -48.95 -19.19
C TYR D 72 33.32 -47.81 -20.17
N TRP D 73 32.12 -47.66 -20.74
CA TRP D 73 31.81 -46.59 -21.68
C TRP D 73 30.43 -46.00 -21.43
N PHE D 74 30.33 -44.67 -21.51
CA PHE D 74 29.07 -44.00 -21.72
C PHE D 74 28.76 -43.98 -23.22
N VAL D 75 27.57 -44.41 -23.57
CA VAL D 75 27.15 -44.61 -24.94
C VAL D 75 25.94 -43.75 -25.22
N HIS D 76 25.94 -43.09 -26.37
CA HIS D 76 24.89 -42.15 -26.74
C HIS D 76 24.72 -42.16 -28.24
N TRP D 77 23.51 -42.48 -28.70
CA TRP D 77 23.18 -42.48 -30.11
C TRP D 77 22.61 -41.13 -30.51
N PHE D 78 23.06 -40.64 -31.65
CA PHE D 78 22.65 -39.30 -32.10
C PHE D 78 22.85 -39.20 -33.59
N ASP D 79 21.77 -38.92 -34.32
CA ASP D 79 21.84 -38.57 -35.73
C ASP D 79 22.49 -39.70 -36.55
N GLY D 80 22.05 -40.92 -36.29
CA GLY D 80 22.54 -42.06 -37.02
C GLY D 80 23.92 -42.54 -36.63
N LYS D 81 24.49 -42.02 -35.57
CA LYS D 81 25.84 -42.41 -35.17
C LYS D 81 25.92 -42.68 -33.68
N LEU D 82 26.68 -43.71 -33.32
CA LEU D 82 26.86 -44.13 -31.94
C LEU D 82 28.14 -43.52 -31.42
N PHE D 83 28.01 -42.62 -30.44
CA PHE D 83 29.14 -41.97 -29.80
C PHE D 83 29.49 -42.70 -28.51
N HIS D 84 30.80 -42.88 -28.29
CA HIS D 84 31.29 -43.61 -27.13
C HIS D 84 32.29 -42.75 -26.36
N LEU D 85 32.07 -42.62 -25.06
CA LEU D 85 32.98 -41.95 -24.16
C LEU D 85 33.47 -42.98 -23.18
N ARG D 86 34.77 -43.30 -23.22
CA ARG D 86 35.32 -44.19 -22.22
C ARG D 86 35.21 -43.53 -20.85
N ILE D 87 34.70 -44.29 -19.87
CA ILE D 87 34.57 -43.82 -18.50
C ILE D 87 35.38 -44.66 -17.53
N LYS D 88 36.02 -45.73 -18.01
CA LYS D 88 36.89 -46.57 -17.21
C LYS D 88 37.87 -47.24 -18.15
N ALA D 89 39.12 -47.38 -17.72
CA ALA D 89 40.11 -48.04 -18.56
C ALA D 89 39.93 -49.55 -18.49
N GLY D 90 40.23 -50.21 -19.59
CA GLY D 90 40.03 -51.64 -19.70
C GLY D 90 38.89 -51.98 -20.66
N GLY D 91 39.02 -53.13 -21.33
CA GLY D 91 38.08 -53.57 -22.34
C GLY D 91 36.68 -53.58 -21.81
N PRO D 92 35.69 -53.78 -22.69
CA PRO D 92 35.78 -54.01 -24.13
C PRO D 92 36.32 -52.85 -24.94
N ASN D 93 36.69 -53.11 -26.18
CA ASN D 93 37.14 -52.08 -27.09
C ASN D 93 36.01 -51.68 -28.01
N VAL D 94 36.10 -50.47 -28.55
CA VAL D 94 35.11 -49.89 -29.44
C VAL D 94 35.77 -49.60 -30.77
N ASP D 95 35.12 -50.02 -31.86
CA ASP D 95 35.58 -49.74 -33.22
C ASP D 95 34.97 -48.46 -33.74
N GLY D 96 35.80 -47.60 -34.35
CA GLY D 96 35.28 -46.41 -35.00
C GLY D 96 36.32 -45.32 -35.09
N GLU D 97 35.86 -44.11 -35.37
CA GLU D 97 36.72 -42.96 -35.60
C GLU D 97 36.90 -42.18 -34.30
N HIS D 98 38.14 -42.04 -33.87
CA HIS D 98 38.43 -41.20 -32.72
C HIS D 98 38.29 -39.74 -33.12
N ARG D 99 37.59 -38.96 -32.29
CA ARG D 99 37.38 -37.55 -32.55
C ARG D 99 37.43 -36.79 -31.23
N ALA D 100 37.68 -35.50 -31.33
CA ALA D 100 37.54 -34.59 -30.20
C ALA D 100 36.19 -33.92 -30.31
N ILE D 101 35.46 -33.87 -29.20
CA ILE D 101 34.17 -33.18 -29.12
C ILE D 101 34.41 -32.01 -28.19
N ARG D 102 34.37 -30.80 -28.73
CA ARG D 102 34.58 -29.60 -27.94
C ARG D 102 33.29 -29.23 -27.23
N THR D 103 33.38 -29.02 -25.92
CA THR D 103 32.19 -28.89 -25.10
C THR D 103 31.39 -27.66 -25.49
N ALA D 104 32.06 -26.50 -25.60
CA ALA D 104 31.37 -25.26 -25.97
C ALA D 104 30.56 -25.41 -27.24
N GLU D 105 31.06 -26.17 -28.20
CA GLU D 105 30.36 -26.32 -29.46
C GLU D 105 29.30 -27.41 -29.43
N HIS D 106 29.49 -28.44 -28.60
CA HIS D 106 28.61 -29.61 -28.59
C HIS D 106 28.42 -30.09 -27.15
N PRO D 107 27.63 -29.36 -26.36
CA PRO D 107 27.47 -29.72 -24.95
C PRO D 107 26.48 -30.85 -24.69
N TRP D 108 25.68 -31.25 -25.66
CA TRP D 108 24.70 -32.31 -25.42
C TRP D 108 25.36 -33.58 -24.86
N LEU D 109 26.55 -33.94 -25.35
CA LEU D 109 27.17 -35.21 -24.95
C LEU D 109 27.41 -35.26 -23.45
N LEU D 110 28.08 -34.25 -22.90
CA LEU D 110 28.38 -34.28 -21.48
C LEU D 110 27.17 -33.90 -20.63
N ARG D 111 26.17 -33.23 -21.21
CA ARG D 111 24.92 -33.07 -20.48
C ARG D 111 24.29 -34.44 -20.23
N ALA D 112 24.29 -35.30 -21.25
CA ALA D 112 23.78 -36.66 -21.08
C ALA D 112 24.63 -37.45 -20.11
N ARG D 113 25.96 -37.47 -20.33
CA ARG D 113 26.82 -38.19 -19.38
C ARG D 113 26.58 -37.68 -17.99
N LEU D 114 26.32 -36.38 -17.86
CA LEU D 114 26.12 -35.78 -16.55
C LEU D 114 24.83 -36.24 -15.90
N ASP D 115 23.84 -36.69 -16.69
CA ASP D 115 22.66 -37.33 -16.12
C ASP D 115 23.07 -38.54 -15.27
N ASP D 116 23.71 -39.53 -15.89
CA ASP D 116 24.16 -40.71 -15.15
C ASP D 116 25.10 -40.33 -14.02
N ALA D 117 26.00 -39.36 -14.27
CA ALA D 117 27.09 -39.11 -13.34
C ALA D 117 26.63 -38.48 -12.04
N LEU D 118 25.51 -37.74 -12.06
CA LEU D 118 25.02 -37.17 -10.81
C LEU D 118 24.53 -38.25 -9.87
N GLU D 119 23.94 -39.32 -10.41
CA GLU D 119 23.46 -40.40 -9.55
C GLU D 119 24.64 -41.21 -9.02
N GLU D 120 25.65 -41.45 -9.85
CA GLU D 120 26.89 -42.06 -9.37
C GLU D 120 27.54 -41.20 -8.29
N ALA D 121 27.31 -39.89 -8.32
CA ALA D 121 27.93 -39.00 -7.35
C ALA D 121 27.34 -39.18 -5.95
N LEU D 122 26.08 -39.57 -5.83
CA LEU D 122 25.39 -39.65 -4.55
C LEU D 122 24.92 -41.08 -4.26
N PRO D 123 25.84 -42.05 -4.20
CA PRO D 123 25.41 -43.45 -4.02
C PRO D 123 24.62 -43.71 -2.74
N LYS D 124 24.79 -42.88 -1.71
CA LYS D 124 24.01 -43.01 -0.48
C LYS D 124 22.54 -42.64 -0.67
N TYR D 125 22.22 -41.95 -1.77
CA TYR D 125 20.86 -41.44 -2.01
C TYR D 125 20.28 -42.13 -3.24
N ALA D 126 19.40 -43.10 -3.00
CA ALA D 126 18.85 -43.91 -4.09
C ALA D 126 17.83 -43.11 -4.90
N ALA D 127 17.80 -43.40 -6.20
CA ALA D 127 16.86 -42.76 -7.10
C ALA D 127 15.46 -43.24 -6.80
N VAL D 128 14.55 -42.28 -6.52
CA VAL D 128 13.12 -42.57 -6.58
C VAL D 128 12.56 -42.24 -7.97
N LYS D 129 13.25 -41.39 -8.74
CA LYS D 129 12.94 -41.10 -10.13
C LYS D 129 14.26 -41.01 -10.87
N LYS D 130 14.20 -41.13 -12.19
CA LYS D 130 15.41 -41.06 -13.01
C LYS D 130 15.22 -40.06 -14.14
N ARG D 131 16.37 -39.54 -14.60
CA ARG D 131 16.54 -38.67 -15.77
C ARG D 131 15.59 -37.47 -15.79
N PRO D 132 15.00 -37.13 -14.65
CA PRO D 132 15.68 -36.21 -13.74
C PRO D 132 15.95 -36.98 -12.44
N PHE D 133 17.22 -37.24 -12.14
CA PHE D 133 17.61 -37.90 -10.90
C PHE D 133 16.91 -37.23 -9.74
N THR D 134 16.17 -38.03 -8.98
CA THR D 134 15.36 -37.56 -7.86
C THR D 134 15.56 -38.50 -6.68
N PHE D 135 15.65 -37.92 -5.49
CA PHE D 135 15.98 -38.67 -4.29
C PHE D 135 15.40 -37.95 -3.09
N LEU D 136 15.38 -38.66 -1.96
CA LEU D 136 14.74 -38.21 -0.75
C LEU D 136 15.75 -37.76 0.29
N ALA D 137 15.29 -36.92 1.21
CA ALA D 137 16.07 -36.58 2.40
C ALA D 137 16.21 -37.80 3.30
N GLN D 138 17.40 -37.98 3.86
CA GLN D 138 17.67 -39.20 4.60
C GLN D 138 16.92 -39.23 5.91
N LYS D 139 16.80 -38.08 6.58
CA LYS D 139 16.31 -38.03 7.95
C LYS D 139 14.97 -37.35 8.08
N ASP D 140 14.79 -36.18 7.44
CA ASP D 140 13.62 -35.36 7.73
C ASP D 140 12.31 -36.07 7.36
N GLU D 141 11.29 -35.82 8.19
CA GLU D 141 9.96 -36.41 8.01
C GLU D 141 8.99 -35.43 8.65
N LEU D 142 8.16 -34.77 7.84
CA LEU D 142 7.41 -33.61 8.31
C LEU D 142 6.09 -33.94 8.98
N ILE D 143 5.59 -35.17 8.83
CA ILE D 143 4.39 -35.55 9.58
C ILE D 143 4.72 -35.66 11.08
N ASP D 144 5.85 -36.30 11.42
CA ASP D 144 6.27 -36.36 12.81
C ASP D 144 6.50 -34.96 13.35
N ALA D 145 7.25 -34.13 12.62
CA ALA D 145 7.56 -32.79 13.10
C ALA D 145 6.32 -31.92 13.15
N ALA D 146 5.33 -32.17 12.29
CA ALA D 146 4.10 -31.37 12.32
C ALA D 146 3.21 -31.75 13.49
N ALA D 147 3.14 -33.05 13.83
CA ALA D 147 2.33 -33.47 14.95
C ALA D 147 3.00 -33.13 16.30
N THR D 148 4.32 -33.13 16.36
CA THR D 148 5.02 -32.60 17.53
C THR D 148 4.72 -31.12 17.71
N ALA D 149 4.84 -30.34 16.63
CA ALA D 149 4.53 -28.91 16.70
C ALA D 149 3.10 -28.68 17.17
N ALA D 150 2.18 -29.54 16.76
CA ALA D 150 0.78 -29.40 17.14
C ALA D 150 0.43 -30.18 18.39
N GLY D 151 1.36 -30.99 18.92
CA GLY D 151 1.08 -31.90 20.00
C GLY D 151 -0.12 -32.79 19.75
N LEU D 152 -0.07 -33.60 18.69
CA LEU D 152 -1.07 -34.61 18.41
C LEU D 152 -0.38 -35.97 18.38
N SER D 153 -1.17 -37.03 18.57
CA SER D 153 -0.60 -38.36 18.58
C SER D 153 -1.62 -39.37 18.11
N HIS D 154 -1.12 -40.53 17.69
CA HIS D 154 -1.95 -41.68 17.31
C HIS D 154 -0.99 -42.81 16.98
N ARG D 155 -1.39 -44.07 17.25
CA ARG D 155 -0.53 -45.18 16.88
C ARG D 155 -0.01 -45.03 15.47
N LEU D 156 -0.93 -44.78 14.53
CA LEU D 156 -0.69 -44.93 13.12
C LEU D 156 -0.05 -43.71 12.46
N LEU D 157 0.05 -42.58 13.16
CA LEU D 157 0.68 -41.41 12.55
C LEU D 157 2.09 -41.72 12.05
N ASN D 158 2.76 -42.73 12.62
CA ASN D 158 4.14 -43.03 12.20
C ASN D 158 4.19 -43.62 10.80
N SER D 159 3.10 -44.21 10.33
CA SER D 159 3.04 -44.81 9.00
C SER D 159 2.54 -43.82 7.94
N PHE D 160 2.35 -42.55 8.31
CA PHE D 160 2.06 -41.49 7.35
C PHE D 160 3.33 -40.66 7.22
N LYS D 161 3.94 -40.67 6.03
CA LYS D 161 5.26 -40.10 5.83
C LYS D 161 5.19 -39.02 4.75
N VAL D 162 5.76 -37.85 5.08
CA VAL D 162 5.94 -36.75 4.14
C VAL D 162 7.42 -36.38 4.15
N ILE D 163 8.13 -36.76 3.09
CA ILE D 163 9.58 -36.70 3.05
C ILE D 163 9.99 -35.71 1.98
N PRO D 164 10.94 -34.81 2.25
CA PRO D 164 11.43 -33.93 1.20
C PRO D 164 12.08 -34.69 0.07
N ARG D 165 11.85 -34.21 -1.16
CA ARG D 165 12.26 -34.88 -2.39
C ARG D 165 13.00 -33.84 -3.21
N PHE D 166 14.15 -34.22 -3.74
CA PHE D 166 15.00 -33.32 -4.53
C PHE D 166 15.26 -33.92 -5.90
N ALA D 167 15.27 -33.05 -6.92
CA ALA D 167 15.64 -33.42 -8.27
C ALA D 167 16.76 -32.53 -8.77
N LEU D 168 17.67 -33.13 -9.53
CA LEU D 168 18.79 -32.42 -10.13
C LEU D 168 18.69 -32.58 -11.64
N SER D 169 18.44 -31.49 -12.33
CA SER D 169 18.24 -31.52 -13.77
C SER D 169 19.39 -30.82 -14.48
N PRO D 170 20.24 -31.53 -15.21
CA PRO D 170 21.27 -30.86 -16.01
C PRO D 170 20.67 -30.28 -17.29
N LYS D 171 20.83 -29.00 -17.49
CA LYS D 171 20.20 -28.29 -18.59
C LYS D 171 21.22 -27.42 -19.33
N ILE D 172 21.07 -27.37 -20.65
CA ILE D 172 21.81 -26.45 -21.47
C ILE D 172 21.13 -25.09 -21.45
N TYR D 173 21.91 -24.04 -21.23
CA TYR D 173 21.40 -22.66 -21.24
C TYR D 173 22.39 -21.77 -22.01
N GLU D 174 22.06 -20.49 -22.13
CA GLU D 174 22.89 -19.53 -22.85
C GLU D 174 23.15 -18.29 -22.01
N PRO D 175 24.32 -18.17 -21.39
CA PRO D 175 24.61 -16.92 -20.65
C PRO D 175 24.56 -15.70 -21.54
N VAL D 176 24.86 -15.84 -22.83
CA VAL D 176 24.80 -14.75 -23.79
C VAL D 176 24.52 -15.35 -25.15
N ASP D 177 23.85 -14.59 -26.01
CA ASP D 177 23.54 -15.06 -27.35
C ASP D 177 24.78 -15.66 -27.99
N GLY D 178 24.66 -16.89 -28.48
CA GLY D 178 25.76 -17.53 -29.17
C GLY D 178 26.44 -18.64 -28.38
N THR D 179 26.72 -18.40 -27.10
CA THR D 179 27.50 -19.33 -26.31
C THR D 179 26.61 -20.15 -25.38
N THR D 180 26.87 -21.44 -25.31
CA THR D 180 26.10 -22.39 -24.52
C THR D 180 26.88 -22.85 -23.29
N ARG D 181 26.15 -23.22 -22.26
CA ARG D 181 26.74 -23.78 -21.05
C ARG D 181 25.78 -24.82 -20.46
N VAL D 182 26.27 -25.52 -19.42
CA VAL D 182 25.51 -26.57 -18.75
C VAL D 182 25.34 -26.18 -17.29
N GLY D 183 24.12 -26.26 -16.80
CA GLY D 183 23.84 -26.05 -15.41
C GLY D 183 23.05 -27.22 -14.85
N VAL D 184 23.09 -27.32 -13.52
CA VAL D 184 22.36 -28.35 -12.80
C VAL D 184 21.35 -27.60 -11.96
N PHE D 185 20.09 -27.83 -12.25
CA PHE D 185 19.01 -27.08 -11.61
C PHE D 185 18.33 -27.95 -10.58
N VAL D 186 17.98 -27.34 -9.47
CA VAL D 186 17.55 -28.01 -8.26
C VAL D 186 16.07 -27.69 -8.05
N THR D 187 15.24 -28.74 -7.91
CA THR D 187 13.83 -28.58 -7.60
C THR D 187 13.49 -29.41 -6.38
N ILE D 188 12.53 -28.92 -5.59
CA ILE D 188 12.12 -29.58 -4.36
C ILE D 188 10.64 -29.89 -4.43
N GLY D 189 10.27 -31.07 -3.90
CA GLY D 189 8.88 -31.44 -3.70
C GLY D 189 8.74 -32.20 -2.40
N MET D 190 7.64 -32.93 -2.23
CA MET D 190 7.38 -33.71 -1.03
C MET D 190 6.77 -35.02 -1.45
N ARG D 191 7.42 -36.13 -1.11
CA ARG D 191 6.82 -37.46 -1.25
C ARG D 191 5.79 -37.68 -0.15
N TYR D 192 4.54 -37.95 -0.55
CA TYR D 192 3.51 -38.37 0.37
C TYR D 192 3.34 -39.88 0.25
N ASP D 193 3.24 -40.56 1.39
CA ASP D 193 3.21 -42.01 1.38
C ASP D 193 2.47 -42.49 2.62
N ILE D 194 1.46 -43.32 2.41
CA ILE D 194 0.74 -43.99 3.48
C ILE D 194 1.24 -45.44 3.48
N GLU D 195 2.16 -45.74 4.42
CA GLU D 195 2.71 -47.07 4.55
C GLU D 195 1.83 -47.96 5.42
N ALA D 196 0.89 -47.38 6.15
CA ALA D 196 -0.01 -48.13 7.02
C ALA D 196 -0.59 -49.34 6.31
N SER D 197 -0.89 -50.37 7.09
CA SER D 197 -1.57 -51.56 6.57
C SER D 197 -3.04 -51.27 6.33
N LEU D 198 -3.58 -51.87 5.26
CA LEU D 198 -5.01 -51.72 5.03
C LEU D 198 -5.81 -52.25 6.22
N ARG D 199 -5.42 -53.41 6.74
CA ARG D 199 -6.16 -54.03 7.84
C ARG D 199 -6.24 -53.07 9.04
N ASP D 200 -5.11 -52.50 9.44
CA ASP D 200 -5.12 -51.60 10.58
C ASP D 200 -6.02 -50.40 10.33
N LEU D 201 -6.03 -49.87 9.11
CA LEU D 201 -6.88 -48.73 8.81
C LEU D 201 -8.35 -49.10 8.88
N LEU D 202 -8.72 -50.25 8.30
CA LEU D 202 -10.06 -50.78 8.46
C LEU D 202 -10.48 -50.84 9.92
N GLU D 203 -9.70 -51.58 10.72
CA GLU D 203 -10.04 -51.78 12.12
C GLU D 203 -9.98 -50.49 12.92
N ALA D 204 -9.20 -49.51 12.48
CA ALA D 204 -9.17 -48.22 13.16
C ALA D 204 -10.37 -47.35 12.82
N GLY D 205 -11.22 -47.79 11.89
CA GLY D 205 -12.46 -47.11 11.58
C GLY D 205 -12.55 -46.53 10.19
N ILE D 206 -11.49 -46.57 9.40
CA ILE D 206 -11.47 -45.91 8.09
C ILE D 206 -12.27 -46.75 7.10
N ASP D 207 -13.25 -46.12 6.45
CA ASP D 207 -13.99 -46.75 5.35
C ASP D 207 -13.15 -46.65 4.08
N LEU D 208 -12.45 -47.74 3.74
CA LEU D 208 -11.60 -47.79 2.57
C LEU D 208 -12.37 -47.98 1.27
N ARG D 209 -13.69 -48.10 1.33
CA ARG D 209 -14.49 -48.33 0.13
C ARG D 209 -14.26 -47.20 -0.86
N GLY D 210 -13.71 -47.54 -2.04
CA GLY D 210 -13.52 -46.58 -3.10
C GLY D 210 -12.17 -45.90 -3.14
N MET D 211 -11.30 -46.19 -2.18
CA MET D 211 -9.98 -45.58 -2.17
C MET D 211 -9.08 -46.21 -3.23
N TYR D 212 -8.17 -45.41 -3.76
CA TYR D 212 -7.23 -45.89 -4.75
C TYR D 212 -6.05 -46.56 -4.05
N VAL D 213 -5.69 -47.75 -4.53
CA VAL D 213 -4.62 -48.56 -3.95
C VAL D 213 -3.56 -48.78 -5.01
N VAL D 214 -2.30 -48.80 -4.59
CA VAL D 214 -1.16 -48.97 -5.47
C VAL D 214 -0.28 -50.09 -4.90
N ARG D 215 0.64 -50.57 -5.74
CA ARG D 215 1.60 -51.57 -5.31
C ARG D 215 2.53 -51.04 -4.22
N ARG D 216 2.94 -51.93 -3.32
CA ARG D 216 3.99 -51.61 -2.37
C ARG D 216 5.36 -51.80 -3.01
N LYS D 217 5.56 -52.95 -3.65
CA LYS D 217 6.81 -53.25 -4.37
C LYS D 217 6.74 -52.58 -5.73
N ARG D 218 7.60 -51.58 -5.96
CA ARG D 218 7.52 -50.80 -7.18
C ARG D 218 7.64 -51.66 -8.43
N GLN D 219 8.52 -52.66 -8.40
CA GLN D 219 8.64 -53.66 -9.45
C GLN D 219 9.21 -53.07 -10.74
N PRO D 220 9.55 -53.90 -11.73
CA PRO D 220 9.99 -53.37 -13.02
C PRO D 220 8.83 -53.17 -13.98
N GLY D 221 9.04 -52.25 -14.91
CA GLY D 221 8.04 -51.94 -15.92
C GLY D 221 7.17 -50.73 -15.61
N GLU D 222 7.31 -50.15 -14.42
CA GLU D 222 6.66 -48.88 -14.05
C GLU D 222 5.13 -49.00 -14.10
N ARG D 223 4.63 -49.82 -13.16
CA ARG D 223 3.18 -49.99 -12.99
C ARG D 223 2.85 -49.91 -11.50
N GLY D 224 2.08 -48.92 -11.10
CA GLY D 224 1.75 -48.71 -9.72
C GLY D 224 0.28 -48.89 -9.38
N LEU D 225 -0.59 -48.12 -10.03
CA LEU D 225 -2.01 -48.11 -9.69
C LEU D 225 -2.64 -49.47 -9.92
N LEU D 226 -3.33 -49.96 -8.89
CA LEU D 226 -4.01 -51.26 -8.94
C LEU D 226 -5.49 -51.12 -9.27
N GLY D 227 -6.16 -50.21 -8.62
CA GLY D 227 -7.59 -50.04 -8.80
C GLY D 227 -8.20 -49.48 -7.52
N ARG D 228 -9.50 -49.65 -7.41
CA ARG D 228 -10.28 -49.09 -6.31
C ARG D 228 -10.73 -50.20 -5.38
N VAL D 229 -10.77 -49.90 -4.08
CA VAL D 229 -11.14 -50.91 -3.09
C VAL D 229 -12.64 -51.18 -3.21
N ARG D 230 -12.98 -52.40 -3.63
CA ARG D 230 -14.36 -52.87 -3.52
C ARG D 230 -14.60 -53.45 -2.12
N ALA D 231 -13.88 -54.52 -1.79
CA ALA D 231 -14.03 -55.15 -0.49
C ALA D 231 -12.69 -55.76 -0.08
N ILE D 232 -12.52 -55.92 1.24
CA ILE D 232 -11.31 -56.52 1.80
C ILE D 232 -11.74 -57.64 2.75
N SER D 233 -11.22 -58.85 2.51
CA SER D 233 -11.52 -60.02 3.33
C SER D 233 -10.23 -60.75 3.64
N ASP D 234 -9.86 -60.80 4.92
CA ASP D 234 -8.67 -61.51 5.40
C ASP D 234 -7.45 -60.82 4.81
N ASP D 235 -6.62 -61.52 4.03
CA ASP D 235 -5.43 -60.94 3.43
C ASP D 235 -5.63 -60.59 1.95
N MET D 236 -6.87 -60.56 1.48
CA MET D 236 -7.19 -60.35 0.08
C MET D 236 -8.14 -59.16 -0.08
N VAL D 237 -7.88 -58.33 -1.07
CA VAL D 237 -8.66 -57.12 -1.32
C VAL D 237 -9.28 -57.22 -2.72
N GLN D 238 -10.60 -57.09 -2.77
CA GLN D 238 -11.33 -57.07 -4.03
C GLN D 238 -11.32 -55.66 -4.59
N LEU D 239 -10.97 -55.53 -5.88
CA LEU D 239 -10.83 -54.24 -6.52
C LEU D 239 -11.98 -53.97 -7.48
N PHE D 240 -12.15 -52.69 -7.83
CA PHE D 240 -12.93 -52.28 -9.00
C PHE D 240 -12.23 -51.10 -9.68
N GLU D 241 -12.73 -50.76 -10.88
CA GLU D 241 -11.98 -49.91 -11.80
C GLU D 241 -10.52 -50.38 -11.84
N GLU D 242 -10.32 -51.68 -11.89
CA GLU D 242 -8.97 -52.23 -11.77
C GLU D 242 -8.14 -51.93 -13.02
N THR D 243 -6.87 -51.58 -12.78
CA THR D 243 -5.95 -51.32 -13.89
C THR D 243 -5.53 -52.61 -14.56
N ASP D 244 -5.37 -53.68 -13.78
CA ASP D 244 -4.92 -54.97 -14.32
C ASP D 244 -5.80 -56.09 -13.77
N LEU D 245 -5.64 -56.42 -12.50
CA LEU D 245 -6.31 -57.54 -11.88
C LEU D 245 -7.37 -57.06 -10.90
N ALA D 246 -8.37 -57.93 -10.69
CA ALA D 246 -9.50 -57.60 -9.82
C ALA D 246 -9.25 -57.93 -8.36
N SER D 247 -8.06 -58.43 -8.01
CA SER D 247 -7.79 -58.81 -6.63
C SER D 247 -6.29 -58.86 -6.39
N VAL D 248 -5.89 -58.54 -5.15
CA VAL D 248 -4.49 -58.55 -4.74
C VAL D 248 -4.45 -58.90 -3.26
N ASN D 249 -3.29 -59.32 -2.78
CA ASN D 249 -3.11 -59.58 -1.36
C ASN D 249 -2.95 -58.27 -0.61
N VAL D 250 -3.68 -58.13 0.51
CA VAL D 250 -3.65 -56.89 1.27
C VAL D 250 -2.23 -56.48 1.59
N ASN D 251 -1.31 -57.45 1.64
CA ASN D 251 0.08 -57.21 1.98
C ASN D 251 0.92 -56.69 0.80
N ASP D 252 0.41 -56.74 -0.43
CA ASP D 252 1.12 -56.25 -1.59
C ASP D 252 0.63 -54.88 -2.04
N ALA D 253 -0.21 -54.22 -1.23
CA ALA D 253 -0.94 -53.04 -1.69
C ALA D 253 -1.11 -52.04 -0.56
N LYS D 254 -1.12 -50.76 -0.94
CA LYS D 254 -1.24 -49.66 0.01
C LYS D 254 -2.12 -48.58 -0.60
N LEU D 255 -2.70 -47.75 0.27
CA LEU D 255 -3.36 -46.54 -0.21
C LEU D 255 -2.35 -45.71 -1.00
N GLU D 256 -2.81 -45.14 -2.12
CA GLU D 256 -1.97 -44.20 -2.86
C GLU D 256 -1.83 -42.93 -2.04
N GLY D 257 -0.64 -42.33 -2.10
CA GLY D 257 -0.33 -41.15 -1.29
C GLY D 257 -0.97 -39.87 -1.79
N SER D 258 -2.27 -39.93 -2.08
CA SER D 258 -2.99 -38.77 -2.55
C SER D 258 -3.44 -37.91 -1.39
N LYS D 259 -3.66 -36.64 -1.67
CA LYS D 259 -4.28 -35.76 -0.70
C LYS D 259 -5.61 -36.32 -0.23
N GLU D 260 -6.40 -36.90 -1.15
CA GLU D 260 -7.69 -37.46 -0.79
C GLU D 260 -7.54 -38.54 0.28
N ASN D 261 -6.66 -39.53 0.04
CA ASN D 261 -6.46 -40.60 1.00
C ASN D 261 -5.90 -40.08 2.32
N PHE D 262 -5.07 -39.05 2.29
CA PHE D 262 -4.55 -38.49 3.52
C PHE D 262 -5.65 -37.87 4.37
N THR D 263 -6.51 -37.04 3.74
CA THR D 263 -7.53 -36.34 4.51
C THR D 263 -8.64 -37.28 4.96
N ARG D 264 -8.91 -38.34 4.20
CA ARG D 264 -9.91 -39.31 4.62
C ARG D 264 -9.40 -40.14 5.81
N CYS D 265 -8.19 -40.70 5.72
CA CYS D 265 -7.62 -41.42 6.85
C CYS D 265 -7.51 -40.50 8.08
N LEU D 266 -6.74 -39.43 7.96
CA LEU D 266 -6.37 -38.63 9.12
C LEU D 266 -7.57 -37.97 9.78
N SER D 267 -8.58 -37.57 9.02
CA SER D 267 -9.77 -37.00 9.63
C SER D 267 -10.47 -38.04 10.48
N ALA D 268 -10.57 -39.28 9.98
CA ALA D 268 -11.14 -40.36 10.77
C ALA D 268 -10.30 -40.62 12.03
N LEU D 269 -8.99 -40.63 11.89
CA LEU D 269 -8.12 -41.01 13.00
C LEU D 269 -7.94 -39.89 14.02
N LEU D 270 -8.23 -38.63 13.66
CA LEU D 270 -7.91 -37.53 14.55
C LEU D 270 -9.07 -36.57 14.79
N GLY D 271 -9.97 -36.45 13.81
CA GLY D 271 -10.98 -35.40 13.82
C GLY D 271 -11.62 -35.20 15.17
N HIS D 272 -11.87 -33.95 15.58
CA HIS D 272 -11.75 -32.77 14.73
C HIS D 272 -10.37 -32.14 14.69
N ASN D 273 -9.44 -32.65 15.51
CA ASN D 273 -8.10 -32.08 15.55
C ASN D 273 -7.44 -32.02 14.17
N TYR D 274 -7.90 -32.84 13.23
CA TYR D 274 -7.19 -33.03 11.96
C TYR D 274 -6.98 -31.72 11.21
N LYS D 275 -7.69 -30.66 11.57
CA LYS D 275 -7.36 -29.34 11.05
C LYS D 275 -5.97 -28.91 11.52
N LYS D 276 -5.68 -29.09 12.81
CA LYS D 276 -4.43 -28.58 13.39
C LYS D 276 -3.21 -29.26 12.79
N LEU D 277 -3.30 -30.57 12.54
CA LEU D 277 -2.16 -31.27 11.96
C LEU D 277 -1.81 -30.71 10.60
N LEU D 278 -2.82 -30.44 9.76
CA LEU D 278 -2.53 -30.01 8.40
C LEU D 278 -1.93 -28.61 8.37
N ASN D 279 -2.51 -27.69 9.12
CA ASN D 279 -1.90 -26.37 9.23
C ASN D 279 -0.48 -26.48 9.77
N ALA D 280 -0.25 -27.39 10.72
CA ALA D 280 1.10 -27.67 11.19
C ALA D 280 1.96 -28.26 10.07
N LEU D 281 1.36 -29.12 9.23
CA LEU D 281 2.11 -29.71 8.12
C LEU D 281 2.47 -28.64 7.09
N ASP D 282 1.53 -27.77 6.78
CA ASP D 282 1.81 -26.65 5.88
C ASP D 282 3.02 -25.86 6.36
N ASP D 283 3.04 -25.53 7.66
CA ASP D 283 4.19 -24.84 8.24
C ASP D 283 5.50 -25.58 7.99
N GLN D 284 5.50 -26.90 8.23
CA GLN D 284 6.71 -27.69 7.96
C GLN D 284 7.16 -27.52 6.51
N GLU D 285 6.28 -27.82 5.55
CA GLU D 285 6.65 -27.67 4.15
C GLU D 285 7.09 -26.24 3.86
N ALA D 286 6.43 -25.26 4.47
CA ALA D 286 6.83 -23.88 4.30
C ALA D 286 8.31 -23.70 4.55
N GLY D 287 8.89 -24.51 5.45
CA GLY D 287 10.31 -24.43 5.74
C GLY D 287 11.19 -24.75 4.54
N TYR D 288 10.65 -25.47 3.56
CA TYR D 288 11.42 -25.86 2.39
C TYR D 288 10.97 -25.15 1.11
N ARG D 289 9.77 -24.56 1.09
CA ARG D 289 9.15 -24.09 -0.14
C ARG D 289 9.10 -22.57 -0.26
N THR D 290 9.07 -21.85 0.86
CA THR D 290 9.00 -20.39 0.79
C THR D 290 10.32 -19.83 0.25
N GLY D 291 10.24 -18.67 -0.39
CA GLY D 291 11.33 -18.09 -1.13
C GLY D 291 12.70 -18.22 -0.46
N PRO D 292 12.86 -17.64 0.73
CA PRO D 292 14.19 -17.65 1.36
C PRO D 292 14.59 -19.04 1.79
N ARG D 293 13.63 -19.84 2.28
CA ARG D 293 13.92 -21.20 2.68
C ARG D 293 14.28 -22.08 1.48
N PHE D 294 13.67 -21.83 0.33
CA PHE D 294 14.04 -22.55 -0.87
C PHE D 294 15.39 -22.08 -1.37
N ASP D 295 15.63 -20.78 -1.34
CA ASP D 295 16.92 -20.22 -1.74
C ASP D 295 18.05 -20.86 -0.97
N ASP D 296 17.84 -21.14 0.33
CA ASP D 296 18.88 -21.72 1.17
C ASP D 296 19.07 -23.21 0.89
N ALA D 297 17.97 -23.94 0.65
CA ALA D 297 18.10 -25.34 0.24
C ALA D 297 18.92 -25.47 -1.03
N VAL D 298 18.63 -24.64 -2.04
CA VAL D 298 19.43 -24.70 -3.26
C VAL D 298 20.90 -24.43 -2.92
N ARG D 299 21.14 -23.40 -2.11
CA ARG D 299 22.50 -23.04 -1.71
C ARG D 299 23.26 -24.24 -1.13
N ARG D 300 22.64 -24.98 -0.21
CA ARG D 300 23.27 -26.14 0.38
C ARG D 300 23.46 -27.28 -0.61
N MET D 301 22.53 -27.45 -1.55
CA MET D 301 22.70 -28.49 -2.55
C MET D 301 23.94 -28.23 -3.40
N GLY D 302 24.19 -26.96 -3.72
CA GLY D 302 25.39 -26.61 -4.46
C GLY D 302 26.66 -26.94 -3.70
N GLU D 303 26.70 -26.56 -2.42
CA GLU D 303 27.83 -26.91 -1.55
C GLU D 303 28.11 -28.41 -1.61
N PHE D 304 27.06 -29.20 -1.39
CA PHE D 304 27.20 -30.67 -1.42
C PHE D 304 27.74 -31.13 -2.77
N LEU D 305 27.18 -30.64 -3.87
CA LEU D 305 27.59 -31.13 -5.17
C LEU D 305 28.99 -30.66 -5.57
N ALA D 306 29.37 -29.45 -5.18
CA ALA D 306 30.70 -28.94 -5.51
C ALA D 306 31.78 -29.49 -4.56
N LYS D 307 31.39 -30.14 -3.46
CA LYS D 307 32.37 -30.63 -2.48
C LYS D 307 33.53 -31.37 -3.15
N LYS D 308 33.23 -32.29 -4.05
CA LYS D 308 34.22 -33.05 -4.78
C LYS D 308 33.89 -32.93 -6.26
N PRO D 309 34.87 -33.16 -7.13
CA PRO D 309 34.56 -33.16 -8.57
C PRO D 309 33.66 -34.33 -8.89
N ILE D 310 32.88 -34.15 -9.95
CA ILE D 310 32.05 -35.23 -10.49
C ILE D 310 32.85 -35.95 -11.55
N ARG D 311 32.92 -37.28 -11.44
CA ARG D 311 33.69 -38.11 -12.35
C ARG D 311 32.84 -38.42 -13.57
N LEU D 312 33.12 -37.79 -14.69
CA LEU D 312 32.57 -38.16 -15.97
C LEU D 312 33.29 -39.38 -16.53
N ALA D 313 34.57 -39.54 -16.20
CA ALA D 313 35.34 -40.74 -16.46
C ALA D 313 36.32 -40.90 -15.30
N ASP D 314 36.96 -42.08 -15.23
CA ASP D 314 37.99 -42.32 -14.22
C ASP D 314 39.07 -41.24 -14.26
N ASN D 315 39.33 -40.67 -15.42
CA ASN D 315 40.40 -39.69 -15.57
C ASN D 315 39.90 -38.34 -16.05
N ILE D 316 38.58 -38.10 -16.00
CA ILE D 316 37.96 -36.88 -16.51
C ILE D 316 36.96 -36.37 -15.48
N ASN D 317 37.10 -35.10 -15.10
CA ASN D 317 36.35 -34.55 -14.00
C ASN D 317 35.54 -33.34 -14.43
N ALA D 318 34.54 -33.03 -13.61
CA ALA D 318 33.68 -31.86 -13.79
C ALA D 318 33.42 -31.30 -12.39
N GLN D 319 33.11 -30.01 -12.33
CA GLN D 319 33.04 -29.31 -11.05
C GLN D 319 31.86 -28.36 -11.02
N VAL D 320 31.10 -28.43 -9.95
CA VAL D 320 29.98 -27.51 -9.74
C VAL D 320 30.51 -26.12 -9.41
N GLY D 321 29.98 -25.12 -10.08
CA GLY D 321 30.44 -23.75 -9.85
C GLY D 321 29.43 -22.85 -9.15
N ASP D 322 29.37 -21.60 -9.58
CA ASP D 322 28.52 -20.60 -8.96
C ASP D 322 27.06 -20.71 -9.42
N ARG D 323 26.15 -20.28 -8.54
CA ARG D 323 24.75 -20.13 -8.89
C ARG D 323 24.59 -19.38 -10.21
N ILE D 324 23.70 -19.90 -11.06
CA ILE D 324 23.35 -19.23 -12.31
C ILE D 324 22.40 -18.07 -11.98
N VAL D 325 22.59 -16.94 -12.68
CA VAL D 325 21.85 -15.71 -12.42
C VAL D 325 21.42 -15.11 -13.76
N PHE D 326 20.35 -14.32 -13.70
CA PHE D 326 19.84 -13.61 -14.88
C PHE D 326 19.97 -12.11 -14.60
N SER D 327 20.88 -11.45 -15.32
CA SER D 327 21.08 -10.01 -15.17
C SER D 327 21.55 -9.43 -16.50
N ASN D 328 21.62 -8.11 -16.55
CA ASN D 328 22.09 -7.39 -17.74
C ASN D 328 23.47 -6.80 -17.53
N GLU D 329 24.17 -7.20 -16.47
CA GLU D 329 25.52 -6.70 -16.22
C GLU D 329 26.51 -7.30 -17.20
N GLY D 330 27.38 -6.44 -17.76
CA GLY D 330 28.36 -6.91 -18.73
C GLY D 330 27.72 -7.09 -20.10
N GLN D 331 28.24 -8.10 -20.84
CA GLN D 331 27.66 -8.42 -22.13
C GLN D 331 26.25 -9.00 -21.98
N ALA D 332 25.99 -9.66 -20.85
CA ALA D 332 24.71 -10.31 -20.64
C ALA D 332 23.57 -9.30 -20.73
N ARG D 333 22.50 -9.70 -21.44
CA ARG D 333 21.26 -8.92 -21.56
C ARG D 333 20.13 -9.94 -21.36
N ASN D 334 19.90 -10.32 -20.10
CA ASN D 334 19.17 -11.55 -19.81
C ASN D 334 17.88 -11.34 -19.03
N VAL D 335 17.48 -10.12 -18.70
CA VAL D 335 16.27 -9.93 -17.91
C VAL D 335 15.64 -8.56 -18.12
N ARG D 336 14.41 -8.54 -18.63
CA ARG D 336 13.62 -7.33 -18.72
C ARG D 336 12.34 -7.48 -17.89
N LEU D 337 11.63 -6.38 -17.74
CA LEU D 337 10.39 -6.35 -16.96
C LEU D 337 9.30 -5.74 -17.83
N ALA D 338 8.29 -6.55 -18.18
CA ALA D 338 7.17 -6.02 -18.94
C ALA D 338 6.42 -5.00 -18.10
N PRO D 339 5.90 -3.93 -18.71
CA PRO D 339 5.02 -3.03 -17.97
C PRO D 339 3.78 -3.76 -17.48
N LYS D 340 3.14 -3.17 -16.47
CA LYS D 340 1.93 -3.78 -15.92
C LYS D 340 0.86 -3.88 -17.00
N VAL D 341 0.02 -4.90 -16.89
CA VAL D 341 -1.13 -5.01 -17.79
C VAL D 341 -2.16 -3.95 -17.43
N GLU D 342 -2.75 -3.34 -18.45
CA GLU D 342 -3.84 -2.39 -18.26
C GLU D 342 -5.16 -3.04 -18.70
N TYR D 343 -6.10 -3.10 -17.76
CA TYR D 343 -7.49 -3.50 -18.04
C TYR D 343 -8.22 -2.29 -18.61
N VAL D 344 -8.60 -2.36 -19.89
CA VAL D 344 -9.19 -1.22 -20.58
C VAL D 344 -10.70 -1.43 -20.73
N PHE D 345 -11.44 -0.33 -20.68
CA PHE D 345 -12.89 -0.39 -20.66
C PHE D 345 -13.54 0.54 -21.67
N ASP D 346 -12.82 1.01 -22.67
CA ASP D 346 -13.44 1.76 -23.75
C ASP D 346 -12.60 1.57 -25.01
N ARG D 347 -13.24 1.82 -26.16
CA ARG D 347 -12.54 1.72 -27.44
C ARG D 347 -11.44 2.77 -27.56
N THR D 348 -11.57 3.90 -26.86
CA THR D 348 -10.53 4.92 -26.89
C THR D 348 -9.27 4.48 -26.17
N GLY D 349 -9.38 3.53 -25.24
CA GLY D 349 -8.27 3.17 -24.38
C GLY D 349 -8.11 4.06 -23.17
N ALA D 350 -8.88 5.14 -23.06
CA ALA D 350 -8.69 6.11 -21.98
C ALA D 350 -9.11 5.52 -20.64
N LYS D 351 -10.29 4.91 -20.57
CA LYS D 351 -10.75 4.27 -19.35
C LYS D 351 -9.98 2.97 -19.17
N SER D 352 -9.03 2.95 -18.23
CA SER D 352 -8.21 1.76 -18.00
C SER D 352 -7.91 1.64 -16.51
N ALA D 353 -7.50 0.44 -16.12
CA ALA D 353 -7.16 0.18 -14.74
C ALA D 353 -6.14 -0.95 -14.71
N GLU D 354 -5.50 -1.10 -13.54
CA GLU D 354 -4.50 -2.14 -13.34
C GLU D 354 -5.09 -3.41 -12.77
N TYR D 355 -6.36 -3.36 -12.36
CA TYR D 355 -7.05 -4.52 -11.79
C TYR D 355 -8.47 -4.60 -12.36
N ALA D 356 -8.90 -5.81 -12.72
CA ALA D 356 -10.16 -6.00 -13.41
C ALA D 356 -11.34 -5.44 -12.60
N TRP D 357 -11.50 -5.89 -11.36
CA TRP D 357 -12.69 -5.51 -10.59
C TRP D 357 -12.74 -4.00 -10.32
N ARG D 358 -11.61 -3.41 -9.90
CA ARG D 358 -11.58 -1.96 -9.70
C ARG D 358 -12.00 -1.22 -10.98
N GLY D 359 -11.49 -1.68 -12.13
CA GLY D 359 -11.80 -1.01 -13.37
C GLY D 359 -13.26 -1.19 -13.79
N LEU D 360 -13.86 -2.31 -13.42
CA LEU D 360 -15.22 -2.60 -13.85
C LEU D 360 -16.24 -1.88 -12.96
N SER D 361 -16.01 -1.87 -11.64
CA SER D 361 -16.81 -1.07 -10.73
C SER D 361 -16.71 0.40 -11.07
N GLN D 362 -15.53 0.85 -11.48
CA GLN D 362 -15.36 2.25 -11.86
C GLN D 362 -16.13 2.56 -13.15
N PHE D 363 -15.76 1.91 -14.25
CA PHE D 363 -16.25 2.32 -15.55
C PHE D 363 -17.42 1.49 -16.09
N GLY D 364 -17.71 0.34 -15.50
CA GLY D 364 -18.60 -0.61 -16.15
C GLY D 364 -17.94 -1.26 -17.36
N PRO D 365 -18.66 -2.15 -18.03
CA PRO D 365 -17.99 -3.03 -19.02
C PRO D 365 -17.59 -2.34 -20.30
N PHE D 366 -16.55 -2.90 -20.93
CA PHE D 366 -15.99 -2.36 -22.16
C PHE D 366 -17.03 -2.13 -23.25
N ASP D 367 -18.14 -2.88 -23.24
CA ASP D 367 -19.13 -2.79 -24.30
C ASP D 367 -20.47 -2.23 -23.81
N ARG D 368 -20.47 -1.50 -22.71
CA ARG D 368 -21.70 -0.92 -22.20
C ARG D 368 -22.53 -0.20 -23.27
N PRO D 369 -21.96 0.62 -24.14
CA PRO D 369 -22.80 1.40 -25.04
C PRO D 369 -23.45 0.58 -26.11
N SER D 370 -22.86 -0.54 -26.50
CA SER D 370 -23.37 -1.36 -27.58
C SER D 370 -23.95 -2.69 -27.13
N PHE D 371 -23.96 -2.98 -25.83
CA PHE D 371 -24.43 -4.28 -25.39
C PHE D 371 -25.91 -4.41 -25.70
N ALA D 372 -26.30 -5.53 -26.33
CA ALA D 372 -27.58 -5.63 -27.00
C ALA D 372 -28.66 -6.30 -26.17
N ASN D 373 -28.33 -6.94 -25.06
CA ASN D 373 -29.32 -7.62 -24.24
C ASN D 373 -29.33 -7.00 -22.83
N ARG D 374 -29.85 -5.78 -22.75
CA ARG D 374 -29.92 -5.08 -21.47
C ARG D 374 -31.07 -5.54 -20.58
N SER D 375 -31.97 -6.38 -21.09
CA SER D 375 -33.10 -6.89 -20.31
C SER D 375 -33.17 -8.41 -20.46
N PRO D 376 -32.15 -9.12 -19.99
CA PRO D 376 -32.17 -10.57 -20.15
C PRO D 376 -33.17 -11.22 -19.23
N ARG D 377 -33.80 -12.27 -19.75
CA ARG D 377 -34.61 -13.20 -18.99
C ARG D 377 -33.76 -14.41 -18.69
N ILE D 378 -33.68 -14.80 -17.43
CA ILE D 378 -32.79 -15.87 -17.00
C ILE D 378 -33.64 -16.96 -16.34
N LEU D 379 -33.60 -18.16 -16.90
CA LEU D 379 -34.17 -19.35 -16.26
C LEU D 379 -33.36 -19.75 -15.05
N VAL D 380 -34.05 -20.07 -13.94
CA VAL D 380 -33.38 -20.54 -12.71
C VAL D 380 -33.94 -21.91 -12.37
N VAL D 381 -33.10 -22.93 -12.48
CA VAL D 381 -33.47 -24.33 -12.29
C VAL D 381 -32.80 -24.77 -11.00
N TYR D 382 -33.63 -25.20 -10.03
CA TYR D 382 -33.17 -25.43 -8.68
C TYR D 382 -34.05 -26.48 -8.02
N PRO D 383 -33.48 -27.31 -7.12
CA PRO D 383 -34.33 -28.22 -6.33
C PRO D 383 -35.30 -27.43 -5.48
N SER D 384 -36.58 -27.86 -5.51
CA SER D 384 -37.63 -27.08 -4.85
C SER D 384 -37.37 -26.88 -3.36
N SER D 385 -36.74 -27.85 -2.68
CA SER D 385 -36.44 -27.67 -1.27
C SER D 385 -35.42 -26.58 -1.00
N THR D 386 -34.69 -26.10 -2.01
CA THR D 386 -33.73 -25.01 -1.81
C THR D 386 -34.32 -23.65 -2.12
N GLN D 387 -35.63 -23.57 -2.35
CA GLN D 387 -36.27 -22.33 -2.78
C GLN D 387 -35.77 -21.09 -2.08
N GLY D 388 -35.91 -21.03 -0.76
CA GLY D 388 -35.56 -19.80 -0.05
C GLY D 388 -34.09 -19.48 -0.08
N LYS D 389 -33.24 -20.51 0.00
CA LYS D 389 -31.80 -20.29 -0.17
C LYS D 389 -31.52 -19.70 -1.56
N VAL D 390 -32.14 -20.25 -2.60
CA VAL D 390 -31.89 -19.76 -3.95
C VAL D 390 -32.36 -18.32 -4.09
N GLU D 391 -33.51 -17.99 -3.51
CA GLU D 391 -34.03 -16.62 -3.62
C GLU D 391 -33.05 -15.61 -3.04
N ASN D 392 -32.41 -15.96 -1.92
CA ASN D 392 -31.41 -15.08 -1.32
C ASN D 392 -30.23 -14.87 -2.26
N PHE D 393 -29.70 -15.97 -2.80
CA PHE D 393 -28.57 -15.89 -3.73
C PHE D 393 -28.90 -14.97 -4.88
N LEU D 394 -30.04 -15.20 -5.54
CA LEU D 394 -30.40 -14.39 -6.70
C LEU D 394 -30.55 -12.93 -6.32
N SER D 395 -31.13 -12.65 -5.15
CA SER D 395 -31.31 -11.28 -4.74
C SER D 395 -29.96 -10.60 -4.55
N ALA D 396 -29.05 -11.25 -3.82
CA ALA D 396 -27.71 -10.70 -3.67
C ALA D 396 -27.03 -10.54 -5.03
N PHE D 397 -27.20 -11.52 -5.92
CA PHE D 397 -26.56 -11.46 -7.25
C PHE D 397 -27.09 -10.26 -8.05
N ARG D 398 -28.41 -10.10 -8.09
CA ARG D 398 -28.97 -9.08 -8.99
C ARG D 398 -28.93 -7.71 -8.36
N ASP D 399 -29.40 -7.59 -7.12
CA ASP D 399 -29.56 -6.29 -6.47
C ASP D 399 -28.41 -5.96 -5.53
N GLY D 400 -27.44 -6.86 -5.41
CA GLY D 400 -26.23 -6.57 -4.65
C GLY D 400 -26.42 -6.77 -3.17
N MET D 401 -25.31 -6.74 -2.45
CA MET D 401 -25.30 -7.04 -1.03
C MET D 401 -25.25 -5.81 -0.15
N GLY D 402 -25.00 -4.63 -0.72
CA GLY D 402 -25.03 -3.39 0.03
C GLY D 402 -23.67 -2.96 0.52
N SER D 403 -23.67 -1.83 1.25
CA SER D 403 -22.44 -1.15 1.60
C SER D 403 -21.51 -2.03 2.44
N ASN D 404 -22.07 -2.85 3.32
CA ASN D 404 -21.24 -3.60 4.26
C ASN D 404 -20.39 -4.67 3.61
N TYR D 405 -20.59 -4.95 2.31
CA TYR D 405 -19.74 -5.89 1.56
C TYR D 405 -19.31 -5.17 0.28
N SER D 406 -18.18 -4.45 0.38
CA SER D 406 -17.71 -3.62 -0.72
C SER D 406 -17.37 -4.42 -1.96
N GLY D 407 -17.07 -5.72 -1.81
CA GLY D 407 -16.75 -6.55 -2.96
C GLY D 407 -17.89 -6.73 -3.94
N PHE D 408 -19.13 -6.52 -3.51
CA PHE D 408 -20.26 -6.67 -4.40
C PHE D 408 -21.46 -5.87 -3.89
N SER D 409 -21.43 -4.56 -4.08
CA SER D 409 -22.44 -3.67 -3.52
C SER D 409 -23.54 -3.34 -4.53
N LYS D 410 -23.16 -2.98 -5.75
CA LYS D 410 -24.13 -2.53 -6.73
C LYS D 410 -25.11 -3.65 -7.10
N GLY D 411 -24.60 -4.84 -7.37
CA GLY D 411 -25.38 -5.91 -7.97
C GLY D 411 -25.18 -5.97 -9.49
N PHE D 412 -25.54 -7.14 -10.05
CA PHE D 412 -25.32 -7.40 -11.47
C PHE D 412 -25.83 -6.26 -12.33
N VAL D 413 -27.08 -5.84 -12.09
CA VAL D 413 -27.73 -4.90 -12.98
C VAL D 413 -26.98 -3.56 -13.01
N ASP D 414 -26.73 -2.97 -11.85
CA ASP D 414 -26.02 -1.69 -11.83
C ASP D 414 -24.56 -1.87 -12.17
N LEU D 415 -23.97 -3.00 -11.79
CA LEU D 415 -22.58 -3.29 -12.14
C LEU D 415 -22.37 -3.21 -13.64
N MET D 416 -23.23 -3.89 -14.41
CA MET D 416 -23.03 -4.00 -15.85
C MET D 416 -23.81 -2.96 -16.65
N GLY D 417 -24.58 -2.09 -15.99
CA GLY D 417 -25.35 -1.09 -16.70
C GLY D 417 -26.60 -1.61 -17.38
N LEU D 418 -27.18 -2.68 -16.87
CA LEU D 418 -28.36 -3.28 -17.47
C LEU D 418 -29.62 -2.49 -17.10
N THR D 419 -30.68 -2.70 -17.91
CA THR D 419 -31.97 -2.13 -17.56
C THR D 419 -32.61 -2.91 -16.41
N LYS D 420 -32.73 -4.23 -16.56
CA LYS D 420 -33.17 -5.09 -15.46
C LYS D 420 -32.89 -6.54 -15.86
N VAL D 421 -33.17 -7.45 -14.93
CA VAL D 421 -33.01 -8.88 -15.15
C VAL D 421 -34.25 -9.57 -14.61
N GLU D 422 -34.90 -10.37 -15.45
CA GLU D 422 -36.07 -11.13 -15.04
C GLU D 422 -35.66 -12.58 -14.86
N PHE D 423 -35.98 -13.13 -13.68
CA PHE D 423 -35.74 -14.52 -13.35
C PHE D 423 -37.01 -15.32 -13.60
N VAL D 424 -36.88 -16.43 -14.34
CA VAL D 424 -37.97 -17.35 -14.60
C VAL D 424 -37.69 -18.60 -13.77
N MET D 425 -38.52 -18.85 -12.75
CA MET D 425 -38.22 -19.88 -11.76
C MET D 425 -38.70 -21.25 -12.22
N CYS D 426 -37.77 -22.20 -12.21
CA CYS D 426 -38.00 -23.56 -12.66
C CYS D 426 -37.63 -24.52 -11.54
N PRO D 427 -38.44 -24.58 -10.47
CA PRO D 427 -38.19 -25.57 -9.42
C PRO D 427 -38.30 -26.99 -9.94
N VAL D 428 -37.49 -27.87 -9.35
CA VAL D 428 -37.42 -29.27 -9.72
C VAL D 428 -37.70 -30.11 -8.49
N GLU D 429 -38.61 -31.07 -8.65
CA GLU D 429 -39.00 -31.98 -7.56
C GLU D 429 -37.98 -33.10 -7.46
N VAL D 430 -36.87 -32.82 -6.80
CA VAL D 430 -35.76 -33.76 -6.78
C VAL D 430 -35.06 -33.69 -5.42
N SER D 431 -34.55 -34.82 -4.98
CA SER D 431 -33.86 -34.92 -3.70
C SER D 431 -32.41 -35.29 -3.92
N SER D 432 -31.54 -34.83 -3.01
CA SER D 432 -30.11 -35.13 -3.13
C SER D 432 -29.83 -36.64 -3.12
N ALA D 433 -30.65 -37.40 -2.40
CA ALA D 433 -30.45 -38.84 -2.30
C ALA D 433 -30.70 -39.56 -3.61
N ASP D 434 -31.48 -38.96 -4.50
CA ASP D 434 -31.74 -39.54 -5.83
C ASP D 434 -30.47 -39.45 -6.66
N ARG D 435 -29.90 -40.60 -6.99
CA ARG D 435 -28.66 -40.63 -7.75
C ARG D 435 -28.83 -41.26 -9.13
N ASN D 436 -30.00 -41.79 -9.45
CA ASN D 436 -30.18 -42.45 -10.73
C ASN D 436 -31.17 -41.75 -11.65
N GLY D 437 -31.93 -40.77 -11.15
CA GLY D 437 -32.87 -40.07 -12.00
C GLY D 437 -32.92 -38.57 -11.78
N ALA D 438 -31.94 -38.03 -11.04
CA ALA D 438 -31.88 -36.58 -10.85
C ALA D 438 -31.79 -35.84 -12.20
N HIS D 439 -30.95 -36.31 -13.11
CA HIS D 439 -30.78 -35.61 -14.38
C HIS D 439 -32.07 -35.62 -15.19
N THR D 440 -32.77 -36.75 -15.22
CA THR D 440 -34.04 -36.80 -15.93
C THR D 440 -35.04 -35.83 -15.30
N LYS D 441 -35.02 -35.69 -13.97
CA LYS D 441 -35.97 -34.79 -13.35
C LYS D 441 -35.67 -33.34 -13.70
N TYR D 442 -34.39 -32.97 -13.70
CA TYR D 442 -34.02 -31.62 -14.09
C TYR D 442 -34.47 -31.31 -15.51
N ASN D 443 -34.16 -32.20 -16.44
CA ASN D 443 -34.45 -31.91 -17.86
C ASN D 443 -35.95 -31.90 -18.18
N SER D 444 -36.76 -32.73 -17.50
CA SER D 444 -38.21 -32.66 -17.70
C SER D 444 -38.78 -31.36 -17.21
N ALA D 445 -38.27 -30.85 -16.09
CA ALA D 445 -38.74 -29.57 -15.59
C ALA D 445 -38.38 -28.44 -16.53
N ILE D 446 -37.15 -28.45 -17.08
CA ILE D 446 -36.74 -27.41 -18.04
C ILE D 446 -37.64 -27.46 -19.28
N GLU D 447 -37.81 -28.65 -19.83
CA GLU D 447 -38.66 -28.79 -21.02
C GLU D 447 -40.09 -28.30 -20.76
N ASP D 448 -40.72 -28.83 -19.70
CA ASP D 448 -42.06 -28.39 -19.37
C ASP D 448 -42.11 -26.88 -19.14
N LYS D 449 -41.12 -26.29 -18.53
CA LYS D 449 -41.17 -24.86 -18.27
C LYS D 449 -40.85 -23.99 -19.50
N LEU D 450 -39.99 -24.44 -20.41
CA LEU D 450 -39.71 -23.59 -21.58
C LEU D 450 -40.83 -23.67 -22.62
N ALA D 451 -41.59 -24.76 -22.65
CA ALA D 451 -42.65 -24.90 -23.63
C ALA D 451 -43.66 -23.76 -23.50
N GLY D 452 -43.92 -23.30 -22.29
CA GLY D 452 -44.82 -22.20 -22.11
C GLY D 452 -44.25 -20.98 -21.39
N ALA D 453 -43.11 -20.48 -21.85
CA ALA D 453 -42.49 -19.36 -21.17
C ALA D 453 -41.83 -18.34 -22.09
N GLY D 454 -41.86 -18.53 -23.41
CA GLY D 454 -41.15 -17.60 -24.28
C GLY D 454 -39.62 -17.77 -24.19
N GLU D 455 -38.94 -16.88 -24.90
CA GLU D 455 -37.49 -17.03 -25.06
C GLU D 455 -36.77 -16.64 -23.77
N VAL D 456 -35.82 -17.47 -23.33
CA VAL D 456 -34.89 -17.06 -22.29
C VAL D 456 -33.52 -16.92 -22.90
N HIS D 457 -32.68 -16.06 -22.27
CA HIS D 457 -31.38 -15.69 -22.81
C HIS D 457 -30.22 -16.36 -22.06
N ALA D 458 -30.46 -16.93 -20.90
CA ALA D 458 -29.44 -17.64 -20.14
C ALA D 458 -30.14 -18.40 -19.02
N GLY D 459 -29.39 -19.28 -18.38
CA GLY D 459 -29.92 -20.08 -17.28
C GLY D 459 -28.90 -20.19 -16.16
N ILE D 460 -29.43 -20.29 -14.93
CA ILE D 460 -28.68 -20.62 -13.73
C ILE D 460 -29.21 -21.94 -13.23
N VAL D 461 -28.33 -22.92 -13.02
CA VAL D 461 -28.73 -24.25 -12.64
C VAL D 461 -28.08 -24.58 -11.30
N VAL D 462 -28.92 -24.85 -10.29
CA VAL D 462 -28.46 -25.09 -8.92
C VAL D 462 -28.40 -26.59 -8.67
N LEU D 463 -27.26 -27.05 -8.20
CA LEU D 463 -26.98 -28.48 -8.05
C LEU D 463 -26.67 -28.84 -6.59
N PHE D 464 -27.18 -29.97 -6.15
CA PHE D 464 -26.73 -30.61 -4.93
C PHE D 464 -25.27 -31.06 -5.07
N GLU D 465 -24.53 -30.99 -3.96
CA GLU D 465 -23.14 -31.46 -3.98
C GLU D 465 -23.07 -32.94 -4.34
N ASP D 466 -24.03 -33.72 -3.86
CA ASP D 466 -24.01 -35.16 -4.09
C ASP D 466 -24.32 -35.54 -5.53
N HIS D 467 -24.80 -34.59 -6.33
CA HIS D 467 -24.99 -34.83 -7.76
C HIS D 467 -23.85 -34.29 -8.60
N ALA D 468 -23.11 -33.29 -8.08
CA ALA D 468 -22.06 -32.62 -8.80
C ALA D 468 -21.16 -33.54 -9.61
N ARG D 469 -20.78 -34.67 -9.04
CA ARG D 469 -19.71 -35.49 -9.62
C ARG D 469 -20.18 -36.89 -9.98
N LEU D 470 -21.47 -37.13 -9.99
CA LEU D 470 -21.99 -38.37 -10.52
C LEU D 470 -21.38 -38.62 -11.89
N PRO D 471 -21.36 -39.85 -12.36
CA PRO D 471 -20.95 -40.11 -13.75
C PRO D 471 -21.89 -39.43 -14.75
N ASP D 472 -21.36 -39.19 -15.94
CA ASP D 472 -22.01 -38.31 -16.91
C ASP D 472 -23.33 -38.89 -17.42
N ASP D 473 -23.49 -40.23 -17.42
CA ASP D 473 -24.73 -40.80 -17.87
C ASP D 473 -25.91 -40.46 -16.94
N ARG D 474 -25.64 -39.92 -15.75
CA ARG D 474 -26.72 -39.48 -14.87
C ARG D 474 -26.36 -38.18 -14.14
N ASN D 475 -25.40 -37.41 -14.65
CA ASN D 475 -24.94 -36.21 -13.99
C ASN D 475 -25.79 -35.02 -14.41
N PRO D 476 -26.40 -34.27 -13.48
CA PRO D 476 -27.30 -33.20 -13.92
C PRO D 476 -26.62 -31.96 -14.40
N TYR D 477 -25.37 -31.72 -13.98
CA TYR D 477 -24.58 -30.63 -14.53
C TYR D 477 -24.52 -30.75 -16.05
N ILE D 478 -24.04 -31.91 -16.54
CA ILE D 478 -23.75 -32.05 -17.95
C ILE D 478 -25.04 -32.23 -18.75
N HIS D 479 -26.07 -32.85 -18.16
CA HIS D 479 -27.34 -33.03 -18.87
C HIS D 479 -28.12 -31.72 -19.01
N THR D 480 -28.12 -30.88 -17.98
CA THR D 480 -28.76 -29.56 -18.12
C THR D 480 -27.93 -28.64 -19.04
N LYS D 481 -26.61 -28.68 -18.91
CA LYS D 481 -25.74 -27.97 -19.84
C LYS D 481 -26.01 -28.41 -21.27
N SER D 482 -26.16 -29.70 -21.51
CA SER D 482 -26.39 -30.24 -22.84
C SER D 482 -27.74 -29.78 -23.39
N LEU D 483 -28.80 -29.97 -22.61
CA LEU D 483 -30.12 -29.61 -23.08
C LEU D 483 -30.20 -28.14 -23.40
N LEU D 484 -29.72 -27.30 -22.52
CA LEU D 484 -29.90 -25.86 -22.73
C LEU D 484 -28.96 -25.33 -23.80
N LEU D 485 -27.74 -25.85 -23.88
CA LEU D 485 -26.88 -25.43 -24.99
C LEU D 485 -27.47 -25.84 -26.35
N THR D 486 -28.11 -27.02 -26.43
CA THR D 486 -28.76 -27.42 -27.66
C THR D 486 -29.82 -26.41 -28.07
N LEU D 487 -30.54 -25.87 -27.10
CA LEU D 487 -31.56 -24.89 -27.37
C LEU D 487 -31.00 -23.51 -27.57
N GLY D 488 -29.70 -23.34 -27.40
CA GLY D 488 -29.09 -22.05 -27.58
C GLY D 488 -29.11 -21.18 -26.38
N VAL D 489 -29.15 -21.76 -25.18
CA VAL D 489 -29.23 -21.04 -23.92
C VAL D 489 -27.97 -21.32 -23.12
N PRO D 490 -27.05 -20.36 -22.96
CA PRO D 490 -25.89 -20.60 -22.11
C PRO D 490 -26.32 -20.70 -20.64
N THR D 491 -25.64 -21.57 -19.88
CA THR D 491 -25.88 -21.69 -18.46
C THR D 491 -24.64 -21.34 -17.63
N GLN D 492 -24.93 -20.77 -16.46
CA GLN D 492 -23.97 -20.56 -15.37
C GLN D 492 -24.47 -21.39 -14.19
N GLN D 493 -23.85 -22.55 -13.96
CA GLN D 493 -24.30 -23.44 -12.90
C GLN D 493 -23.58 -23.13 -11.58
N VAL D 494 -24.09 -23.70 -10.50
CA VAL D 494 -23.62 -23.39 -9.15
C VAL D 494 -24.04 -24.51 -8.20
N ARG D 495 -23.13 -24.89 -7.31
CA ARG D 495 -23.40 -25.92 -6.30
C ARG D 495 -23.96 -25.29 -5.03
N MET D 496 -24.79 -26.06 -4.29
CA MET D 496 -25.45 -25.54 -3.11
C MET D 496 -24.47 -25.08 -2.03
N PRO D 497 -23.34 -25.74 -1.79
CA PRO D 497 -22.37 -25.15 -0.83
C PRO D 497 -21.97 -23.75 -1.23
N THR D 498 -21.94 -23.45 -2.52
CA THR D 498 -21.58 -22.11 -2.95
C THR D 498 -22.72 -21.14 -2.69
N VAL D 499 -23.96 -21.61 -2.88
CA VAL D 499 -25.12 -20.77 -2.61
C VAL D 499 -25.17 -20.40 -1.14
N LEU D 500 -24.62 -21.24 -0.26
CA LEU D 500 -24.71 -21.08 1.18
C LEU D 500 -23.50 -20.37 1.78
N LEU D 501 -22.56 -19.90 0.95
CA LEU D 501 -21.38 -19.25 1.48
C LEU D 501 -21.74 -18.08 2.39
N GLU D 502 -20.88 -17.84 3.40
CA GLU D 502 -21.04 -16.71 4.28
C GLU D 502 -20.86 -15.41 3.49
N PRO D 503 -21.59 -14.36 3.88
CA PRO D 503 -21.52 -13.10 3.11
C PRO D 503 -20.13 -12.62 2.79
N LYS D 504 -19.18 -12.78 3.72
CA LYS D 504 -17.84 -12.26 3.50
C LYS D 504 -17.16 -12.99 2.35
N SER D 505 -17.50 -14.27 2.13
CA SER D 505 -16.96 -15.00 0.98
C SER D 505 -17.86 -14.94 -0.25
N LEU D 506 -19.18 -14.90 -0.05
CA LEU D 506 -20.12 -14.83 -1.17
C LEU D 506 -19.82 -13.66 -2.07
N GLN D 507 -19.45 -12.52 -1.49
CA GLN D 507 -19.26 -11.30 -2.28
C GLN D 507 -18.28 -11.51 -3.42
N TYR D 508 -17.28 -12.37 -3.22
CA TYR D 508 -16.28 -12.58 -4.26
C TYR D 508 -16.75 -13.60 -5.30
N THR D 509 -17.47 -14.63 -4.85
CA THR D 509 -18.14 -15.54 -5.76
C THR D 509 -19.02 -14.78 -6.76
N LEU D 510 -19.75 -13.77 -6.28
CA LEU D 510 -20.67 -13.05 -7.15
C LEU D 510 -19.95 -12.13 -8.11
N GLN D 511 -18.78 -11.62 -7.72
CA GLN D 511 -17.92 -10.92 -8.69
C GLN D 511 -17.59 -11.83 -9.88
N ASN D 512 -17.10 -13.04 -9.59
CA ASN D 512 -16.76 -13.98 -10.66
C ASN D 512 -18.00 -14.46 -11.40
N PHE D 513 -19.03 -14.90 -10.64
CA PHE D 513 -20.31 -15.29 -11.22
C PHE D 513 -20.80 -14.24 -12.20
N SER D 514 -20.72 -12.96 -11.84
CA SER D 514 -21.23 -11.87 -12.65
C SER D 514 -20.42 -11.70 -13.92
N ILE D 515 -19.08 -11.75 -13.83
CA ILE D 515 -18.30 -11.54 -15.04
C ILE D 515 -18.60 -12.64 -16.06
N ALA D 516 -18.67 -13.89 -15.61
CA ALA D 516 -18.86 -14.99 -16.53
C ALA D 516 -20.27 -14.99 -17.12
N THR D 517 -21.29 -14.72 -16.28
CA THR D 517 -22.66 -14.65 -16.77
C THR D 517 -22.81 -13.54 -17.82
N TYR D 518 -22.20 -12.39 -17.58
CA TYR D 518 -22.22 -11.30 -18.57
C TYR D 518 -21.64 -11.78 -19.90
N ALA D 519 -20.47 -12.43 -19.86
CA ALA D 519 -19.84 -12.89 -21.07
C ALA D 519 -20.70 -13.98 -21.72
N LYS D 520 -21.33 -14.82 -20.91
CA LYS D 520 -22.24 -15.84 -21.44
C LYS D 520 -23.43 -15.20 -22.15
N LEU D 521 -23.81 -13.99 -21.76
CA LEU D 521 -24.82 -13.21 -22.47
C LEU D 521 -24.25 -12.43 -23.65
N ASN D 522 -23.04 -12.75 -24.10
CA ASN D 522 -22.34 -12.19 -25.25
C ASN D 522 -21.55 -10.96 -24.87
N GLY D 523 -21.51 -10.58 -23.61
CA GLY D 523 -20.79 -9.41 -23.19
C GLY D 523 -19.29 -9.53 -23.30
N THR D 524 -18.65 -8.37 -23.43
CA THR D 524 -17.20 -8.22 -23.33
C THR D 524 -16.89 -7.33 -22.12
N PRO D 525 -16.61 -7.89 -20.95
CA PRO D 525 -16.47 -7.07 -19.75
C PRO D 525 -15.26 -6.14 -19.80
N TRP D 526 -14.09 -6.65 -20.20
CA TRP D 526 -12.90 -5.80 -20.31
C TRP D 526 -11.98 -6.32 -21.40
N THR D 527 -11.10 -5.46 -21.87
CA THR D 527 -10.01 -5.78 -22.77
C THR D 527 -8.69 -5.52 -22.04
N VAL D 528 -7.58 -5.89 -22.69
CA VAL D 528 -6.24 -5.59 -22.19
C VAL D 528 -5.50 -4.75 -23.21
N ASN D 529 -4.76 -3.77 -22.72
CA ASN D 529 -4.08 -2.79 -23.57
C ASN D 529 -3.11 -3.42 -24.55
N HIS D 530 -2.89 -2.73 -25.64
CA HIS D 530 -1.76 -3.00 -26.52
C HIS D 530 -1.66 -1.89 -27.58
N ASP D 531 -0.44 -1.38 -27.81
CA ASP D 531 -0.21 -0.36 -28.82
C ASP D 531 0.16 -1.06 -30.12
N LYS D 532 -0.62 -0.79 -31.17
CA LYS D 532 -0.46 -1.52 -32.42
C LYS D 532 0.87 -1.14 -33.06
N ALA D 533 1.82 -2.08 -33.03
CA ALA D 533 3.05 -1.97 -33.82
C ALA D 533 2.87 -2.53 -35.22
N ILE D 534 1.67 -2.99 -35.59
CA ILE D 534 1.38 -3.55 -36.90
C ILE D 534 -0.08 -3.28 -37.24
N ASN D 535 -0.44 -3.51 -38.50
CA ASN D 535 -1.78 -3.22 -39.00
C ASN D 535 -2.82 -4.26 -38.62
N ASP D 536 -2.41 -5.44 -38.14
CA ASP D 536 -3.36 -6.46 -37.72
C ASP D 536 -2.65 -7.68 -37.15
N GLU D 537 -3.18 -8.23 -36.05
CA GLU D 537 -2.53 -9.30 -35.31
C GLU D 537 -3.55 -10.34 -34.93
N LEU D 538 -3.32 -11.58 -35.31
CA LEU D 538 -4.18 -12.71 -35.00
C LEU D 538 -3.40 -13.68 -34.11
N VAL D 539 -4.00 -14.07 -32.98
CA VAL D 539 -3.45 -15.11 -32.11
C VAL D 539 -4.46 -16.24 -31.97
N VAL D 540 -4.05 -17.44 -32.31
CA VAL D 540 -4.90 -18.62 -32.17
C VAL D 540 -4.26 -19.59 -31.20
N GLY D 541 -5.08 -20.12 -30.30
CA GLY D 541 -4.62 -21.07 -29.31
C GLY D 541 -5.27 -22.41 -29.52
N MET D 542 -4.57 -23.45 -29.09
CA MET D 542 -5.06 -24.82 -29.11
C MET D 542 -4.96 -25.39 -27.70
N GLY D 543 -6.04 -26.06 -27.28
CA GLY D 543 -6.08 -26.70 -25.98
C GLY D 543 -6.59 -28.12 -26.12
N LEU D 544 -6.09 -28.99 -25.24
CA LEU D 544 -6.41 -30.42 -25.26
C LEU D 544 -7.23 -30.80 -24.03
N ALA D 545 -8.17 -31.72 -24.21
CA ALA D 545 -8.82 -32.44 -23.12
C ALA D 545 -8.72 -33.93 -23.40
N GLU D 546 -8.48 -34.71 -22.35
CA GLU D 546 -8.42 -36.17 -22.46
C GLU D 546 -9.46 -36.73 -21.50
N LEU D 547 -10.46 -37.40 -22.05
CA LEU D 547 -11.55 -37.93 -21.26
C LEU D 547 -11.46 -39.44 -21.16
N SER D 548 -11.83 -39.95 -19.98
CA SER D 548 -12.11 -41.36 -19.77
C SER D 548 -13.28 -41.48 -18.82
N GLY D 549 -13.67 -42.72 -18.50
CA GLY D 549 -14.67 -42.98 -17.48
C GLY D 549 -14.05 -43.23 -16.11
N SER D 550 -12.90 -43.90 -16.12
CA SER D 550 -12.11 -44.11 -14.92
C SER D 550 -10.63 -43.92 -15.26
N ARG D 551 -9.73 -44.58 -14.54
CA ARG D 551 -8.32 -44.60 -14.91
C ARG D 551 -7.94 -45.83 -15.74
N THR D 552 -8.90 -46.73 -15.99
CA THR D 552 -8.65 -47.92 -16.80
C THR D 552 -8.85 -47.67 -18.29
N GLU D 553 -9.98 -47.04 -18.65
CA GLU D 553 -10.41 -46.97 -20.03
C GLU D 553 -9.41 -46.20 -20.90
N LYS D 554 -9.36 -46.57 -22.19
CA LYS D 554 -8.58 -45.81 -23.16
C LYS D 554 -9.13 -44.39 -23.26
N ARG D 555 -8.24 -43.41 -23.18
CA ARG D 555 -8.68 -42.03 -23.13
C ARG D 555 -8.97 -41.50 -24.52
N GLN D 556 -9.90 -40.56 -24.59
CA GLN D 556 -10.31 -39.92 -25.83
C GLN D 556 -9.85 -38.47 -25.81
N ARG D 557 -9.15 -38.05 -26.83
CA ARG D 557 -8.60 -36.71 -26.89
C ARG D 557 -9.46 -35.79 -27.74
N PHE D 558 -9.62 -34.57 -27.28
CA PHE D 558 -10.40 -33.54 -27.95
C PHE D 558 -9.60 -32.25 -27.91
N VAL D 559 -9.81 -31.41 -28.91
CA VAL D 559 -9.10 -30.16 -29.07
C VAL D 559 -10.12 -29.04 -29.21
N GLY D 560 -9.77 -27.88 -28.67
CA GLY D 560 -10.52 -26.67 -28.93
C GLY D 560 -9.59 -25.59 -29.44
N ILE D 561 -10.18 -24.61 -30.11
CA ILE D 561 -9.41 -23.51 -30.70
C ILE D 561 -10.04 -22.20 -30.27
N THR D 562 -9.20 -21.25 -29.88
CA THR D 562 -9.61 -19.94 -29.42
C THR D 562 -8.78 -18.89 -30.16
N THR D 563 -9.43 -17.85 -30.64
CA THR D 563 -8.78 -16.80 -31.42
C THR D 563 -8.91 -15.47 -30.70
N VAL D 564 -7.85 -14.66 -30.78
CA VAL D 564 -7.80 -13.32 -30.22
C VAL D 564 -7.23 -12.44 -31.33
N PHE D 565 -7.74 -11.23 -31.46
CA PHE D 565 -7.19 -10.35 -32.50
C PHE D 565 -7.04 -8.94 -31.96
N ALA D 566 -6.16 -8.18 -32.61
CA ALA D 566 -5.83 -6.83 -32.19
C ALA D 566 -6.86 -5.83 -32.67
N GLY D 567 -7.24 -4.91 -31.79
CA GLY D 567 -8.13 -3.81 -32.14
C GLY D 567 -7.47 -2.48 -31.81
N ASP D 568 -8.20 -1.37 -31.97
CA ASP D 568 -7.64 -0.07 -31.63
C ASP D 568 -7.25 -0.06 -30.15
N GLY D 569 -5.98 -0.33 -29.85
CA GLY D 569 -5.51 -0.30 -28.48
C GLY D 569 -6.06 -1.40 -27.61
N SER D 570 -6.51 -2.50 -28.19
CA SER D 570 -7.26 -3.50 -27.43
C SER D 570 -7.20 -4.84 -28.14
N TYR D 571 -7.04 -5.90 -27.36
CA TYR D 571 -7.20 -7.26 -27.85
C TYR D 571 -8.65 -7.71 -27.65
N LEU D 572 -9.29 -8.16 -28.72
CA LEU D 572 -10.65 -8.65 -28.68
C LEU D 572 -10.69 -10.16 -28.86
N LEU D 573 -11.67 -10.80 -28.24
CA LEU D 573 -11.87 -12.23 -28.40
C LEU D 573 -12.63 -12.53 -29.70
N GLY D 574 -12.11 -13.43 -30.50
CA GLY D 574 -12.74 -13.84 -31.73
C GLY D 574 -13.70 -14.99 -31.54
N ASN D 575 -14.00 -15.66 -32.65
CA ASN D 575 -14.87 -16.83 -32.57
C ASN D 575 -14.09 -18.04 -32.09
N VAL D 576 -14.82 -19.11 -31.83
CA VAL D 576 -14.33 -20.27 -31.12
C VAL D 576 -14.79 -21.55 -31.84
N SER D 577 -14.03 -22.62 -31.67
CA SER D 577 -14.33 -23.87 -32.35
C SER D 577 -15.63 -24.47 -31.83
N LYS D 578 -16.29 -25.26 -32.70
CA LYS D 578 -17.48 -26.01 -32.35
C LYS D 578 -17.31 -27.52 -32.53
N GLU D 579 -16.20 -27.97 -33.11
CA GLU D 579 -15.93 -29.38 -33.34
C GLU D 579 -14.82 -29.85 -32.41
N CYS D 580 -14.72 -31.18 -32.29
CA CYS D 580 -14.02 -31.86 -31.19
C CYS D 580 -12.65 -32.40 -31.57
N GLU D 581 -12.57 -33.30 -32.54
CA GLU D 581 -11.64 -33.11 -33.67
C GLU D 581 -10.16 -33.37 -33.36
N TYR D 582 -9.83 -34.42 -32.60
CA TYR D 582 -8.40 -34.58 -32.32
C TYR D 582 -7.63 -35.06 -33.54
N GLU D 583 -8.08 -36.14 -34.15
CA GLU D 583 -7.50 -36.61 -35.39
C GLU D 583 -7.66 -35.52 -36.45
N GLY D 584 -6.53 -35.03 -36.97
CA GLY D 584 -6.57 -33.97 -37.95
C GLY D 584 -6.66 -32.58 -37.37
N TYR D 585 -6.27 -32.40 -36.11
CA TYR D 585 -6.31 -31.07 -35.50
C TYR D 585 -5.53 -30.06 -36.32
N SER D 586 -4.47 -30.49 -37.01
CA SER D 586 -3.65 -29.57 -37.76
C SER D 586 -4.45 -28.88 -38.85
N ASP D 587 -5.28 -29.61 -39.56
CA ASP D 587 -6.14 -29.00 -40.57
C ASP D 587 -7.15 -28.04 -39.95
N ALA D 588 -7.64 -28.37 -38.76
CA ALA D 588 -8.53 -27.45 -38.07
C ALA D 588 -7.84 -26.13 -37.74
N ILE D 589 -6.55 -26.17 -37.44
CA ILE D 589 -5.82 -24.94 -37.15
C ILE D 589 -5.63 -24.12 -38.42
N ARG D 590 -5.36 -24.78 -39.56
CA ARG D 590 -5.09 -24.04 -40.79
C ARG D 590 -6.38 -23.56 -41.44
N GLU D 591 -7.43 -24.39 -41.43
CA GLU D 591 -8.73 -23.93 -41.93
C GLU D 591 -9.23 -22.75 -41.10
N SER D 592 -8.92 -22.74 -39.80
CA SER D 592 -9.36 -21.65 -38.95
C SER D 592 -8.57 -20.37 -39.22
N MET D 593 -7.25 -20.47 -39.24
CA MET D 593 -6.43 -19.27 -39.42
C MET D 593 -6.76 -18.56 -40.73
N THR D 594 -7.04 -19.31 -41.80
CA THR D 594 -7.20 -18.71 -43.11
C THR D 594 -8.56 -18.03 -43.26
N GLY D 595 -9.64 -18.69 -42.84
CA GLY D 595 -10.94 -18.06 -42.88
C GLY D 595 -10.99 -16.81 -42.04
N ILE D 596 -10.20 -16.76 -40.98
CA ILE D 596 -10.11 -15.53 -40.19
C ILE D 596 -9.37 -14.45 -40.96
N LEU D 597 -8.29 -14.82 -41.66
CA LEU D 597 -7.47 -13.84 -42.36
C LEU D 597 -8.23 -13.25 -43.54
N ARG D 598 -8.88 -14.11 -44.35
CA ARG D 598 -9.72 -13.62 -45.45
C ARG D 598 -10.73 -12.59 -44.95
N GLU D 599 -11.39 -12.88 -43.81
CA GLU D 599 -12.33 -11.93 -43.22
C GLU D 599 -11.63 -10.68 -42.69
N LEU D 600 -10.39 -10.81 -42.22
CA LEU D 600 -9.69 -9.67 -41.64
C LEU D 600 -9.26 -8.68 -42.71
N LYS D 601 -8.83 -9.18 -43.87
CA LYS D 601 -8.40 -8.29 -44.95
C LYS D 601 -9.58 -7.47 -45.47
N LYS D 602 -10.73 -8.12 -45.66
CA LYS D 602 -11.93 -7.41 -46.10
C LYS D 602 -12.43 -6.47 -45.00
N ARG D 603 -12.38 -6.93 -43.74
CA ARG D 603 -12.90 -6.13 -42.64
C ARG D 603 -12.04 -4.90 -42.40
N ASN D 604 -10.74 -5.09 -42.21
CA ASN D 604 -9.85 -4.02 -41.76
C ASN D 604 -9.19 -3.24 -42.89
N ASN D 605 -9.53 -3.53 -44.15
CA ASN D 605 -8.95 -2.84 -45.30
C ASN D 605 -7.43 -2.70 -45.17
N TRP D 606 -6.70 -3.80 -45.42
CA TRP D 606 -5.25 -3.76 -45.37
C TRP D 606 -4.70 -2.97 -46.56
N ARG D 607 -3.74 -2.10 -46.29
CA ARG D 607 -3.03 -1.41 -47.37
C ARG D 607 -1.73 -2.15 -47.71
N PRO D 608 -1.29 -2.14 -48.97
CA PRO D 608 -0.02 -2.79 -49.29
C PRO D 608 1.11 -2.20 -48.47
N GLY D 609 1.96 -3.08 -47.94
CA GLY D 609 3.01 -2.67 -47.03
C GLY D 609 2.65 -2.81 -45.56
N ASP D 610 1.36 -2.85 -45.23
CA ASP D 610 0.94 -3.18 -43.88
C ASP D 610 1.47 -4.56 -43.49
N THR D 611 1.85 -4.70 -42.23
CA THR D 611 2.33 -5.97 -41.71
C THR D 611 1.23 -6.71 -40.95
N VAL D 612 1.20 -8.02 -41.13
CA VAL D 612 0.25 -8.91 -40.45
C VAL D 612 1.06 -9.92 -39.64
N ARG D 613 0.77 -10.03 -38.36
CA ARG D 613 1.39 -11.04 -37.50
C ARG D 613 0.35 -12.05 -37.06
N VAL D 614 0.71 -13.33 -37.15
CA VAL D 614 -0.10 -14.45 -36.70
C VAL D 614 0.72 -15.22 -35.66
N VAL D 615 0.15 -15.41 -34.46
CA VAL D 615 0.82 -16.12 -33.39
C VAL D 615 -0.03 -17.31 -32.98
N PHE D 616 0.63 -18.43 -32.69
CA PHE D 616 -0.01 -19.67 -32.24
C PHE D 616 0.48 -20.03 -30.82
N HIS D 617 -0.46 -20.41 -29.98
CA HIS D 617 -0.23 -20.78 -28.59
C HIS D 617 -0.65 -22.21 -28.34
N ALA D 618 0.15 -22.94 -27.61
CA ALA D 618 -0.22 -24.28 -27.13
C ALA D 618 0.73 -24.69 -25.99
N HIS D 619 0.36 -25.78 -25.31
CA HIS D 619 1.13 -26.32 -24.22
C HIS D 619 2.16 -27.31 -24.71
N ARG D 620 2.13 -27.64 -25.99
CA ARG D 620 3.08 -28.52 -26.64
C ARG D 620 3.54 -27.85 -27.93
N PRO D 621 4.76 -28.14 -28.38
CA PRO D 621 5.23 -27.61 -29.66
C PRO D 621 4.58 -28.32 -30.86
N LEU D 622 4.38 -27.58 -31.94
CA LEU D 622 3.87 -28.17 -33.15
C LEU D 622 4.99 -28.87 -33.91
N LYS D 623 4.61 -29.79 -34.77
CA LYS D 623 5.54 -30.42 -35.69
C LYS D 623 6.03 -29.40 -36.71
N ARG D 624 7.28 -29.54 -37.10
CA ARG D 624 7.83 -28.70 -38.16
C ARG D 624 7.01 -28.78 -39.45
N VAL D 625 6.54 -29.97 -39.80
CA VAL D 625 5.71 -30.13 -40.99
C VAL D 625 4.42 -29.34 -40.86
N ASP D 626 3.84 -29.30 -39.66
CA ASP D 626 2.59 -28.59 -39.44
C ASP D 626 2.82 -27.09 -39.52
N VAL D 627 3.92 -26.60 -38.98
CA VAL D 627 4.26 -25.18 -39.09
C VAL D 627 4.39 -24.79 -40.57
N ALA D 628 5.15 -25.58 -41.34
CA ALA D 628 5.35 -25.26 -42.76
C ALA D 628 4.01 -25.25 -43.51
N SER D 629 3.11 -26.16 -43.18
CA SER D 629 1.79 -26.16 -43.80
C SER D 629 0.99 -24.92 -43.38
N ILE D 630 1.00 -24.58 -42.10
CA ILE D 630 0.32 -23.39 -41.62
C ILE D 630 0.91 -22.15 -42.27
N VAL D 631 2.23 -22.03 -42.26
CA VAL D 631 2.86 -20.83 -42.79
C VAL D 631 2.53 -20.67 -44.27
N PHE D 632 2.56 -21.78 -45.01
CA PHE D 632 2.30 -21.70 -46.46
C PHE D 632 0.87 -21.23 -46.72
N GLU D 633 -0.11 -21.88 -46.10
CA GLU D 633 -1.51 -21.51 -46.35
C GLU D 633 -1.83 -20.08 -45.90
N CYS D 634 -1.31 -19.65 -44.75
CA CYS D 634 -1.53 -18.26 -44.35
C CYS D 634 -0.83 -17.29 -45.32
N THR D 635 0.47 -17.49 -45.55
CA THR D 635 1.23 -16.60 -46.42
C THR D 635 0.52 -16.43 -47.77
N ARG D 636 0.07 -17.54 -48.35
CA ARG D 636 -0.58 -17.46 -49.65
C ARG D 636 -1.98 -16.87 -49.54
N GLU D 637 -2.66 -17.06 -48.41
CA GLU D 637 -4.02 -16.57 -48.26
C GLU D 637 -4.05 -15.05 -48.20
N ILE D 638 -3.13 -14.44 -47.46
CA ILE D 638 -3.16 -12.99 -47.36
C ILE D 638 -2.36 -12.34 -48.48
N GLY D 639 -1.45 -13.07 -49.12
CA GLY D 639 -0.81 -12.63 -50.33
C GLY D 639 0.35 -11.69 -50.10
N SER D 640 1.01 -11.36 -51.21
CA SER D 640 2.27 -10.64 -51.16
C SER D 640 2.13 -9.13 -51.06
N ASP D 641 0.90 -8.58 -51.04
CA ASP D 641 0.73 -7.16 -50.73
C ASP D 641 1.14 -6.83 -49.31
N GLN D 642 1.10 -7.80 -48.41
CA GLN D 642 1.45 -7.56 -47.01
C GLN D 642 2.67 -8.37 -46.62
N ASN D 643 3.41 -7.85 -45.65
CA ASN D 643 4.48 -8.60 -45.01
C ASN D 643 3.91 -9.46 -43.88
N ILE D 644 4.22 -10.78 -43.91
CA ILE D 644 3.72 -11.74 -42.94
C ILE D 644 4.75 -11.98 -41.85
N GLN D 645 4.31 -11.99 -40.61
CA GLN D 645 5.13 -12.41 -39.47
C GLN D 645 4.40 -13.53 -38.74
N MET D 646 5.06 -14.65 -38.53
CA MET D 646 4.42 -15.82 -37.95
C MET D 646 5.29 -16.40 -36.85
N ALA D 647 4.69 -16.58 -35.66
CA ALA D 647 5.37 -17.15 -34.50
C ALA D 647 4.56 -18.32 -33.93
N PHE D 648 5.27 -19.36 -33.49
CA PHE D 648 4.67 -20.54 -32.90
C PHE D 648 5.26 -20.74 -31.51
N VAL D 649 4.39 -20.74 -30.50
CA VAL D 649 4.79 -20.60 -29.11
C VAL D 649 4.21 -21.78 -28.33
N THR D 650 5.05 -22.37 -27.48
CA THR D 650 4.56 -23.30 -26.47
C THR D 650 4.79 -22.69 -25.10
N VAL D 651 3.79 -22.86 -24.23
CA VAL D 651 3.80 -22.36 -22.86
C VAL D 651 3.83 -23.57 -21.93
N SER D 652 4.81 -23.58 -21.03
CA SER D 652 5.10 -24.71 -20.18
C SER D 652 5.03 -24.30 -18.73
N HIS D 653 4.40 -25.12 -17.93
CA HIS D 653 4.28 -24.94 -16.49
C HIS D 653 5.19 -25.87 -15.68
N ASP D 654 5.48 -27.06 -16.18
CA ASP D 654 6.16 -28.10 -15.41
C ASP D 654 7.56 -28.27 -15.98
N HIS D 655 8.52 -27.58 -15.37
CA HIS D 655 9.88 -27.51 -15.89
C HIS D 655 10.80 -27.32 -14.71
N PRO D 656 12.12 -27.39 -14.91
CA PRO D 656 13.03 -27.39 -13.75
C PRO D 656 13.55 -26.04 -13.32
N PHE D 657 12.94 -24.96 -13.77
CA PHE D 657 13.43 -23.61 -13.52
C PHE D 657 12.55 -22.86 -12.53
N VAL D 658 13.19 -22.08 -11.66
CA VAL D 658 12.46 -21.15 -10.79
C VAL D 658 13.31 -19.90 -10.59
N LEU D 659 12.65 -18.76 -10.49
CA LEU D 659 13.28 -17.45 -10.44
C LEU D 659 13.20 -16.90 -9.03
N ILE D 660 14.33 -16.39 -8.52
CA ILE D 660 14.42 -15.80 -7.19
C ILE D 660 14.82 -14.34 -7.33
N ASP D 661 14.04 -13.47 -6.72
CA ASP D 661 14.30 -12.03 -6.68
C ASP D 661 14.63 -11.69 -5.22
N ARG D 662 15.91 -11.79 -4.86
CA ARG D 662 16.31 -11.64 -3.47
C ARG D 662 16.07 -10.24 -2.91
N SER D 663 15.70 -9.27 -3.75
CA SER D 663 15.39 -7.94 -3.28
C SER D 663 13.93 -7.73 -2.91
N GLU D 664 13.05 -8.69 -3.21
CA GLU D 664 11.64 -8.56 -2.90
C GLU D 664 11.40 -8.98 -1.46
N ARG D 665 10.97 -8.03 -0.64
CA ARG D 665 10.79 -8.33 0.78
C ARG D 665 9.46 -9.01 1.08
N GLY D 666 8.57 -9.09 0.12
CA GLY D 666 7.26 -9.63 0.38
C GLY D 666 6.33 -8.57 0.95
N LEU D 667 5.16 -9.02 1.36
CA LEU D 667 4.10 -8.12 1.81
C LEU D 667 3.45 -8.69 3.06
N GLU D 668 2.80 -7.80 3.83
CA GLU D 668 1.98 -8.22 4.96
C GLU D 668 1.03 -9.32 4.54
N ALA D 669 1.18 -10.49 5.15
CA ALA D 669 0.29 -11.61 4.83
C ALA D 669 -1.15 -11.27 5.22
N TYR D 670 -1.34 -10.69 6.41
CA TYR D 670 -2.64 -10.23 6.84
C TYR D 670 -2.46 -8.94 7.62
N LYS D 671 -3.57 -8.23 7.84
CA LYS D 671 -3.59 -7.01 8.62
C LYS D 671 -2.64 -7.11 9.81
N GLY D 672 -1.83 -6.06 9.99
CA GLY D 672 -0.66 -6.07 10.84
C GLY D 672 -0.20 -7.42 11.34
N SER D 673 0.84 -7.97 10.71
CA SER D 673 1.46 -9.19 11.22
C SER D 673 2.94 -9.18 10.86
N THR D 674 3.73 -9.89 11.67
CA THR D 674 5.15 -10.04 11.37
C THR D 674 5.36 -10.85 10.11
N ALA D 675 4.53 -11.87 9.88
CA ALA D 675 4.71 -12.75 8.73
C ALA D 675 4.42 -12.00 7.43
N ARG D 676 5.14 -12.39 6.38
CA ARG D 676 4.97 -11.83 5.05
C ARG D 676 4.74 -12.95 4.03
N LYS D 677 4.18 -12.58 2.89
CA LYS D 677 3.92 -13.52 1.81
C LYS D 677 4.57 -13.05 0.53
N GLY D 678 4.98 -14.02 -0.30
CA GLY D 678 5.66 -13.70 -1.54
C GLY D 678 7.08 -13.20 -1.41
N VAL D 679 7.81 -13.64 -0.37
CA VAL D 679 9.20 -13.23 -0.21
C VAL D 679 10.03 -13.83 -1.34
N PHE D 680 10.81 -13.00 -2.02
CA PHE D 680 11.66 -13.38 -3.13
C PHE D 680 10.89 -13.70 -4.41
N ALA D 681 9.60 -13.45 -4.46
CA ALA D 681 8.82 -13.70 -5.68
C ALA D 681 9.15 -12.61 -6.68
N PRO D 682 9.61 -12.95 -7.88
CA PRO D 682 9.86 -11.89 -8.88
C PRO D 682 8.58 -11.14 -9.20
N PRO D 683 8.68 -9.93 -9.70
CA PRO D 683 7.47 -9.15 -9.98
C PRO D 683 6.75 -9.71 -11.20
N ARG D 684 5.45 -9.43 -11.25
CA ARG D 684 4.64 -9.90 -12.37
C ARG D 684 5.14 -9.26 -13.65
N GLY D 685 5.60 -10.07 -14.57
CA GLY D 685 6.09 -9.60 -15.83
C GLY D 685 7.60 -9.62 -15.97
N ALA D 686 8.30 -10.17 -14.99
CA ALA D 686 9.73 -10.41 -15.15
C ALA D 686 9.93 -11.47 -16.23
N ILE D 687 10.83 -11.17 -17.15
CA ILE D 687 11.14 -12.05 -18.27
C ILE D 687 12.64 -12.30 -18.28
N SER D 688 13.04 -13.56 -18.17
CA SER D 688 14.47 -13.92 -18.14
C SER D 688 14.83 -14.78 -19.34
N ARG D 689 16.00 -14.50 -19.91
CA ARG D 689 16.49 -15.27 -21.05
C ARG D 689 17.19 -16.52 -20.58
N VAL D 690 16.74 -17.67 -21.10
CA VAL D 690 17.42 -18.94 -20.88
C VAL D 690 18.25 -19.33 -22.09
N GLY D 691 17.69 -19.18 -23.27
CA GLY D 691 18.38 -19.40 -24.51
C GLY D 691 17.77 -18.51 -25.57
N ARG D 692 18.23 -18.66 -26.80
CA ARG D 692 17.76 -17.82 -27.88
C ARG D 692 16.25 -17.94 -28.06
N LEU D 693 15.70 -19.15 -27.85
CA LEU D 693 14.30 -19.41 -28.19
C LEU D 693 13.38 -19.43 -26.98
N THR D 694 13.92 -19.27 -25.77
CA THR D 694 13.19 -19.60 -24.56
C THR D 694 13.29 -18.47 -23.56
N ARG D 695 12.19 -18.17 -22.89
CA ARG D 695 12.15 -17.15 -21.84
C ARG D 695 11.42 -17.69 -20.63
N LEU D 696 11.75 -17.15 -19.47
CA LEU D 696 11.04 -17.45 -18.24
C LEU D 696 10.17 -16.25 -17.90
N LEU D 697 8.89 -16.52 -17.59
CA LEU D 697 7.88 -15.50 -17.38
C LEU D 697 7.32 -15.66 -15.98
N ALA D 698 7.52 -14.64 -15.14
CA ALA D 698 6.93 -14.60 -13.80
C ALA D 698 5.52 -14.00 -13.87
N VAL D 699 4.56 -14.69 -13.26
CA VAL D 699 3.15 -14.34 -13.35
C VAL D 699 2.55 -14.06 -11.99
N ASN D 700 2.96 -14.80 -10.96
CA ASN D 700 2.39 -14.61 -9.61
C ASN D 700 3.35 -13.75 -8.74
N SER D 701 3.05 -12.46 -8.67
CA SER D 701 3.77 -11.51 -7.87
C SER D 701 3.28 -11.56 -6.43
N PRO D 702 4.02 -10.93 -5.49
CA PRO D 702 3.57 -10.91 -4.10
C PRO D 702 2.12 -10.46 -3.93
N GLN D 703 1.68 -9.48 -4.72
CA GLN D 703 0.30 -9.02 -4.64
C GLN D 703 -0.70 -10.14 -4.90
N LEU D 704 -0.37 -11.08 -5.79
CA LEU D 704 -1.27 -12.17 -6.14
C LEU D 704 -1.06 -13.42 -5.31
N ILE D 705 0.09 -13.55 -4.63
CA ILE D 705 0.31 -14.74 -3.81
C ILE D 705 -0.66 -14.71 -2.63
N LYS D 706 -1.12 -15.89 -2.23
CA LYS D 706 -2.28 -16.02 -1.36
C LYS D 706 -1.92 -15.94 0.12
N ARG D 707 -0.98 -16.78 0.56
CA ARG D 707 -0.71 -16.98 1.99
C ARG D 707 0.78 -16.88 2.28
N ALA D 708 1.10 -16.74 3.56
CA ALA D 708 2.50 -16.66 3.96
C ALA D 708 3.23 -17.94 3.62
N ASN D 709 2.57 -19.08 3.79
CA ASN D 709 3.16 -20.38 3.46
C ASN D 709 3.10 -20.72 1.98
N THR D 710 2.55 -19.85 1.14
CA THR D 710 2.49 -20.15 -0.27
C THR D 710 3.91 -20.23 -0.83
N PRO D 711 4.30 -21.35 -1.46
CA PRO D 711 5.67 -21.46 -1.96
C PRO D 711 6.09 -20.28 -2.85
N LEU D 712 7.39 -20.08 -3.01
CA LEU D 712 7.86 -19.26 -4.11
C LEU D 712 7.21 -19.76 -5.40
N PRO D 713 6.67 -18.88 -6.24
CA PRO D 713 5.98 -19.34 -7.45
C PRO D 713 6.98 -19.86 -8.45
N THR D 714 6.52 -20.79 -9.27
CA THR D 714 7.28 -21.23 -10.44
C THR D 714 6.86 -20.36 -11.63
N PRO D 715 7.80 -19.99 -12.49
CA PRO D 715 7.45 -19.18 -13.66
C PRO D 715 7.02 -20.05 -14.84
N LEU D 716 6.38 -19.40 -15.81
CA LEU D 716 6.06 -20.03 -17.07
C LEU D 716 7.27 -20.03 -17.99
N LEU D 717 7.49 -21.15 -18.67
CA LEU D 717 8.54 -21.29 -19.66
C LEU D 717 7.90 -21.07 -21.04
N VAL D 718 8.31 -19.98 -21.70
CA VAL D 718 7.82 -19.65 -23.03
C VAL D 718 8.90 -19.99 -24.04
N SER D 719 8.53 -20.77 -25.06
CA SER D 719 9.46 -21.32 -26.04
C SER D 719 8.99 -21.02 -27.46
N LEU D 720 9.92 -20.53 -28.28
CA LEU D 720 9.63 -20.17 -29.66
C LEU D 720 10.03 -21.31 -30.60
N HIS D 721 9.10 -21.72 -31.44
CA HIS D 721 9.38 -22.76 -32.42
C HIS D 721 10.48 -22.29 -33.39
N PRO D 722 11.47 -23.12 -33.68
CA PRO D 722 12.63 -22.62 -34.46
C PRO D 722 12.29 -22.22 -35.88
N ASP D 723 11.27 -22.81 -36.47
CA ASP D 723 10.90 -22.46 -37.83
C ASP D 723 10.02 -21.22 -37.89
N SER D 724 9.81 -20.53 -36.76
CA SER D 724 9.03 -19.31 -36.77
C SER D 724 9.73 -18.25 -37.61
N THR D 725 8.95 -17.50 -38.38
CA THR D 725 9.50 -16.36 -39.14
C THR D 725 9.62 -15.10 -38.29
N PHE D 726 8.85 -14.99 -37.21
CA PHE D 726 8.92 -13.88 -36.27
C PHE D 726 9.61 -14.38 -35.01
N LYS D 727 10.62 -13.62 -34.52
CA LYS D 727 11.61 -14.17 -33.61
C LYS D 727 11.68 -13.48 -32.27
N ASP D 728 10.89 -12.42 -32.04
CA ASP D 728 11.03 -11.66 -30.79
C ASP D 728 10.23 -12.35 -29.68
N VAL D 729 10.90 -13.21 -28.92
CA VAL D 729 10.21 -14.03 -27.93
C VAL D 729 9.94 -13.25 -26.67
N ASP D 730 10.71 -12.19 -26.41
CA ASP D 730 10.39 -11.31 -25.29
C ASP D 730 9.01 -10.65 -25.48
N TYR D 731 8.70 -10.22 -26.71
CA TYR D 731 7.38 -9.68 -26.99
C TYR D 731 6.31 -10.76 -26.90
N LEU D 732 6.61 -11.96 -27.40
CA LEU D 732 5.63 -13.04 -27.35
C LEU D 732 5.34 -13.45 -25.91
N ALA D 733 6.35 -13.40 -25.04
CA ALA D 733 6.12 -13.74 -23.63
C ALA D 733 5.33 -12.65 -22.92
N GLU D 734 5.56 -11.38 -23.28
CA GLU D 734 4.72 -10.34 -22.69
C GLU D 734 3.29 -10.48 -23.18
N GLN D 735 3.11 -10.89 -24.43
CA GLN D 735 1.79 -11.10 -24.98
C GLN D 735 1.07 -12.22 -24.23
N ALA D 736 1.81 -13.31 -23.92
CA ALA D 736 1.21 -14.38 -23.13
C ALA D 736 0.74 -13.88 -21.79
N LEU D 737 1.54 -13.03 -21.15
CA LEU D 737 1.15 -12.46 -19.87
C LEU D 737 -0.12 -11.63 -19.99
N LYS D 738 -0.20 -10.79 -21.03
CA LYS D 738 -1.41 -10.02 -21.27
C LYS D 738 -2.65 -10.92 -21.38
N PHE D 739 -2.50 -12.07 -22.02
CA PHE D 739 -3.64 -12.96 -22.25
C PHE D 739 -4.06 -13.75 -21.00
N THR D 740 -3.23 -13.76 -19.92
CA THR D 740 -3.73 -14.32 -18.66
C THR D 740 -4.78 -13.40 -18.05
N SER D 741 -4.68 -12.11 -18.30
CA SER D 741 -5.59 -11.12 -17.71
C SER D 741 -6.85 -10.93 -18.53
N LEU D 742 -6.97 -11.64 -19.64
CA LEU D 742 -8.13 -11.58 -20.52
C LEU D 742 -9.24 -12.55 -20.11
N SER D 743 -9.01 -13.40 -19.11
CA SER D 743 -10.01 -14.39 -18.74
C SER D 743 -11.24 -13.74 -18.12
N TRP D 744 -12.42 -14.17 -18.56
CA TRP D 744 -13.67 -13.74 -17.96
C TRP D 744 -14.33 -14.84 -17.14
N ARG D 745 -13.53 -15.82 -16.70
CA ARG D 745 -14.00 -16.71 -15.66
C ARG D 745 -13.88 -16.08 -14.29
N SER D 746 -13.01 -15.10 -14.14
CA SER D 746 -12.58 -14.66 -12.82
C SER D 746 -12.13 -13.23 -12.91
N THR D 747 -12.28 -12.52 -11.80
CA THR D 747 -11.64 -11.22 -11.70
C THR D 747 -10.11 -11.34 -11.66
N LEU D 748 -9.60 -12.44 -11.16
CA LEU D 748 -8.17 -12.69 -11.07
C LEU D 748 -7.65 -13.29 -12.37
N PRO D 749 -6.38 -13.07 -12.70
CA PRO D 749 -5.85 -13.59 -13.96
C PRO D 749 -5.73 -15.11 -13.90
N ALA D 750 -5.66 -15.71 -15.08
CA ALA D 750 -5.63 -17.15 -15.24
C ALA D 750 -4.19 -17.65 -15.24
N ALA D 751 -4.03 -18.96 -15.01
CA ALA D 751 -2.71 -19.55 -14.90
C ALA D 751 -2.04 -19.72 -16.26
N THR D 752 -2.79 -19.63 -17.34
CA THR D 752 -2.25 -19.75 -18.70
C THR D 752 -3.04 -18.81 -19.58
N PRO D 753 -2.46 -18.27 -20.64
CA PRO D 753 -3.21 -17.36 -21.51
C PRO D 753 -4.55 -17.96 -21.97
N VAL D 754 -5.53 -17.08 -22.17
CA VAL D 754 -6.88 -17.54 -22.49
C VAL D 754 -6.93 -18.26 -23.84
N THR D 755 -5.96 -18.00 -24.72
CA THR D 755 -5.88 -18.73 -25.99
C THR D 755 -5.79 -20.24 -25.76
N ILE D 756 -5.08 -20.66 -24.73
CA ILE D 756 -5.00 -22.07 -24.42
C ILE D 756 -6.10 -22.45 -23.43
N PHE D 757 -6.32 -21.58 -22.43
CA PHE D 757 -7.22 -21.89 -21.32
C PHE D 757 -8.65 -22.11 -21.80
N TYR D 758 -9.17 -21.19 -22.61
CA TYR D 758 -10.51 -21.32 -23.13
C TYR D 758 -10.61 -22.57 -24.00
N SER D 759 -9.58 -22.84 -24.80
CA SER D 759 -9.59 -23.99 -25.68
C SER D 759 -9.70 -25.28 -24.88
N GLU D 760 -9.07 -25.31 -23.71
CA GLU D 760 -9.15 -26.49 -22.85
C GLU D 760 -10.54 -26.65 -22.25
N ARG D 761 -11.15 -25.54 -21.84
CA ARG D 761 -12.52 -25.62 -21.34
C ARG D 761 -13.47 -26.11 -22.42
N ILE D 762 -13.30 -25.59 -23.67
CA ILE D 762 -14.16 -25.98 -24.78
C ILE D 762 -13.99 -27.46 -25.07
N ALA D 763 -12.74 -27.90 -25.15
CA ALA D 763 -12.48 -29.28 -25.53
C ALA D 763 -13.13 -30.21 -24.53
N GLU D 764 -13.05 -29.86 -23.27
CA GLU D 764 -13.58 -30.75 -22.25
C GLU D 764 -15.09 -30.78 -22.33
N LEU D 765 -15.74 -29.61 -22.41
CA LEU D 765 -17.20 -29.61 -22.47
C LEU D 765 -17.67 -30.37 -23.70
N LEU D 766 -17.19 -29.99 -24.90
CA LEU D 766 -17.66 -30.67 -26.09
C LEU D 766 -17.30 -32.13 -26.08
N GLY D 767 -16.19 -32.50 -25.43
CA GLY D 767 -15.86 -33.91 -25.33
C GLY D 767 -16.89 -34.68 -24.50
N ARG D 768 -17.27 -34.10 -23.35
CA ARG D 768 -18.28 -34.75 -22.52
C ARG D 768 -19.60 -34.78 -23.27
N LEU D 769 -19.97 -33.66 -23.89
CA LEU D 769 -21.27 -33.53 -24.52
C LEU D 769 -21.45 -34.53 -25.64
N LYS D 770 -20.37 -34.89 -26.35
CA LYS D 770 -20.48 -35.81 -27.45
C LYS D 770 -21.15 -37.12 -27.05
N SER D 771 -21.01 -37.53 -25.79
CA SER D 771 -21.56 -38.78 -25.31
C SER D 771 -22.94 -38.62 -24.69
N ILE D 772 -23.50 -37.42 -24.66
CA ILE D 772 -24.79 -37.18 -24.02
C ILE D 772 -25.90 -37.36 -25.07
N PRO D 773 -26.92 -38.17 -24.81
CA PRO D 773 -28.02 -38.31 -25.77
C PRO D 773 -28.78 -37.01 -25.94
N ASN D 774 -29.20 -36.78 -27.17
CA ASN D 774 -29.93 -35.61 -27.63
C ASN D 774 -29.10 -34.34 -27.62
N TRP D 775 -27.79 -34.42 -27.39
CA TRP D 775 -26.91 -33.25 -27.57
C TRP D 775 -26.83 -32.91 -29.06
N SER D 776 -26.94 -31.65 -29.39
CA SER D 776 -26.56 -31.16 -30.68
C SER D 776 -25.81 -29.86 -30.60
N SER D 777 -24.78 -29.73 -31.40
CA SER D 777 -23.98 -28.50 -31.46
C SER D 777 -24.57 -27.47 -32.41
N ALA D 778 -25.73 -27.73 -32.97
CA ALA D 778 -26.30 -26.89 -34.03
C ALA D 778 -26.36 -25.43 -33.65
N ASN D 779 -26.61 -25.11 -32.41
CA ASN D 779 -26.75 -23.70 -32.00
C ASN D 779 -25.39 -23.05 -31.61
N LEU D 780 -24.30 -23.78 -31.62
CA LEU D 780 -23.04 -23.19 -31.14
C LEU D 780 -22.59 -22.05 -32.05
N ASN D 781 -22.86 -22.14 -33.34
CA ASN D 781 -22.54 -21.07 -34.27
C ASN D 781 -23.77 -20.32 -34.75
N ILE D 782 -24.93 -20.47 -34.07
CA ILE D 782 -26.07 -19.65 -34.38
C ILE D 782 -26.41 -18.83 -33.16
N LYS D 783 -27.20 -19.39 -32.21
CA LYS D 783 -27.61 -18.58 -31.08
C LYS D 783 -26.46 -18.27 -30.13
N LEU D 784 -25.43 -19.13 -30.10
CA LEU D 784 -24.33 -19.05 -29.14
C LEU D 784 -23.03 -18.55 -29.76
N LYS D 785 -23.06 -18.07 -31.02
CA LYS D 785 -21.85 -17.72 -31.73
C LYS D 785 -21.01 -16.71 -30.96
N TRP D 786 -21.65 -15.75 -30.29
CA TRP D 786 -20.92 -14.72 -29.55
C TRP D 786 -21.02 -14.92 -28.05
N SER D 787 -21.61 -16.03 -27.62
CA SER D 787 -21.74 -16.34 -26.21
C SER D 787 -20.46 -17.00 -25.71
N ARG D 788 -19.88 -16.49 -24.61
CA ARG D 788 -18.75 -17.22 -24.02
C ARG D 788 -19.27 -18.36 -23.13
N TRP D 789 -19.91 -19.34 -23.79
CA TRP D 789 -20.73 -20.32 -23.09
C TRP D 789 -19.90 -21.30 -22.34
N PHE D 790 -18.59 -21.36 -22.64
CA PHE D 790 -17.65 -22.31 -22.09
C PHE D 790 -16.99 -21.87 -20.79
N LEU D 791 -17.26 -20.67 -20.34
CA LEU D 791 -16.60 -20.18 -19.12
C LEU D 791 -17.00 -20.87 -17.83
#